data_5T4U
# 
_entry.id   5T4U 
# 
_audit_conform.dict_name       mmcif_pdbx.dic 
_audit_conform.dict_version    5.383 
_audit_conform.dict_location   http://mmcif.pdb.org/dictionaries/ascii/mmcif_pdbx.dic 
# 
loop_
_database_2.database_id 
_database_2.database_code 
_database_2.pdbx_database_accession 
_database_2.pdbx_DOI 
PDB   5T4U         pdb_00005t4u 10.2210/pdb5t4u/pdb 
WWPDB D_1000223637 ?            ?                   
# 
loop_
_pdbx_audit_revision_history.ordinal 
_pdbx_audit_revision_history.data_content_type 
_pdbx_audit_revision_history.major_revision 
_pdbx_audit_revision_history.minor_revision 
_pdbx_audit_revision_history.revision_date 
1 'Structure model' 1 0 2017-02-08 
2 'Structure model' 1 1 2024-01-17 
# 
_pdbx_audit_revision_details.ordinal             1 
_pdbx_audit_revision_details.revision_ordinal    1 
_pdbx_audit_revision_details.data_content_type   'Structure model' 
_pdbx_audit_revision_details.provider            repository 
_pdbx_audit_revision_details.type                'Initial release' 
_pdbx_audit_revision_details.description         ? 
_pdbx_audit_revision_details.details             ? 
# 
loop_
_pdbx_audit_revision_group.ordinal 
_pdbx_audit_revision_group.revision_ordinal 
_pdbx_audit_revision_group.data_content_type 
_pdbx_audit_revision_group.group 
1 2 'Structure model' 'Data collection'        
2 2 'Structure model' 'Database references'    
3 2 'Structure model' 'Refinement description' 
# 
loop_
_pdbx_audit_revision_category.ordinal 
_pdbx_audit_revision_category.revision_ordinal 
_pdbx_audit_revision_category.data_content_type 
_pdbx_audit_revision_category.category 
1 2 'Structure model' chem_comp_atom                
2 2 'Structure model' chem_comp_bond                
3 2 'Structure model' database_2                    
4 2 'Structure model' pdbx_initial_refinement_model 
# 
loop_
_pdbx_audit_revision_item.ordinal 
_pdbx_audit_revision_item.revision_ordinal 
_pdbx_audit_revision_item.data_content_type 
_pdbx_audit_revision_item.item 
1 2 'Structure model' '_database_2.pdbx_DOI'                
2 2 'Structure model' '_database_2.pdbx_database_accession' 
# 
_pdbx_database_status.status_code                     REL 
_pdbx_database_status.status_code_sf                  REL 
_pdbx_database_status.status_code_mr                  ? 
_pdbx_database_status.entry_id                        5T4U 
_pdbx_database_status.recvd_initial_deposition_date   2016-08-30 
_pdbx_database_status.SG_entry                        Y 
_pdbx_database_status.deposit_site                    RCSB 
_pdbx_database_status.process_site                    PDBE 
_pdbx_database_status.status_code_cs                  ? 
_pdbx_database_status.methods_development_category    ? 
_pdbx_database_status.pdb_format_compatible           Y 
_pdbx_database_status.status_code_nmr_data            ? 
# 
loop_
_audit_author.name 
_audit_author.pdbx_ordinal 
'Tallant, C.'                          1  
'Igoe, N.'                             2  
'Bayle, E.D.'                          3  
'Nunez-Alonso, G.'                     4  
'Newman, J.A.'                         5  
'Mathea, S.'                           6  
'Savitsky, P.'                         7  
'Fedorov, O.'                          8  
'Brennan, P.E.'                        9  
'Muller, S.'                           10 
'von Delft, F.'                        11 
'Arrowsmith, C.H.'                     12 
'Edwards, A.M.'                        13 
'Bountra, C.'                          14 
'Fish, P.'                             15 
'Knapp, S.'                            16 
'Structural Genomics Consortium (SGC)' 17 
# 
_citation.abstract                  ? 
_citation.abstract_id_CAS           ? 
_citation.book_id_ISBN              ? 
_citation.book_publisher            ? 
_citation.book_publisher_city       ? 
_citation.book_title                ? 
_citation.coordinate_linkage        ? 
_citation.country                   US 
_citation.database_id_Medline       ? 
_citation.details                   ? 
_citation.id                        primary 
_citation.journal_abbrev            'J. Med. Chem.' 
_citation.journal_id_ASTM           JMCMAR 
_citation.journal_id_CSD            0151 
_citation.journal_id_ISSN           1520-4804 
_citation.journal_full              ? 
_citation.journal_issue             ? 
_citation.journal_volume            60 
_citation.language                  ? 
_citation.page_first                668 
_citation.page_last                 680 
_citation.title                     
;Design of a Biased Potent Small Molecule Inhibitor of the Bromodomain and PHD Finger-Containing (BRPF) Proteins Suitable for Cellular and in Vivo Studies.
;
_citation.year                      2017 
_citation.database_id_CSD           ? 
_citation.pdbx_database_id_DOI      10.1021/acs.jmedchem.6b01583 
_citation.pdbx_database_id_PubMed   28068087 
_citation.unpublished_flag          ? 
# 
loop_
_citation_author.citation_id 
_citation_author.name 
_citation_author.ordinal 
_citation_author.identifier_ORCID 
primary 'Igoe, N.'          1  ? 
primary 'Bayle, E.D.'       2  ? 
primary 'Fedorov, O.'       3  ? 
primary 'Tallant, C.'       4  ? 
primary 'Savitsky, P.'      5  ? 
primary 'Rogers, C.'        6  ? 
primary 'Owen, D.R.'        7  ? 
primary 'Deb, G.'           8  ? 
primary 'Somervaille, T.C.' 9  ? 
primary 'Andrews, D.M.'     10 ? 
primary 'Jones, N.'         11 ? 
primary 'Cheasty, A.'       12 ? 
primary 'Ryder, H.'         13 ? 
primary 'Brennan, P.E.'     14 ? 
primary 'Muller, S.'        15 ? 
primary 'Knapp, S.'         16 ? 
primary 'Fish, P.V.'        17 ? 
# 
loop_
_entity.id 
_entity.type 
_entity.src_method 
_entity.pdbx_description 
_entity.formula_weight 
_entity.pdbx_number_of_molecules 
_entity.pdbx_ec 
_entity.pdbx_mutation 
_entity.pdbx_fragment 
_entity.details 
1 polymer     man Peregrin                     13703.698 1   ? ? ? ? 
2 non-polymer syn 'NITRATE ION'                62.005    1   ? ? ? ? 
3 non-polymer syn '1-METHYLQUINOLIN-2(1H)-ONE' 159.185   1   ? ? ? ? 
4 water       nat water                        18.015    115 ? ? ? ? 
# 
_entity_name_com.entity_id   1 
_entity_name_com.name        'Bromodomain and PHD finger-containing protein 1,Protein Br140' 
# 
_entity_poly.entity_id                      1 
_entity_poly.type                           'polypeptide(L)' 
_entity_poly.nstd_linkage                   no 
_entity_poly.nstd_monomer                   no 
_entity_poly.pdbx_seq_one_letter_code       
;SMEMQLTPFLILLRKTLEQLQEKDTGNIFSEPVPLSEVPDYLDHIKKPMDFFTMKQNLEAYRYLNFDDFEEDFNLIVSNC
LKYNAKDTIFYRAAVRLREQGGAVLRQARRQAEKMG
;
_entity_poly.pdbx_seq_one_letter_code_can   
;SMEMQLTPFLILLRKTLEQLQEKDTGNIFSEPVPLSEVPDYLDHIKKPMDFFTMKQNLEAYRYLNFDDFEEDFNLIVSNC
LKYNAKDTIFYRAAVRLREQGGAVLRQARRQAEKMG
;
_entity_poly.pdbx_strand_id                 A 
_entity_poly.pdbx_target_identifier         ? 
# 
loop_
_pdbx_entity_nonpoly.entity_id 
_pdbx_entity_nonpoly.name 
_pdbx_entity_nonpoly.comp_id 
2 'NITRATE ION'                NO3 
3 '1-METHYLQUINOLIN-2(1H)-ONE' 12Q 
4 water                        HOH 
# 
loop_
_entity_poly_seq.entity_id 
_entity_poly_seq.num 
_entity_poly_seq.mon_id 
_entity_poly_seq.hetero 
1 1   SER n 
1 2   MET n 
1 3   GLU n 
1 4   MET n 
1 5   GLN n 
1 6   LEU n 
1 7   THR n 
1 8   PRO n 
1 9   PHE n 
1 10  LEU n 
1 11  ILE n 
1 12  LEU n 
1 13  LEU n 
1 14  ARG n 
1 15  LYS n 
1 16  THR n 
1 17  LEU n 
1 18  GLU n 
1 19  GLN n 
1 20  LEU n 
1 21  GLN n 
1 22  GLU n 
1 23  LYS n 
1 24  ASP n 
1 25  THR n 
1 26  GLY n 
1 27  ASN n 
1 28  ILE n 
1 29  PHE n 
1 30  SER n 
1 31  GLU n 
1 32  PRO n 
1 33  VAL n 
1 34  PRO n 
1 35  LEU n 
1 36  SER n 
1 37  GLU n 
1 38  VAL n 
1 39  PRO n 
1 40  ASP n 
1 41  TYR n 
1 42  LEU n 
1 43  ASP n 
1 44  HIS n 
1 45  ILE n 
1 46  LYS n 
1 47  LYS n 
1 48  PRO n 
1 49  MET n 
1 50  ASP n 
1 51  PHE n 
1 52  PHE n 
1 53  THR n 
1 54  MET n 
1 55  LYS n 
1 56  GLN n 
1 57  ASN n 
1 58  LEU n 
1 59  GLU n 
1 60  ALA n 
1 61  TYR n 
1 62  ARG n 
1 63  TYR n 
1 64  LEU n 
1 65  ASN n 
1 66  PHE n 
1 67  ASP n 
1 68  ASP n 
1 69  PHE n 
1 70  GLU n 
1 71  GLU n 
1 72  ASP n 
1 73  PHE n 
1 74  ASN n 
1 75  LEU n 
1 76  ILE n 
1 77  VAL n 
1 78  SER n 
1 79  ASN n 
1 80  CYS n 
1 81  LEU n 
1 82  LYS n 
1 83  TYR n 
1 84  ASN n 
1 85  ALA n 
1 86  LYS n 
1 87  ASP n 
1 88  THR n 
1 89  ILE n 
1 90  PHE n 
1 91  TYR n 
1 92  ARG n 
1 93  ALA n 
1 94  ALA n 
1 95  VAL n 
1 96  ARG n 
1 97  LEU n 
1 98  ARG n 
1 99  GLU n 
1 100 GLN n 
1 101 GLY n 
1 102 GLY n 
1 103 ALA n 
1 104 VAL n 
1 105 LEU n 
1 106 ARG n 
1 107 GLN n 
1 108 ALA n 
1 109 ARG n 
1 110 ARG n 
1 111 GLN n 
1 112 ALA n 
1 113 GLU n 
1 114 LYS n 
1 115 MET n 
1 116 GLY n 
# 
_entity_src_gen.entity_id                          1 
_entity_src_gen.pdbx_src_id                        1 
_entity_src_gen.pdbx_alt_source_flag               sample 
_entity_src_gen.pdbx_seq_type                      'Biological sequence' 
_entity_src_gen.pdbx_beg_seq_num                   1 
_entity_src_gen.pdbx_end_seq_num                   116 
_entity_src_gen.gene_src_common_name               Human 
_entity_src_gen.gene_src_genus                     ? 
_entity_src_gen.pdbx_gene_src_gene                 'BRPF1, BR140' 
_entity_src_gen.gene_src_species                   ? 
_entity_src_gen.gene_src_strain                    ? 
_entity_src_gen.gene_src_tissue                    ? 
_entity_src_gen.gene_src_tissue_fraction           ? 
_entity_src_gen.gene_src_details                   ? 
_entity_src_gen.pdbx_gene_src_fragment             ? 
_entity_src_gen.pdbx_gene_src_scientific_name      'Homo sapiens' 
_entity_src_gen.pdbx_gene_src_ncbi_taxonomy_id     9606 
_entity_src_gen.pdbx_gene_src_variant              ? 
_entity_src_gen.pdbx_gene_src_cell_line            ? 
_entity_src_gen.pdbx_gene_src_atcc                 ? 
_entity_src_gen.pdbx_gene_src_organ                ? 
_entity_src_gen.pdbx_gene_src_organelle            ? 
_entity_src_gen.pdbx_gene_src_cell                 ? 
_entity_src_gen.pdbx_gene_src_cellular_location    ? 
_entity_src_gen.host_org_common_name               ? 
_entity_src_gen.pdbx_host_org_scientific_name      'Escherichia coli' 
_entity_src_gen.pdbx_host_org_ncbi_taxonomy_id     562 
_entity_src_gen.host_org_genus                     ? 
_entity_src_gen.pdbx_host_org_gene                 ? 
_entity_src_gen.pdbx_host_org_organ                ? 
_entity_src_gen.host_org_species                   ? 
_entity_src_gen.pdbx_host_org_tissue               ? 
_entity_src_gen.pdbx_host_org_tissue_fraction      ? 
_entity_src_gen.pdbx_host_org_strain               ? 
_entity_src_gen.pdbx_host_org_variant              ? 
_entity_src_gen.pdbx_host_org_cell_line            ? 
_entity_src_gen.pdbx_host_org_atcc                 ? 
_entity_src_gen.pdbx_host_org_culture_collection   ? 
_entity_src_gen.pdbx_host_org_cell                 ? 
_entity_src_gen.pdbx_host_org_organelle            ? 
_entity_src_gen.pdbx_host_org_cellular_location    ? 
_entity_src_gen.pdbx_host_org_vector_type          ? 
_entity_src_gen.pdbx_host_org_vector               ? 
_entity_src_gen.host_org_details                   ? 
_entity_src_gen.expression_system_id               ? 
_entity_src_gen.plasmid_name                       ? 
_entity_src_gen.plasmid_details                    ? 
_entity_src_gen.pdbx_description                   ? 
# 
loop_
_chem_comp.id 
_chem_comp.type 
_chem_comp.mon_nstd_flag 
_chem_comp.name 
_chem_comp.pdbx_synonyms 
_chem_comp.formula 
_chem_comp.formula_weight 
12Q non-polymer         . '1-METHYLQUINOLIN-2(1H)-ONE' 1-METHYL-2-QUINOLONE 'C10 H9 N O'     159.185 
ALA 'L-peptide linking' y ALANINE                      ?                    'C3 H7 N O2'     89.093  
ARG 'L-peptide linking' y ARGININE                     ?                    'C6 H15 N4 O2 1' 175.209 
ASN 'L-peptide linking' y ASPARAGINE                   ?                    'C4 H8 N2 O3'    132.118 
ASP 'L-peptide linking' y 'ASPARTIC ACID'              ?                    'C4 H7 N O4'     133.103 
CYS 'L-peptide linking' y CYSTEINE                     ?                    'C3 H7 N O2 S'   121.158 
GLN 'L-peptide linking' y GLUTAMINE                    ?                    'C5 H10 N2 O3'   146.144 
GLU 'L-peptide linking' y 'GLUTAMIC ACID'              ?                    'C5 H9 N O4'     147.129 
GLY 'peptide linking'   y GLYCINE                      ?                    'C2 H5 N O2'     75.067  
HIS 'L-peptide linking' y HISTIDINE                    ?                    'C6 H10 N3 O2 1' 156.162 
HOH non-polymer         . WATER                        ?                    'H2 O'           18.015  
ILE 'L-peptide linking' y ISOLEUCINE                   ?                    'C6 H13 N O2'    131.173 
LEU 'L-peptide linking' y LEUCINE                      ?                    'C6 H13 N O2'    131.173 
LYS 'L-peptide linking' y LYSINE                       ?                    'C6 H15 N2 O2 1' 147.195 
MET 'L-peptide linking' y METHIONINE                   ?                    'C5 H11 N O2 S'  149.211 
NO3 non-polymer         . 'NITRATE ION'                ?                    'N O3 -1'        62.005  
PHE 'L-peptide linking' y PHENYLALANINE                ?                    'C9 H11 N O2'    165.189 
PRO 'L-peptide linking' y PROLINE                      ?                    'C5 H9 N O2'     115.130 
SER 'L-peptide linking' y SERINE                       ?                    'C3 H7 N O3'     105.093 
THR 'L-peptide linking' y THREONINE                    ?                    'C4 H9 N O3'     119.119 
TYR 'L-peptide linking' y TYROSINE                     ?                    'C9 H11 N O3'    181.189 
VAL 'L-peptide linking' y VALINE                       ?                    'C5 H11 N O2'    117.146 
# 
loop_
_pdbx_poly_seq_scheme.asym_id 
_pdbx_poly_seq_scheme.entity_id 
_pdbx_poly_seq_scheme.seq_id 
_pdbx_poly_seq_scheme.mon_id 
_pdbx_poly_seq_scheme.ndb_seq_num 
_pdbx_poly_seq_scheme.pdb_seq_num 
_pdbx_poly_seq_scheme.auth_seq_num 
_pdbx_poly_seq_scheme.pdb_mon_id 
_pdbx_poly_seq_scheme.auth_mon_id 
_pdbx_poly_seq_scheme.pdb_strand_id 
_pdbx_poly_seq_scheme.pdb_ins_code 
_pdbx_poly_seq_scheme.hetero 
A 1 1   SER 1   625 ?   ?   ?   A . n 
A 1 2   MET 2   626 ?   ?   ?   A . n 
A 1 3   GLU 3   627 ?   ?   ?   A . n 
A 1 4   MET 4   628 628 MET MET A . n 
A 1 5   GLN 5   629 629 GLN GLN A . n 
A 1 6   LEU 6   630 630 LEU LEU A . n 
A 1 7   THR 7   631 631 THR THR A . n 
A 1 8   PRO 8   632 632 PRO PRO A . n 
A 1 9   PHE 9   633 633 PHE PHE A . n 
A 1 10  LEU 10  634 634 LEU LEU A . n 
A 1 11  ILE 11  635 635 ILE ILE A . n 
A 1 12  LEU 12  636 636 LEU LEU A . n 
A 1 13  LEU 13  637 637 LEU LEU A . n 
A 1 14  ARG 14  638 638 ARG ARG A . n 
A 1 15  LYS 15  639 639 LYS LYS A . n 
A 1 16  THR 16  640 640 THR THR A . n 
A 1 17  LEU 17  641 641 LEU LEU A . n 
A 1 18  GLU 18  642 642 GLU GLU A . n 
A 1 19  GLN 19  643 643 GLN GLN A . n 
A 1 20  LEU 20  644 644 LEU LEU A . n 
A 1 21  GLN 21  645 645 GLN GLN A . n 
A 1 22  GLU 22  646 646 GLU GLU A . n 
A 1 23  LYS 23  647 647 LYS LYS A . n 
A 1 24  ASP 24  648 648 ASP ASP A . n 
A 1 25  THR 25  649 649 THR THR A . n 
A 1 26  GLY 26  650 650 GLY GLY A . n 
A 1 27  ASN 27  651 651 ASN ASN A . n 
A 1 28  ILE 28  652 652 ILE ILE A . n 
A 1 29  PHE 29  653 653 PHE PHE A . n 
A 1 30  SER 30  654 654 SER SER A . n 
A 1 31  GLU 31  655 655 GLU GLU A . n 
A 1 32  PRO 32  656 656 PRO PRO A . n 
A 1 33  VAL 33  657 657 VAL VAL A . n 
A 1 34  PRO 34  658 658 PRO PRO A . n 
A 1 35  LEU 35  659 659 LEU LEU A . n 
A 1 36  SER 36  660 660 SER SER A . n 
A 1 37  GLU 37  661 661 GLU GLU A . n 
A 1 38  VAL 38  662 662 VAL VAL A . n 
A 1 39  PRO 39  663 663 PRO PRO A . n 
A 1 40  ASP 40  664 664 ASP ASP A . n 
A 1 41  TYR 41  665 665 TYR TYR A . n 
A 1 42  LEU 42  666 666 LEU LEU A . n 
A 1 43  ASP 43  667 667 ASP ASP A . n 
A 1 44  HIS 44  668 668 HIS HIS A . n 
A 1 45  ILE 45  669 669 ILE ILE A . n 
A 1 46  LYS 46  670 670 LYS LYS A . n 
A 1 47  LYS 47  671 671 LYS LYS A . n 
A 1 48  PRO 48  672 672 PRO PRO A . n 
A 1 49  MET 49  673 673 MET MET A . n 
A 1 50  ASP 50  674 674 ASP ASP A . n 
A 1 51  PHE 51  675 675 PHE PHE A . n 
A 1 52  PHE 52  676 676 PHE PHE A . n 
A 1 53  THR 53  677 677 THR THR A . n 
A 1 54  MET 54  678 678 MET MET A . n 
A 1 55  LYS 55  679 679 LYS LYS A . n 
A 1 56  GLN 56  680 680 GLN GLN A . n 
A 1 57  ASN 57  681 681 ASN ASN A . n 
A 1 58  LEU 58  682 682 LEU LEU A . n 
A 1 59  GLU 59  683 683 GLU GLU A . n 
A 1 60  ALA 60  684 684 ALA ALA A . n 
A 1 61  TYR 61  685 685 TYR TYR A . n 
A 1 62  ARG 62  686 686 ARG ARG A . n 
A 1 63  TYR 63  687 687 TYR TYR A . n 
A 1 64  LEU 64  688 688 LEU LEU A . n 
A 1 65  ASN 65  689 689 ASN ASN A . n 
A 1 66  PHE 66  690 690 PHE PHE A . n 
A 1 67  ASP 67  691 691 ASP ASP A . n 
A 1 68  ASP 68  692 692 ASP ASP A . n 
A 1 69  PHE 69  693 693 PHE PHE A . n 
A 1 70  GLU 70  694 694 GLU GLU A . n 
A 1 71  GLU 71  695 695 GLU GLU A . n 
A 1 72  ASP 72  696 696 ASP ASP A . n 
A 1 73  PHE 73  697 697 PHE PHE A . n 
A 1 74  ASN 74  698 698 ASN ASN A . n 
A 1 75  LEU 75  699 699 LEU LEU A . n 
A 1 76  ILE 76  700 700 ILE ILE A . n 
A 1 77  VAL 77  701 701 VAL VAL A . n 
A 1 78  SER 78  702 702 SER SER A . n 
A 1 79  ASN 79  703 703 ASN ASN A . n 
A 1 80  CYS 80  704 704 CYS CYS A . n 
A 1 81  LEU 81  705 705 LEU LEU A . n 
A 1 82  LYS 82  706 706 LYS LYS A . n 
A 1 83  TYR 83  707 707 TYR TYR A . n 
A 1 84  ASN 84  708 708 ASN ASN A . n 
A 1 85  ALA 85  709 709 ALA ALA A . n 
A 1 86  LYS 86  710 710 LYS LYS A . n 
A 1 87  ASP 87  711 711 ASP ASP A . n 
A 1 88  THR 88  712 712 THR THR A . n 
A 1 89  ILE 89  713 713 ILE ILE A . n 
A 1 90  PHE 90  714 714 PHE PHE A . n 
A 1 91  TYR 91  715 715 TYR TYR A . n 
A 1 92  ARG 92  716 716 ARG ARG A . n 
A 1 93  ALA 93  717 717 ALA ALA A . n 
A 1 94  ALA 94  718 718 ALA ALA A . n 
A 1 95  VAL 95  719 719 VAL VAL A . n 
A 1 96  ARG 96  720 720 ARG ARG A . n 
A 1 97  LEU 97  721 721 LEU LEU A . n 
A 1 98  ARG 98  722 722 ARG ARG A . n 
A 1 99  GLU 99  723 723 GLU GLU A . n 
A 1 100 GLN 100 724 724 GLN GLN A . n 
A 1 101 GLY 101 725 725 GLY GLY A . n 
A 1 102 GLY 102 726 726 GLY GLY A . n 
A 1 103 ALA 103 727 727 ALA ALA A . n 
A 1 104 VAL 104 728 728 VAL VAL A . n 
A 1 105 LEU 105 729 729 LEU LEU A . n 
A 1 106 ARG 106 730 730 ARG ARG A . n 
A 1 107 GLN 107 731 731 GLN GLN A . n 
A 1 108 ALA 108 732 732 ALA ALA A . n 
A 1 109 ARG 109 733 733 ARG ARG A . n 
A 1 110 ARG 110 734 734 ARG ARG A . n 
A 1 111 GLN 111 735 735 GLN GLN A . n 
A 1 112 ALA 112 736 736 ALA ALA A . n 
A 1 113 GLU 113 737 737 GLU GLU A . n 
A 1 114 LYS 114 738 738 LYS LYS A . n 
A 1 115 MET 115 739 739 MET MET A . n 
A 1 116 GLY 116 740 ?   ?   ?   A . n 
# 
loop_
_pdbx_nonpoly_scheme.asym_id 
_pdbx_nonpoly_scheme.entity_id 
_pdbx_nonpoly_scheme.mon_id 
_pdbx_nonpoly_scheme.ndb_seq_num 
_pdbx_nonpoly_scheme.pdb_seq_num 
_pdbx_nonpoly_scheme.auth_seq_num 
_pdbx_nonpoly_scheme.pdb_mon_id 
_pdbx_nonpoly_scheme.auth_mon_id 
_pdbx_nonpoly_scheme.pdb_strand_id 
_pdbx_nonpoly_scheme.pdb_ins_code 
B 2 NO3 1   801  1   NO3 NO3 A . 
C 3 12Q 1   802  1   12Q DRG A . 
D 4 HOH 1   901  112 HOH HOH A . 
D 4 HOH 2   902  101 HOH HOH A . 
D 4 HOH 3   903  25  HOH HOH A . 
D 4 HOH 4   904  72  HOH HOH A . 
D 4 HOH 5   905  12  HOH HOH A . 
D 4 HOH 6   906  4   HOH HOH A . 
D 4 HOH 7   907  42  HOH HOH A . 
D 4 HOH 8   908  37  HOH HOH A . 
D 4 HOH 9   909  54  HOH HOH A . 
D 4 HOH 10  910  55  HOH HOH A . 
D 4 HOH 11  911  96  HOH HOH A . 
D 4 HOH 12  912  58  HOH HOH A . 
D 4 HOH 13  913  82  HOH HOH A . 
D 4 HOH 14  914  63  HOH HOH A . 
D 4 HOH 15  915  19  HOH HOH A . 
D 4 HOH 16  916  76  HOH HOH A . 
D 4 HOH 17  917  33  HOH HOH A . 
D 4 HOH 18  918  38  HOH HOH A . 
D 4 HOH 19  919  27  HOH HOH A . 
D 4 HOH 20  920  9   HOH HOH A . 
D 4 HOH 21  921  85  HOH HOH A . 
D 4 HOH 22  922  62  HOH HOH A . 
D 4 HOH 23  923  22  HOH HOH A . 
D 4 HOH 24  924  60  HOH HOH A . 
D 4 HOH 25  925  8   HOH HOH A . 
D 4 HOH 26  926  74  HOH HOH A . 
D 4 HOH 27  927  90  HOH HOH A . 
D 4 HOH 28  928  107 HOH HOH A . 
D 4 HOH 29  929  44  HOH HOH A . 
D 4 HOH 30  930  3   HOH HOH A . 
D 4 HOH 31  931  81  HOH HOH A . 
D 4 HOH 32  932  50  HOH HOH A . 
D 4 HOH 33  933  47  HOH HOH A . 
D 4 HOH 34  934  106 HOH HOH A . 
D 4 HOH 35  935  56  HOH HOH A . 
D 4 HOH 36  936  5   HOH HOH A . 
D 4 HOH 37  937  24  HOH HOH A . 
D 4 HOH 38  938  21  HOH HOH A . 
D 4 HOH 39  939  91  HOH HOH A . 
D 4 HOH 40  940  7   HOH HOH A . 
D 4 HOH 41  941  13  HOH HOH A . 
D 4 HOH 42  942  1   HOH HOH A . 
D 4 HOH 43  943  68  HOH HOH A . 
D 4 HOH 44  944  111 HOH HOH A . 
D 4 HOH 45  945  18  HOH HOH A . 
D 4 HOH 46  946  32  HOH HOH A . 
D 4 HOH 47  947  49  HOH HOH A . 
D 4 HOH 48  948  78  HOH HOH A . 
D 4 HOH 49  949  109 HOH HOH A . 
D 4 HOH 50  950  87  HOH HOH A . 
D 4 HOH 51  951  23  HOH HOH A . 
D 4 HOH 52  952  95  HOH HOH A . 
D 4 HOH 53  953  110 HOH HOH A . 
D 4 HOH 54  954  28  HOH HOH A . 
D 4 HOH 55  955  20  HOH HOH A . 
D 4 HOH 56  956  10  HOH HOH A . 
D 4 HOH 57  957  17  HOH HOH A . 
D 4 HOH 58  958  61  HOH HOH A . 
D 4 HOH 59  959  69  HOH HOH A . 
D 4 HOH 60  960  30  HOH HOH A . 
D 4 HOH 61  961  113 HOH HOH A . 
D 4 HOH 62  962  45  HOH HOH A . 
D 4 HOH 63  963  115 HOH HOH A . 
D 4 HOH 64  964  52  HOH HOH A . 
D 4 HOH 65  965  41  HOH HOH A . 
D 4 HOH 66  966  80  HOH HOH A . 
D 4 HOH 67  967  31  HOH HOH A . 
D 4 HOH 68  968  79  HOH HOH A . 
D 4 HOH 69  969  16  HOH HOH A . 
D 4 HOH 70  970  93  HOH HOH A . 
D 4 HOH 71  971  15  HOH HOH A . 
D 4 HOH 72  972  26  HOH HOH A . 
D 4 HOH 73  973  84  HOH HOH A . 
D 4 HOH 74  974  14  HOH HOH A . 
D 4 HOH 75  975  6   HOH HOH A . 
D 4 HOH 76  976  40  HOH HOH A . 
D 4 HOH 77  977  2   HOH HOH A . 
D 4 HOH 78  978  92  HOH HOH A . 
D 4 HOH 79  979  102 HOH HOH A . 
D 4 HOH 80  980  89  HOH HOH A . 
D 4 HOH 81  981  97  HOH HOH A . 
D 4 HOH 82  982  36  HOH HOH A . 
D 4 HOH 83  983  64  HOH HOH A . 
D 4 HOH 84  984  29  HOH HOH A . 
D 4 HOH 85  985  88  HOH HOH A . 
D 4 HOH 86  986  35  HOH HOH A . 
D 4 HOH 87  987  51  HOH HOH A . 
D 4 HOH 88  988  53  HOH HOH A . 
D 4 HOH 89  989  48  HOH HOH A . 
D 4 HOH 90  990  83  HOH HOH A . 
D 4 HOH 91  991  46  HOH HOH A . 
D 4 HOH 92  992  73  HOH HOH A . 
D 4 HOH 93  993  86  HOH HOH A . 
D 4 HOH 94  994  65  HOH HOH A . 
D 4 HOH 95  995  77  HOH HOH A . 
D 4 HOH 96  996  98  HOH HOH A . 
D 4 HOH 97  997  103 HOH HOH A . 
D 4 HOH 98  998  66  HOH HOH A . 
D 4 HOH 99  999  75  HOH HOH A . 
D 4 HOH 100 1000 39  HOH HOH A . 
D 4 HOH 101 1001 116 HOH HOH A . 
D 4 HOH 102 1002 100 HOH HOH A . 
D 4 HOH 103 1003 59  HOH HOH A . 
D 4 HOH 104 1004 11  HOH HOH A . 
D 4 HOH 105 1005 114 HOH HOH A . 
D 4 HOH 106 1006 99  HOH HOH A . 
D 4 HOH 107 1007 34  HOH HOH A . 
D 4 HOH 108 1008 57  HOH HOH A . 
D 4 HOH 109 1009 71  HOH HOH A . 
D 4 HOH 110 1010 70  HOH HOH A . 
D 4 HOH 111 1011 43  HOH HOH A . 
D 4 HOH 112 1012 104 HOH HOH A . 
D 4 HOH 113 1013 67  HOH HOH A . 
D 4 HOH 114 1014 94  HOH HOH A . 
D 4 HOH 115 1015 105 HOH HOH A . 
# 
loop_
_software.citation_id 
_software.classification 
_software.compiler_name 
_software.compiler_version 
_software.contact_author 
_software.contact_author_email 
_software.date 
_software.description 
_software.dependencies 
_software.hardware 
_software.language 
_software.location 
_software.mods 
_software.name 
_software.os 
_software.os_version 
_software.type 
_software.version 
_software.pdbx_ordinal 
? refinement       ? ? ? ? ? ? ? ? ? ? ? REFMAC ? ? ? 5.8.0073 1 
? 'data reduction' ? ? ? ? ? ? ? ? ? ? ? XDS    ? ? ? .        2 
? 'data scaling'   ? ? ? ? ? ? ? ? ? ? ? SCALA  ? ? ? .        3 
? phasing          ? ? ? ? ? ? ? ? ? ? ? PHASER ? ? ? .        4 
# 
_cell.angle_alpha                  90.00 
_cell.angle_alpha_esd              ? 
_cell.angle_beta                   90.00 
_cell.angle_beta_esd               ? 
_cell.angle_gamma                  120.00 
_cell.angle_gamma_esd              ? 
_cell.entry_id                     5T4U 
_cell.details                      ? 
_cell.formula_units_Z              ? 
_cell.length_a                     60.315 
_cell.length_a_esd                 ? 
_cell.length_b                     60.315 
_cell.length_b_esd                 ? 
_cell.length_c                     63.389 
_cell.length_c_esd                 ? 
_cell.volume                       ? 
_cell.volume_esd                   ? 
_cell.Z_PDB                        6 
_cell.reciprocal_angle_alpha       ? 
_cell.reciprocal_angle_beta        ? 
_cell.reciprocal_angle_gamma       ? 
_cell.reciprocal_angle_alpha_esd   ? 
_cell.reciprocal_angle_beta_esd    ? 
_cell.reciprocal_angle_gamma_esd   ? 
_cell.reciprocal_length_a          ? 
_cell.reciprocal_length_b          ? 
_cell.reciprocal_length_c          ? 
_cell.reciprocal_length_a_esd      ? 
_cell.reciprocal_length_b_esd      ? 
_cell.reciprocal_length_c_esd      ? 
_cell.pdbx_unique_axis             ? 
# 
_symmetry.entry_id                         5T4U 
_symmetry.cell_setting                     ? 
_symmetry.Int_Tables_number                154 
_symmetry.space_group_name_Hall            ? 
_symmetry.space_group_name_H-M             'P 32 2 1' 
_symmetry.pdbx_full_space_group_name_H-M   ? 
# 
_exptl.absorpt_coefficient_mu     ? 
_exptl.absorpt_correction_T_max   ? 
_exptl.absorpt_correction_T_min   ? 
_exptl.absorpt_correction_type    ? 
_exptl.absorpt_process_details    ? 
_exptl.entry_id                   5T4U 
_exptl.crystals_number            1 
_exptl.details                    ? 
_exptl.method                     'X-RAY DIFFRACTION' 
_exptl.method_details             ? 
# 
_exptl_crystal.colour                      ? 
_exptl_crystal.density_diffrn              ? 
_exptl_crystal.density_Matthews            2.43 
_exptl_crystal.density_method              ? 
_exptl_crystal.density_percent_sol         49.46 
_exptl_crystal.description                 ? 
_exptl_crystal.F_000                       ? 
_exptl_crystal.id                          1 
_exptl_crystal.preparation                 ? 
_exptl_crystal.size_max                    ? 
_exptl_crystal.size_mid                    ? 
_exptl_crystal.size_min                    ? 
_exptl_crystal.size_rad                    ? 
_exptl_crystal.colour_lustre               ? 
_exptl_crystal.colour_modifier             ? 
_exptl_crystal.colour_primary              ? 
_exptl_crystal.density_meas                ? 
_exptl_crystal.density_meas_esd            ? 
_exptl_crystal.density_meas_gt             ? 
_exptl_crystal.density_meas_lt             ? 
_exptl_crystal.density_meas_temp           ? 
_exptl_crystal.density_meas_temp_esd       ? 
_exptl_crystal.density_meas_temp_gt        ? 
_exptl_crystal.density_meas_temp_lt        ? 
_exptl_crystal.pdbx_crystal_image_url      ? 
_exptl_crystal.pdbx_crystal_image_format   ? 
_exptl_crystal.pdbx_mosaicity              ? 
_exptl_crystal.pdbx_mosaicity_esd          ? 
# 
_exptl_crystal_grow.apparatus       ? 
_exptl_crystal_grow.atmosphere      ? 
_exptl_crystal_grow.crystal_id      1 
_exptl_crystal_grow.details         ? 
_exptl_crystal_grow.method          'VAPOR DIFFUSION, SITTING DROP' 
_exptl_crystal_grow.method_ref      ? 
_exptl_crystal_grow.pH              7.5 
_exptl_crystal_grow.pressure        ? 
_exptl_crystal_grow.pressure_esd    ? 
_exptl_crystal_grow.seeding         ? 
_exptl_crystal_grow.seeding_ref     ? 
_exptl_crystal_grow.temp            277.15 
_exptl_crystal_grow.temp_details    ? 
_exptl_crystal_grow.temp_esd        ? 
_exptl_crystal_grow.time            ? 
_exptl_crystal_grow.pdbx_details    '20 % PEG3350, 0.2 M ammonium nitrate' 
_exptl_crystal_grow.pdbx_pH_range   7.5 
# 
_diffrn.ambient_environment    ? 
_diffrn.ambient_temp           100 
_diffrn.ambient_temp_details   ? 
_diffrn.ambient_temp_esd       ? 
_diffrn.crystal_id             1 
_diffrn.crystal_support        ? 
_diffrn.crystal_treatment      ? 
_diffrn.details                ? 
_diffrn.id                     1 
_diffrn.ambient_pressure       ? 
_diffrn.ambient_pressure_esd   ? 
_diffrn.ambient_pressure_gt    ? 
_diffrn.ambient_pressure_lt    ? 
_diffrn.ambient_temp_gt        ? 
_diffrn.ambient_temp_lt        ? 
# 
_diffrn_detector.details                      ? 
_diffrn_detector.detector                     PIXEL 
_diffrn_detector.diffrn_id                    1 
_diffrn_detector.type                         'DECTRIS PILATUS 6M' 
_diffrn_detector.area_resol_mean              ? 
_diffrn_detector.dtime                        ? 
_diffrn_detector.pdbx_frames_total            ? 
_diffrn_detector.pdbx_collection_time_total   ? 
_diffrn_detector.pdbx_collection_date         2014-04-10 
# 
_diffrn_radiation.collimation                      ? 
_diffrn_radiation.diffrn_id                        1 
_diffrn_radiation.filter_edge                      ? 
_diffrn_radiation.inhomogeneity                    ? 
_diffrn_radiation.monochromator                    ? 
_diffrn_radiation.polarisn_norm                    ? 
_diffrn_radiation.polarisn_ratio                   ? 
_diffrn_radiation.probe                            ? 
_diffrn_radiation.type                             ? 
_diffrn_radiation.xray_symbol                      ? 
_diffrn_radiation.wavelength_id                    1 
_diffrn_radiation.pdbx_monochromatic_or_laue_m_l   M 
_diffrn_radiation.pdbx_wavelength_list             ? 
_diffrn_radiation.pdbx_wavelength                  ? 
_diffrn_radiation.pdbx_diffrn_protocol             'SINGLE WAVELENGTH' 
_diffrn_radiation.pdbx_analyzer                    ? 
_diffrn_radiation.pdbx_scattering_type             x-ray 
# 
_diffrn_radiation_wavelength.id           1 
_diffrn_radiation_wavelength.wavelength   0.9686 
_diffrn_radiation_wavelength.wt           1.0 
# 
_diffrn_source.current                     ? 
_diffrn_source.details                     ? 
_diffrn_source.diffrn_id                   1 
_diffrn_source.power                       ? 
_diffrn_source.size                        ? 
_diffrn_source.source                      SYNCHROTRON 
_diffrn_source.target                      ? 
_diffrn_source.type                        'DIAMOND BEAMLINE I04' 
_diffrn_source.voltage                     ? 
_diffrn_source.take-off_angle              ? 
_diffrn_source.pdbx_wavelength_list        0.9686 
_diffrn_source.pdbx_wavelength             ? 
_diffrn_source.pdbx_synchrotron_beamline   I04 
_diffrn_source.pdbx_synchrotron_site       Diamond 
# 
_reflns.B_iso_Wilson_estimate            18.293 
_reflns.entry_id                         5T4U 
_reflns.data_reduction_details           ? 
_reflns.data_reduction_method            ? 
_reflns.d_resolution_high                1.5 
_reflns.d_resolution_low                 27.23 
_reflns.details                          ? 
_reflns.limit_h_max                      ? 
_reflns.limit_h_min                      ? 
_reflns.limit_k_max                      ? 
_reflns.limit_k_min                      ? 
_reflns.limit_l_max                      ? 
_reflns.limit_l_min                      ? 
_reflns.number_all                       21838 
_reflns.number_obs                       206811 
_reflns.observed_criterion               ? 
_reflns.observed_criterion_F_max         ? 
_reflns.observed_criterion_F_min         ? 
_reflns.observed_criterion_I_max         ? 
_reflns.observed_criterion_I_min         ? 
_reflns.observed_criterion_sigma_F       ? 
_reflns.observed_criterion_sigma_I       ? 
_reflns.percent_possible_obs             100 
_reflns.R_free_details                   ? 
_reflns.Rmerge_F_all                     ? 
_reflns.Rmerge_F_obs                     ? 
_reflns.Friedel_coverage                 ? 
_reflns.number_gt                        ? 
_reflns.threshold_expression             ? 
_reflns.pdbx_redundancy                  9.5 
_reflns.pdbx_Rmerge_I_obs                0.072 
_reflns.pdbx_Rmerge_I_all                ? 
_reflns.pdbx_Rsym_value                  0.024 
_reflns.pdbx_netI_over_av_sigmaI         ? 
_reflns.pdbx_netI_over_sigmaI            17.8 
_reflns.pdbx_res_netI_over_av_sigmaI_2   ? 
_reflns.pdbx_res_netI_over_sigmaI_2      ? 
_reflns.pdbx_chi_squared                 ? 
_reflns.pdbx_scaling_rejects             ? 
_reflns.pdbx_d_res_high_opt              ? 
_reflns.pdbx_d_res_low_opt               ? 
_reflns.pdbx_d_res_opt_method            ? 
_reflns.phase_calculation_details        ? 
_reflns.pdbx_Rrim_I_all                  ? 
_reflns.pdbx_Rpim_I_all                  ? 
_reflns.pdbx_d_opt                       ? 
_reflns.pdbx_number_measured_all         ? 
_reflns.pdbx_diffrn_id                   1 
_reflns.pdbx_ordinal                     1 
_reflns.pdbx_CC_half                     0.998 
_reflns.pdbx_R_split                     ? 
# 
_reflns_shell.d_res_high                  1.50 
_reflns_shell.d_res_low                   1.53 
_reflns_shell.meanI_over_sigI_all         ? 
_reflns_shell.meanI_over_sigI_obs         4.9 
_reflns_shell.number_measured_all         ? 
_reflns_shell.number_measured_obs         ? 
_reflns_shell.number_possible             ? 
_reflns_shell.number_unique_all           ? 
_reflns_shell.number_unique_obs           ? 
_reflns_shell.percent_possible_all        100 
_reflns_shell.percent_possible_obs        ? 
_reflns_shell.Rmerge_F_all                ? 
_reflns_shell.Rmerge_F_obs                ? 
_reflns_shell.Rmerge_I_all                ? 
_reflns_shell.Rmerge_I_obs                0.350 
_reflns_shell.meanI_over_sigI_gt          ? 
_reflns_shell.meanI_over_uI_all           ? 
_reflns_shell.meanI_over_uI_gt            ? 
_reflns_shell.number_measured_gt          ? 
_reflns_shell.number_unique_gt            ? 
_reflns_shell.percent_possible_gt         ? 
_reflns_shell.Rmerge_F_gt                 ? 
_reflns_shell.Rmerge_I_gt                 ? 
_reflns_shell.pdbx_redundancy             7.7 
_reflns_shell.pdbx_Rsym_value             ? 
_reflns_shell.pdbx_chi_squared            ? 
_reflns_shell.pdbx_netI_over_sigmaI_all   ? 
_reflns_shell.pdbx_netI_over_sigmaI_obs   ? 
_reflns_shell.pdbx_Rrim_I_all             ? 
_reflns_shell.pdbx_Rpim_I_all             ? 
_reflns_shell.pdbx_rejects                ? 
_reflns_shell.pdbx_ordinal                1 
_reflns_shell.pdbx_diffrn_id              1 
_reflns_shell.pdbx_CC_half                0.939 
_reflns_shell.pdbx_R_split                ? 
# 
_refine.aniso_B[1][1]                            -0.25 
_refine.aniso_B[1][2]                            -0.13 
_refine.aniso_B[1][3]                            -0.00 
_refine.aniso_B[2][2]                            -0.25 
_refine.aniso_B[2][3]                            0.00 
_refine.aniso_B[3][3]                            0.82 
_refine.B_iso_max                                ? 
_refine.B_iso_mean                               23.609 
_refine.B_iso_min                                ? 
_refine.correlation_coeff_Fo_to_Fc               0.958 
_refine.correlation_coeff_Fo_to_Fc_free          0.944 
_refine.details                                  'HYDROGENS HAVE BEEN ADDED IN THE RIDING POSITIONS' 
_refine.diff_density_max                         ? 
_refine.diff_density_max_esd                     ? 
_refine.diff_density_min                         ? 
_refine.diff_density_min_esd                     ? 
_refine.diff_density_rms                         ? 
_refine.diff_density_rms_esd                     ? 
_refine.entry_id                                 5T4U 
_refine.pdbx_refine_id                           'X-RAY DIFFRACTION' 
_refine.ls_abs_structure_details                 ? 
_refine.ls_abs_structure_Flack                   ? 
_refine.ls_abs_structure_Flack_esd               ? 
_refine.ls_abs_structure_Rogers                  ? 
_refine.ls_abs_structure_Rogers_esd              ? 
_refine.ls_d_res_high                            1.50 
_refine.ls_d_res_low                             27.23 
_refine.ls_extinction_coef                       ? 
_refine.ls_extinction_coef_esd                   ? 
_refine.ls_extinction_expression                 ? 
_refine.ls_extinction_method                     ? 
_refine.ls_goodness_of_fit_all                   ? 
_refine.ls_goodness_of_fit_all_esd               ? 
_refine.ls_goodness_of_fit_obs                   ? 
_refine.ls_goodness_of_fit_obs_esd               ? 
_refine.ls_hydrogen_treatment                    ? 
_refine.ls_matrix_type                           ? 
_refine.ls_number_constraints                    ? 
_refine.ls_number_parameters                     ? 
_refine.ls_number_reflns_all                     ? 
_refine.ls_number_reflns_obs                     20751 
_refine.ls_number_reflns_R_free                  1061 
_refine.ls_number_reflns_R_work                  ? 
_refine.ls_number_restraints                     ? 
_refine.ls_percent_reflns_obs                    99.98 
_refine.ls_percent_reflns_R_free                 4.9 
_refine.ls_R_factor_all                          ? 
_refine.ls_R_factor_obs                          0.20755 
_refine.ls_R_factor_R_free                       0.23079 
_refine.ls_R_factor_R_free_error                 ? 
_refine.ls_R_factor_R_free_error_details         ? 
_refine.ls_R_factor_R_work                       0.20634 
_refine.ls_R_Fsqd_factor_obs                     ? 
_refine.ls_R_I_factor_obs                        ? 
_refine.ls_redundancy_reflns_all                 ? 
_refine.ls_redundancy_reflns_obs                 ? 
_refine.ls_restrained_S_all                      ? 
_refine.ls_restrained_S_obs                      ? 
_refine.ls_shift_over_esd_max                    ? 
_refine.ls_shift_over_esd_mean                   ? 
_refine.ls_structure_factor_coef                 ? 
_refine.ls_weighting_details                     ? 
_refine.ls_weighting_scheme                      ? 
_refine.ls_wR_factor_all                         ? 
_refine.ls_wR_factor_obs                         ? 
_refine.ls_wR_factor_R_free                      ? 
_refine.ls_wR_factor_R_work                      ? 
_refine.occupancy_max                            ? 
_refine.occupancy_min                            ? 
_refine.solvent_model_details                    ? 
_refine.solvent_model_param_bsol                 ? 
_refine.solvent_model_param_ksol                 ? 
_refine.ls_R_factor_gt                           ? 
_refine.ls_goodness_of_fit_gt                    ? 
_refine.ls_goodness_of_fit_ref                   ? 
_refine.ls_shift_over_su_max                     ? 
_refine.ls_shift_over_su_max_lt                  ? 
_refine.ls_shift_over_su_mean                    ? 
_refine.ls_shift_over_su_mean_lt                 ? 
_refine.pdbx_ls_sigma_I                          ? 
_refine.pdbx_ls_sigma_F                          ? 
_refine.pdbx_ls_sigma_Fsqd                       ? 
_refine.pdbx_data_cutoff_high_absF               ? 
_refine.pdbx_data_cutoff_high_rms_absF           ? 
_refine.pdbx_data_cutoff_low_absF                ? 
_refine.pdbx_isotropic_thermal_model             ? 
_refine.pdbx_ls_cross_valid_method               THROUGHOUT 
_refine.pdbx_method_to_determine_struct          'MOLECULAR REPLACEMENT' 
_refine.pdbx_starting_model                      4LC2 
_refine.pdbx_stereochemistry_target_values       ? 
_refine.pdbx_R_Free_selection_details            RANDOM 
_refine.pdbx_stereochem_target_val_spec_case     ? 
_refine.pdbx_overall_ESU_R                       0.080 
_refine.pdbx_overall_ESU_R_Free                  0.080 
_refine.pdbx_solvent_vdw_probe_radii             1.20 
_refine.pdbx_solvent_ion_probe_radii             0.80 
_refine.pdbx_solvent_shrinkage_radii             0.80 
_refine.pdbx_real_space_R                        ? 
_refine.pdbx_density_correlation                 ? 
_refine.pdbx_pd_number_of_powder_patterns        ? 
_refine.pdbx_pd_number_of_points                 ? 
_refine.pdbx_pd_meas_number_of_points            ? 
_refine.pdbx_pd_proc_ls_prof_R_factor            ? 
_refine.pdbx_pd_proc_ls_prof_wR_factor           ? 
_refine.pdbx_pd_Marquardt_correlation_coeff      ? 
_refine.pdbx_pd_Fsqrd_R_factor                   ? 
_refine.pdbx_pd_ls_matrix_band_width             ? 
_refine.pdbx_overall_phase_error                 ? 
_refine.pdbx_overall_SU_R_free_Cruickshank_DPI   ? 
_refine.pdbx_overall_SU_R_free_Blow_DPI          ? 
_refine.pdbx_overall_SU_R_Blow_DPI               ? 
_refine.pdbx_TLS_residual_ADP_flag               ? 
_refine.pdbx_diffrn_id                           1 
_refine.overall_SU_B                             1.565 
_refine.overall_SU_ML                            0.059 
_refine.overall_SU_R_Cruickshank_DPI             ? 
_refine.overall_SU_R_free                        ? 
_refine.overall_FOM_free_R_set                   ? 
_refine.overall_FOM_work_R_set                   ? 
_refine.pdbx_average_fsc_overall                 ? 
_refine.pdbx_average_fsc_work                    ? 
_refine.pdbx_average_fsc_free                    ? 
# 
_refine_hist.pdbx_refine_id                   'X-RAY DIFFRACTION' 
_refine_hist.cycle_id                         1 
_refine_hist.pdbx_number_atoms_protein        934 
_refine_hist.pdbx_number_atoms_nucleic_acid   0 
_refine_hist.pdbx_number_atoms_ligand         16 
_refine_hist.number_atoms_solvent             116 
_refine_hist.number_atoms_total               1066 
_refine_hist.d_res_high                       1.50 
_refine_hist.d_res_low                        27.23 
# 
loop_
_refine_ls_restr.pdbx_refine_id 
_refine_ls_restr.criterion 
_refine_ls_restr.dev_ideal 
_refine_ls_restr.dev_ideal_target 
_refine_ls_restr.number 
_refine_ls_restr.rejects 
_refine_ls_restr.type 
_refine_ls_restr.weight 
_refine_ls_restr.pdbx_restraint_function 
'X-RAY DIFFRACTION' ? 0.015  0.019  968  ? r_bond_refined_d             ? ? 
'X-RAY DIFFRACTION' ? 0.001  0.020  932  ? r_bond_other_d               ? ? 
'X-RAY DIFFRACTION' ? 1.656  1.995  1302 ? r_angle_refined_deg          ? ? 
'X-RAY DIFFRACTION' ? 0.856  3.002  2138 ? r_angle_other_deg            ? ? 
'X-RAY DIFFRACTION' ? 4.691  5.000  111  ? r_dihedral_angle_1_deg       ? ? 
'X-RAY DIFFRACTION' ? 35.567 24.231 52   ? r_dihedral_angle_2_deg       ? ? 
'X-RAY DIFFRACTION' ? 11.157 15.000 180  ? r_dihedral_angle_3_deg       ? ? 
'X-RAY DIFFRACTION' ? 17.165 15.000 8    ? r_dihedral_angle_4_deg       ? ? 
'X-RAY DIFFRACTION' ? 0.099  0.200  138  ? r_chiral_restr               ? ? 
'X-RAY DIFFRACTION' ? 0.008  0.021  1086 ? r_gen_planes_refined         ? ? 
'X-RAY DIFFRACTION' ? 0.001  0.020  234  ? r_gen_planes_other           ? ? 
'X-RAY DIFFRACTION' ? ?      ?      ?    ? r_nbd_refined                ? ? 
'X-RAY DIFFRACTION' ? ?      ?      ?    ? r_nbd_other                  ? ? 
'X-RAY DIFFRACTION' ? ?      ?      ?    ? r_nbtor_refined              ? ? 
'X-RAY DIFFRACTION' ? ?      ?      ?    ? r_nbtor_other                ? ? 
'X-RAY DIFFRACTION' ? ?      ?      ?    ? r_xyhbond_nbd_refined        ? ? 
'X-RAY DIFFRACTION' ? ?      ?      ?    ? r_xyhbond_nbd_other          ? ? 
'X-RAY DIFFRACTION' ? ?      ?      ?    ? r_metal_ion_refined          ? ? 
'X-RAY DIFFRACTION' ? ?      ?      ?    ? r_metal_ion_other            ? ? 
'X-RAY DIFFRACTION' ? ?      ?      ?    ? r_symmetry_vdw_refined       ? ? 
'X-RAY DIFFRACTION' ? ?      ?      ?    ? r_symmetry_vdw_other         ? ? 
'X-RAY DIFFRACTION' ? ?      ?      ?    ? r_symmetry_hbond_refined     ? ? 
'X-RAY DIFFRACTION' ? ?      ?      ?    ? r_symmetry_hbond_other       ? ? 
'X-RAY DIFFRACTION' ? ?      ?      ?    ? r_symmetry_metal_ion_refined ? ? 
'X-RAY DIFFRACTION' ? ?      ?      ?    ? r_symmetry_metal_ion_other   ? ? 
'X-RAY DIFFRACTION' ? 1.654  2.063  447  ? r_mcbond_it                  ? ? 
'X-RAY DIFFRACTION' ? 1.596  2.057  446  ? r_mcbond_other               ? ? 
'X-RAY DIFFRACTION' ? 2.297  3.086  557  ? r_mcangle_it                 ? ? 
'X-RAY DIFFRACTION' ? 2.300  3.092  558  ? r_mcangle_other              ? ? 
'X-RAY DIFFRACTION' ? 2.738  2.429  521  ? r_scbond_it                  ? ? 
'X-RAY DIFFRACTION' ? 2.735  2.430  522  ? r_scbond_other               ? ? 
'X-RAY DIFFRACTION' ? ?      ?      ?    ? r_scangle_it                 ? ? 
'X-RAY DIFFRACTION' ? 4.218  3.523  746  ? r_scangle_other              ? ? 
'X-RAY DIFFRACTION' ? 5.531  17.932 1262 ? r_long_range_B_refined       ? ? 
'X-RAY DIFFRACTION' ? 5.423  17.509 1215 ? r_long_range_B_other         ? ? 
'X-RAY DIFFRACTION' ? ?      ?      ?    ? r_rigid_bond_restr           ? ? 
'X-RAY DIFFRACTION' ? ?      ?      ?    ? r_sphericity_free            ? ? 
'X-RAY DIFFRACTION' ? ?      ?      ?    ? r_sphericity_bonded          ? ? 
# 
_refine_ls_shell.pdbx_refine_id                   'X-RAY DIFFRACTION' 
_refine_ls_shell.d_res_high                       1.500 
_refine_ls_shell.d_res_low                        1.539 
_refine_ls_shell.number_reflns_all                ? 
_refine_ls_shell.number_reflns_obs                ? 
_refine_ls_shell.number_reflns_R_free             69 
_refine_ls_shell.number_reflns_R_work             1530 
_refine_ls_shell.percent_reflns_obs               100.00 
_refine_ls_shell.percent_reflns_R_free            ? 
_refine_ls_shell.R_factor_all                     ? 
_refine_ls_shell.R_factor_obs                     ? 
_refine_ls_shell.R_factor_R_free                  0.294 
_refine_ls_shell.R_factor_R_free_error            ? 
_refine_ls_shell.R_factor_R_work                  0.265 
_refine_ls_shell.redundancy_reflns_all            ? 
_refine_ls_shell.redundancy_reflns_obs            ? 
_refine_ls_shell.wR_factor_all                    ? 
_refine_ls_shell.wR_factor_obs                    ? 
_refine_ls_shell.wR_factor_R_free                 ? 
_refine_ls_shell.wR_factor_R_work                 ? 
_refine_ls_shell.pdbx_total_number_of_bins_used   20 
_refine_ls_shell.pdbx_phase_error                 ? 
_refine_ls_shell.pdbx_fsc_work                    ? 
_refine_ls_shell.pdbx_fsc_free                    ? 
# 
_struct.entry_id                     5T4U 
_struct.title                        'Crystal structure of the bromodomain of human BRPF1 in complex with a quinolinone ligand' 
_struct.pdbx_model_details           ? 
_struct.pdbx_formula_weight          ? 
_struct.pdbx_formula_weight_method   ? 
_struct.pdbx_model_type_details      ? 
_struct.pdbx_CASP_flag               N 
# 
_struct_keywords.entry_id        5T4U 
_struct_keywords.text            
'Transcription, Structural Genomics, PSI-2, Protein Structure Initiative, Structural Genomics Consortium, SGC' 
_struct_keywords.pdbx_keywords   TRANSCRIPTION 
# 
loop_
_struct_asym.id 
_struct_asym.pdbx_blank_PDB_chainid_flag 
_struct_asym.pdbx_modified 
_struct_asym.entity_id 
_struct_asym.details 
A N N 1 ? 
B N N 2 ? 
C N N 3 ? 
D N N 4 ? 
# 
_struct_ref.id                         1 
_struct_ref.db_name                    UNP 
_struct_ref.db_code                    BRPF1_HUMAN 
_struct_ref.pdbx_db_accession          P55201 
_struct_ref.pdbx_db_isoform            ? 
_struct_ref.entity_id                  1 
_struct_ref.pdbx_seq_one_letter_code   
;EMQLTPFLILLRKTLEQLQEKDTGNIFSEPVPLSEVPDYLDHIKKPMDFFTMKQNLEAYRYLNFDDFEEDFNLIVSNCLK
YNAKDTIFYRAAVRLREQGGAVLRQARRQAEKMG
;
_struct_ref.pdbx_align_begin           627 
# 
_struct_ref_seq.align_id                      1 
_struct_ref_seq.ref_id                        1 
_struct_ref_seq.pdbx_PDB_id_code              5T4U 
_struct_ref_seq.pdbx_strand_id                A 
_struct_ref_seq.seq_align_beg                 3 
_struct_ref_seq.pdbx_seq_align_beg_ins_code   ? 
_struct_ref_seq.seq_align_end                 116 
_struct_ref_seq.pdbx_seq_align_end_ins_code   ? 
_struct_ref_seq.pdbx_db_accession             P55201 
_struct_ref_seq.db_align_beg                  627 
_struct_ref_seq.pdbx_db_align_beg_ins_code    ? 
_struct_ref_seq.db_align_end                  740 
_struct_ref_seq.pdbx_db_align_end_ins_code    ? 
_struct_ref_seq.pdbx_auth_seq_align_beg       627 
_struct_ref_seq.pdbx_auth_seq_align_end       740 
# 
loop_
_struct_ref_seq_dif.align_id 
_struct_ref_seq_dif.pdbx_pdb_id_code 
_struct_ref_seq_dif.mon_id 
_struct_ref_seq_dif.pdbx_pdb_strand_id 
_struct_ref_seq_dif.seq_num 
_struct_ref_seq_dif.pdbx_pdb_ins_code 
_struct_ref_seq_dif.pdbx_seq_db_name 
_struct_ref_seq_dif.pdbx_seq_db_accession_code 
_struct_ref_seq_dif.db_mon_id 
_struct_ref_seq_dif.pdbx_seq_db_seq_num 
_struct_ref_seq_dif.details 
_struct_ref_seq_dif.pdbx_auth_seq_num 
_struct_ref_seq_dif.pdbx_ordinal 
1 5T4U SER A 1 ? UNP P55201 ? ? 'expression tag' 625 1 
1 5T4U MET A 2 ? UNP P55201 ? ? 'expression tag' 626 2 
# 
_pdbx_struct_assembly.id                   1 
_pdbx_struct_assembly.details              author_and_software_defined_assembly 
_pdbx_struct_assembly.method_details       PISA 
_pdbx_struct_assembly.oligomeric_details   monomeric 
_pdbx_struct_assembly.oligomeric_count     1 
# 
loop_
_pdbx_struct_assembly_prop.biol_id 
_pdbx_struct_assembly_prop.type 
_pdbx_struct_assembly_prop.value 
_pdbx_struct_assembly_prop.details 
1 'ABSA (A^2)' 570  ? 
1 MORE         -4   ? 
1 'SSA (A^2)'  6900 ? 
# 
_pdbx_struct_assembly_gen.assembly_id       1 
_pdbx_struct_assembly_gen.oper_expression   1 
_pdbx_struct_assembly_gen.asym_id_list      A,B,C,D 
# 
_pdbx_struct_oper_list.id                   1 
_pdbx_struct_oper_list.type                 'identity operation' 
_pdbx_struct_oper_list.name                 1_555 
_pdbx_struct_oper_list.symmetry_operation   x,y,z 
_pdbx_struct_oper_list.matrix[1][1]         1.0000000000 
_pdbx_struct_oper_list.matrix[1][2]         0.0000000000 
_pdbx_struct_oper_list.matrix[1][3]         0.0000000000 
_pdbx_struct_oper_list.vector[1]            0.0000000000 
_pdbx_struct_oper_list.matrix[2][1]         0.0000000000 
_pdbx_struct_oper_list.matrix[2][2]         1.0000000000 
_pdbx_struct_oper_list.matrix[2][3]         0.0000000000 
_pdbx_struct_oper_list.vector[2]            0.0000000000 
_pdbx_struct_oper_list.matrix[3][1]         0.0000000000 
_pdbx_struct_oper_list.matrix[3][2]         0.0000000000 
_pdbx_struct_oper_list.matrix[3][3]         1.0000000000 
_pdbx_struct_oper_list.vector[3]            0.0000000000 
# 
loop_
_struct_conf.conf_type_id 
_struct_conf.id 
_struct_conf.pdbx_PDB_helix_id 
_struct_conf.beg_label_comp_id 
_struct_conf.beg_label_asym_id 
_struct_conf.beg_label_seq_id 
_struct_conf.pdbx_beg_PDB_ins_code 
_struct_conf.end_label_comp_id 
_struct_conf.end_label_asym_id 
_struct_conf.end_label_seq_id 
_struct_conf.pdbx_end_PDB_ins_code 
_struct_conf.beg_auth_comp_id 
_struct_conf.beg_auth_asym_id 
_struct_conf.beg_auth_seq_id 
_struct_conf.end_auth_comp_id 
_struct_conf.end_auth_asym_id 
_struct_conf.end_auth_seq_id 
_struct_conf.pdbx_PDB_helix_class 
_struct_conf.details 
_struct_conf.pdbx_PDB_helix_length 
HELX_P HELX_P1 AA1 GLN A 5  ? ASP A 24  ? GLN A 629 ASP A 648 1 ? 20 
HELX_P HELX_P2 AA2 ASP A 40 ? HIS A 44  ? ASP A 664 HIS A 668 5 ? 5  
HELX_P HELX_P3 AA3 ASP A 50 ? ALA A 60  ? ASP A 674 ALA A 684 1 ? 11 
HELX_P HELX_P4 AA4 ASN A 65 ? ASN A 84  ? ASN A 689 ASN A 708 1 ? 20 
HELX_P HELX_P5 AA5 THR A 88 ? LYS A 114 ? THR A 712 LYS A 738 1 ? 27 
# 
_struct_conf_type.id          HELX_P 
_struct_conf_type.criteria    ? 
_struct_conf_type.reference   ? 
# 
loop_
_struct_site.id 
_struct_site.pdbx_evidence_code 
_struct_site.pdbx_auth_asym_id 
_struct_site.pdbx_auth_comp_id 
_struct_site.pdbx_auth_seq_id 
_struct_site.pdbx_auth_ins_code 
_struct_site.pdbx_num_residues 
_struct_site.details 
AC1 Software A NO3 801 ? 7 'binding site for residue NO3 A 801' 
AC2 Software A 12Q 802 ? 6 'binding site for residue 12Q A 802' 
# 
loop_
_struct_site_gen.id 
_struct_site_gen.site_id 
_struct_site_gen.pdbx_num_res 
_struct_site_gen.label_comp_id 
_struct_site_gen.label_asym_id 
_struct_site_gen.label_seq_id 
_struct_site_gen.pdbx_auth_ins_code 
_struct_site_gen.auth_comp_id 
_struct_site_gen.auth_asym_id 
_struct_site_gen.auth_seq_id 
_struct_site_gen.label_atom_id 
_struct_site_gen.label_alt_id 
_struct_site_gen.symmetry 
_struct_site_gen.details 
1  AC1 7 SER A 78 ? SER A 702 . ? 1_555 ? 
2  AC1 7 LEU A 81 ? LEU A 705 . ? 1_555 ? 
3  AC1 7 LYS A 82 ? LYS A 706 . ? 1_555 ? 
4  AC1 7 TYR A 91 ? TYR A 715 . ? 4_555 ? 
5  AC1 7 VAL A 95 ? VAL A 719 . ? 4_555 ? 
6  AC1 7 ARG A 98 ? ARG A 722 . ? 4_555 ? 
7  AC1 7 HOH D .  ? HOH A 948 . ? 1_555 ? 
8  AC2 6 ILE A 28 ? ILE A 652 . ? 1_555 ? 
9  AC2 6 VAL A 33 ? VAL A 657 . ? 1_555 ? 
10 AC2 6 PRO A 34 ? PRO A 658 . ? 1_555 ? 
11 AC2 6 ASN A 84 ? ASN A 708 . ? 1_555 ? 
12 AC2 6 PHE A 90 ? PHE A 714 . ? 1_555 ? 
13 AC2 6 HOH D .  ? HOH A 906 . ? 1_555 ? 
# 
_pdbx_SG_project.id                    1 
_pdbx_SG_project.project_name          'PSI, Protein Structure Initiative' 
_pdbx_SG_project.full_name_of_center   'Structural Genomics Consortium' 
_pdbx_SG_project.initial_of_center     SGC 
# 
_pdbx_struct_special_symmetry.id              1 
_pdbx_struct_special_symmetry.PDB_model_num   1 
_pdbx_struct_special_symmetry.auth_asym_id    A 
_pdbx_struct_special_symmetry.auth_comp_id    HOH 
_pdbx_struct_special_symmetry.auth_seq_id     976 
_pdbx_struct_special_symmetry.PDB_ins_code    ? 
_pdbx_struct_special_symmetry.label_asym_id   D 
_pdbx_struct_special_symmetry.label_comp_id   HOH 
_pdbx_struct_special_symmetry.label_seq_id    . 
# 
_pdbx_distant_solvent_atoms.id                                1 
_pdbx_distant_solvent_atoms.PDB_model_num                     1 
_pdbx_distant_solvent_atoms.auth_atom_id                      O 
_pdbx_distant_solvent_atoms.label_alt_id                      ? 
_pdbx_distant_solvent_atoms.auth_asym_id                      A 
_pdbx_distant_solvent_atoms.auth_comp_id                      HOH 
_pdbx_distant_solvent_atoms.auth_seq_id                       1016 
_pdbx_distant_solvent_atoms.PDB_ins_code                      ? 
_pdbx_distant_solvent_atoms.neighbor_macromolecule_distance   5.91 
_pdbx_distant_solvent_atoms.neighbor_ligand_distance          . 
# 
loop_
_pdbx_unobs_or_zero_occ_residues.id 
_pdbx_unobs_or_zero_occ_residues.PDB_model_num 
_pdbx_unobs_or_zero_occ_residues.polymer_flag 
_pdbx_unobs_or_zero_occ_residues.occupancy_flag 
_pdbx_unobs_or_zero_occ_residues.auth_asym_id 
_pdbx_unobs_or_zero_occ_residues.auth_comp_id 
_pdbx_unobs_or_zero_occ_residues.auth_seq_id 
_pdbx_unobs_or_zero_occ_residues.PDB_ins_code 
_pdbx_unobs_or_zero_occ_residues.label_asym_id 
_pdbx_unobs_or_zero_occ_residues.label_comp_id 
_pdbx_unobs_or_zero_occ_residues.label_seq_id 
1 1 Y 1 A SER 625 ? A SER 1   
2 1 Y 1 A MET 626 ? A MET 2   
3 1 Y 1 A GLU 627 ? A GLU 3   
4 1 Y 1 A GLY 740 ? A GLY 116 
# 
loop_
_chem_comp_atom.comp_id 
_chem_comp_atom.atom_id 
_chem_comp_atom.type_symbol 
_chem_comp_atom.pdbx_aromatic_flag 
_chem_comp_atom.pdbx_stereo_config 
_chem_comp_atom.pdbx_ordinal 
12Q CAH  C N N 1   
12Q NAC  N Y N 2   
12Q CAA  C Y N 3   
12Q CAD  C Y N 4   
12Q CAI  C Y N 5   
12Q CAK  C Y N 6   
12Q CAF  C Y N 7   
12Q CAB  C Y N 8   
12Q CAE  C Y N 9   
12Q CAJ  C Y N 10  
12Q CAG  C Y N 11  
12Q OAL  O N N 12  
12Q HAH1 H N N 13  
12Q HAH2 H N N 14  
12Q HAH3 H N N 15  
12Q HAD  H N N 16  
12Q HAI  H N N 17  
12Q HAK  H N N 18  
12Q HAF  H N N 19  
12Q HAE  H N N 20  
12Q HAJ  H N N 21  
ALA N    N N N 22  
ALA CA   C N S 23  
ALA C    C N N 24  
ALA O    O N N 25  
ALA CB   C N N 26  
ALA OXT  O N N 27  
ALA H    H N N 28  
ALA H2   H N N 29  
ALA HA   H N N 30  
ALA HB1  H N N 31  
ALA HB2  H N N 32  
ALA HB3  H N N 33  
ALA HXT  H N N 34  
ARG N    N N N 35  
ARG CA   C N S 36  
ARG C    C N N 37  
ARG O    O N N 38  
ARG CB   C N N 39  
ARG CG   C N N 40  
ARG CD   C N N 41  
ARG NE   N N N 42  
ARG CZ   C N N 43  
ARG NH1  N N N 44  
ARG NH2  N N N 45  
ARG OXT  O N N 46  
ARG H    H N N 47  
ARG H2   H N N 48  
ARG HA   H N N 49  
ARG HB2  H N N 50  
ARG HB3  H N N 51  
ARG HG2  H N N 52  
ARG HG3  H N N 53  
ARG HD2  H N N 54  
ARG HD3  H N N 55  
ARG HE   H N N 56  
ARG HH11 H N N 57  
ARG HH12 H N N 58  
ARG HH21 H N N 59  
ARG HH22 H N N 60  
ARG HXT  H N N 61  
ASN N    N N N 62  
ASN CA   C N S 63  
ASN C    C N N 64  
ASN O    O N N 65  
ASN CB   C N N 66  
ASN CG   C N N 67  
ASN OD1  O N N 68  
ASN ND2  N N N 69  
ASN OXT  O N N 70  
ASN H    H N N 71  
ASN H2   H N N 72  
ASN HA   H N N 73  
ASN HB2  H N N 74  
ASN HB3  H N N 75  
ASN HD21 H N N 76  
ASN HD22 H N N 77  
ASN HXT  H N N 78  
ASP N    N N N 79  
ASP CA   C N S 80  
ASP C    C N N 81  
ASP O    O N N 82  
ASP CB   C N N 83  
ASP CG   C N N 84  
ASP OD1  O N N 85  
ASP OD2  O N N 86  
ASP OXT  O N N 87  
ASP H    H N N 88  
ASP H2   H N N 89  
ASP HA   H N N 90  
ASP HB2  H N N 91  
ASP HB3  H N N 92  
ASP HD2  H N N 93  
ASP HXT  H N N 94  
CYS N    N N N 95  
CYS CA   C N R 96  
CYS C    C N N 97  
CYS O    O N N 98  
CYS CB   C N N 99  
CYS SG   S N N 100 
CYS OXT  O N N 101 
CYS H    H N N 102 
CYS H2   H N N 103 
CYS HA   H N N 104 
CYS HB2  H N N 105 
CYS HB3  H N N 106 
CYS HG   H N N 107 
CYS HXT  H N N 108 
GLN N    N N N 109 
GLN CA   C N S 110 
GLN C    C N N 111 
GLN O    O N N 112 
GLN CB   C N N 113 
GLN CG   C N N 114 
GLN CD   C N N 115 
GLN OE1  O N N 116 
GLN NE2  N N N 117 
GLN OXT  O N N 118 
GLN H    H N N 119 
GLN H2   H N N 120 
GLN HA   H N N 121 
GLN HB2  H N N 122 
GLN HB3  H N N 123 
GLN HG2  H N N 124 
GLN HG3  H N N 125 
GLN HE21 H N N 126 
GLN HE22 H N N 127 
GLN HXT  H N N 128 
GLU N    N N N 129 
GLU CA   C N S 130 
GLU C    C N N 131 
GLU O    O N N 132 
GLU CB   C N N 133 
GLU CG   C N N 134 
GLU CD   C N N 135 
GLU OE1  O N N 136 
GLU OE2  O N N 137 
GLU OXT  O N N 138 
GLU H    H N N 139 
GLU H2   H N N 140 
GLU HA   H N N 141 
GLU HB2  H N N 142 
GLU HB3  H N N 143 
GLU HG2  H N N 144 
GLU HG3  H N N 145 
GLU HE2  H N N 146 
GLU HXT  H N N 147 
GLY N    N N N 148 
GLY CA   C N N 149 
GLY C    C N N 150 
GLY O    O N N 151 
GLY OXT  O N N 152 
GLY H    H N N 153 
GLY H2   H N N 154 
GLY HA2  H N N 155 
GLY HA3  H N N 156 
GLY HXT  H N N 157 
HIS N    N N N 158 
HIS CA   C N S 159 
HIS C    C N N 160 
HIS O    O N N 161 
HIS CB   C N N 162 
HIS CG   C Y N 163 
HIS ND1  N Y N 164 
HIS CD2  C Y N 165 
HIS CE1  C Y N 166 
HIS NE2  N Y N 167 
HIS OXT  O N N 168 
HIS H    H N N 169 
HIS H2   H N N 170 
HIS HA   H N N 171 
HIS HB2  H N N 172 
HIS HB3  H N N 173 
HIS HD1  H N N 174 
HIS HD2  H N N 175 
HIS HE1  H N N 176 
HIS HE2  H N N 177 
HIS HXT  H N N 178 
HOH O    O N N 179 
HOH H1   H N N 180 
HOH H2   H N N 181 
ILE N    N N N 182 
ILE CA   C N S 183 
ILE C    C N N 184 
ILE O    O N N 185 
ILE CB   C N S 186 
ILE CG1  C N N 187 
ILE CG2  C N N 188 
ILE CD1  C N N 189 
ILE OXT  O N N 190 
ILE H    H N N 191 
ILE H2   H N N 192 
ILE HA   H N N 193 
ILE HB   H N N 194 
ILE HG12 H N N 195 
ILE HG13 H N N 196 
ILE HG21 H N N 197 
ILE HG22 H N N 198 
ILE HG23 H N N 199 
ILE HD11 H N N 200 
ILE HD12 H N N 201 
ILE HD13 H N N 202 
ILE HXT  H N N 203 
LEU N    N N N 204 
LEU CA   C N S 205 
LEU C    C N N 206 
LEU O    O N N 207 
LEU CB   C N N 208 
LEU CG   C N N 209 
LEU CD1  C N N 210 
LEU CD2  C N N 211 
LEU OXT  O N N 212 
LEU H    H N N 213 
LEU H2   H N N 214 
LEU HA   H N N 215 
LEU HB2  H N N 216 
LEU HB3  H N N 217 
LEU HG   H N N 218 
LEU HD11 H N N 219 
LEU HD12 H N N 220 
LEU HD13 H N N 221 
LEU HD21 H N N 222 
LEU HD22 H N N 223 
LEU HD23 H N N 224 
LEU HXT  H N N 225 
LYS N    N N N 226 
LYS CA   C N S 227 
LYS C    C N N 228 
LYS O    O N N 229 
LYS CB   C N N 230 
LYS CG   C N N 231 
LYS CD   C N N 232 
LYS CE   C N N 233 
LYS NZ   N N N 234 
LYS OXT  O N N 235 
LYS H    H N N 236 
LYS H2   H N N 237 
LYS HA   H N N 238 
LYS HB2  H N N 239 
LYS HB3  H N N 240 
LYS HG2  H N N 241 
LYS HG3  H N N 242 
LYS HD2  H N N 243 
LYS HD3  H N N 244 
LYS HE2  H N N 245 
LYS HE3  H N N 246 
LYS HZ1  H N N 247 
LYS HZ2  H N N 248 
LYS HZ3  H N N 249 
LYS HXT  H N N 250 
MET N    N N N 251 
MET CA   C N S 252 
MET C    C N N 253 
MET O    O N N 254 
MET CB   C N N 255 
MET CG   C N N 256 
MET SD   S N N 257 
MET CE   C N N 258 
MET OXT  O N N 259 
MET H    H N N 260 
MET H2   H N N 261 
MET HA   H N N 262 
MET HB2  H N N 263 
MET HB3  H N N 264 
MET HG2  H N N 265 
MET HG3  H N N 266 
MET HE1  H N N 267 
MET HE2  H N N 268 
MET HE3  H N N 269 
MET HXT  H N N 270 
NO3 N    N N N 271 
NO3 O1   O N N 272 
NO3 O2   O N N 273 
NO3 O3   O N N 274 
PHE N    N N N 275 
PHE CA   C N S 276 
PHE C    C N N 277 
PHE O    O N N 278 
PHE CB   C N N 279 
PHE CG   C Y N 280 
PHE CD1  C Y N 281 
PHE CD2  C Y N 282 
PHE CE1  C Y N 283 
PHE CE2  C Y N 284 
PHE CZ   C Y N 285 
PHE OXT  O N N 286 
PHE H    H N N 287 
PHE H2   H N N 288 
PHE HA   H N N 289 
PHE HB2  H N N 290 
PHE HB3  H N N 291 
PHE HD1  H N N 292 
PHE HD2  H N N 293 
PHE HE1  H N N 294 
PHE HE2  H N N 295 
PHE HZ   H N N 296 
PHE HXT  H N N 297 
PRO N    N N N 298 
PRO CA   C N S 299 
PRO C    C N N 300 
PRO O    O N N 301 
PRO CB   C N N 302 
PRO CG   C N N 303 
PRO CD   C N N 304 
PRO OXT  O N N 305 
PRO H    H N N 306 
PRO HA   H N N 307 
PRO HB2  H N N 308 
PRO HB3  H N N 309 
PRO HG2  H N N 310 
PRO HG3  H N N 311 
PRO HD2  H N N 312 
PRO HD3  H N N 313 
PRO HXT  H N N 314 
SER N    N N N 315 
SER CA   C N S 316 
SER C    C N N 317 
SER O    O N N 318 
SER CB   C N N 319 
SER OG   O N N 320 
SER OXT  O N N 321 
SER H    H N N 322 
SER H2   H N N 323 
SER HA   H N N 324 
SER HB2  H N N 325 
SER HB3  H N N 326 
SER HG   H N N 327 
SER HXT  H N N 328 
THR N    N N N 329 
THR CA   C N S 330 
THR C    C N N 331 
THR O    O N N 332 
THR CB   C N R 333 
THR OG1  O N N 334 
THR CG2  C N N 335 
THR OXT  O N N 336 
THR H    H N N 337 
THR H2   H N N 338 
THR HA   H N N 339 
THR HB   H N N 340 
THR HG1  H N N 341 
THR HG21 H N N 342 
THR HG22 H N N 343 
THR HG23 H N N 344 
THR HXT  H N N 345 
TYR N    N N N 346 
TYR CA   C N S 347 
TYR C    C N N 348 
TYR O    O N N 349 
TYR CB   C N N 350 
TYR CG   C Y N 351 
TYR CD1  C Y N 352 
TYR CD2  C Y N 353 
TYR CE1  C Y N 354 
TYR CE2  C Y N 355 
TYR CZ   C Y N 356 
TYR OH   O N N 357 
TYR OXT  O N N 358 
TYR H    H N N 359 
TYR H2   H N N 360 
TYR HA   H N N 361 
TYR HB2  H N N 362 
TYR HB3  H N N 363 
TYR HD1  H N N 364 
TYR HD2  H N N 365 
TYR HE1  H N N 366 
TYR HE2  H N N 367 
TYR HH   H N N 368 
TYR HXT  H N N 369 
VAL N    N N N 370 
VAL CA   C N S 371 
VAL C    C N N 372 
VAL O    O N N 373 
VAL CB   C N N 374 
VAL CG1  C N N 375 
VAL CG2  C N N 376 
VAL OXT  O N N 377 
VAL H    H N N 378 
VAL H2   H N N 379 
VAL HA   H N N 380 
VAL HB   H N N 381 
VAL HG11 H N N 382 
VAL HG12 H N N 383 
VAL HG13 H N N 384 
VAL HG21 H N N 385 
VAL HG22 H N N 386 
VAL HG23 H N N 387 
VAL HXT  H N N 388 
# 
loop_
_chem_comp_bond.comp_id 
_chem_comp_bond.atom_id_1 
_chem_comp_bond.atom_id_2 
_chem_comp_bond.value_order 
_chem_comp_bond.pdbx_aromatic_flag 
_chem_comp_bond.pdbx_stereo_config 
_chem_comp_bond.pdbx_ordinal 
12Q CAH NAC  sing N N 1   
12Q CAH HAH1 sing N N 2   
12Q CAH HAH2 sing N N 3   
12Q CAH HAH3 sing N N 4   
12Q NAC CAA  sing Y N 5   
12Q NAC CAG  sing Y N 6   
12Q CAA CAD  sing Y N 7   
12Q CAA CAB  doub Y N 8   
12Q CAD CAI  doub Y N 9   
12Q CAD HAD  sing N N 10  
12Q CAI CAK  sing Y N 11  
12Q CAI HAI  sing N N 12  
12Q CAK CAF  doub Y N 13  
12Q CAK HAK  sing N N 14  
12Q CAF CAB  sing Y N 15  
12Q CAF HAF  sing N N 16  
12Q CAB CAE  sing Y N 17  
12Q CAE CAJ  doub Y N 18  
12Q CAE HAE  sing N N 19  
12Q CAJ CAG  sing Y N 20  
12Q CAJ HAJ  sing N N 21  
12Q CAG OAL  doub N N 22  
ALA N   CA   sing N N 23  
ALA N   H    sing N N 24  
ALA N   H2   sing N N 25  
ALA CA  C    sing N N 26  
ALA CA  CB   sing N N 27  
ALA CA  HA   sing N N 28  
ALA C   O    doub N N 29  
ALA C   OXT  sing N N 30  
ALA CB  HB1  sing N N 31  
ALA CB  HB2  sing N N 32  
ALA CB  HB3  sing N N 33  
ALA OXT HXT  sing N N 34  
ARG N   CA   sing N N 35  
ARG N   H    sing N N 36  
ARG N   H2   sing N N 37  
ARG CA  C    sing N N 38  
ARG CA  CB   sing N N 39  
ARG CA  HA   sing N N 40  
ARG C   O    doub N N 41  
ARG C   OXT  sing N N 42  
ARG CB  CG   sing N N 43  
ARG CB  HB2  sing N N 44  
ARG CB  HB3  sing N N 45  
ARG CG  CD   sing N N 46  
ARG CG  HG2  sing N N 47  
ARG CG  HG3  sing N N 48  
ARG CD  NE   sing N N 49  
ARG CD  HD2  sing N N 50  
ARG CD  HD3  sing N N 51  
ARG NE  CZ   sing N N 52  
ARG NE  HE   sing N N 53  
ARG CZ  NH1  sing N N 54  
ARG CZ  NH2  doub N N 55  
ARG NH1 HH11 sing N N 56  
ARG NH1 HH12 sing N N 57  
ARG NH2 HH21 sing N N 58  
ARG NH2 HH22 sing N N 59  
ARG OXT HXT  sing N N 60  
ASN N   CA   sing N N 61  
ASN N   H    sing N N 62  
ASN N   H2   sing N N 63  
ASN CA  C    sing N N 64  
ASN CA  CB   sing N N 65  
ASN CA  HA   sing N N 66  
ASN C   O    doub N N 67  
ASN C   OXT  sing N N 68  
ASN CB  CG   sing N N 69  
ASN CB  HB2  sing N N 70  
ASN CB  HB3  sing N N 71  
ASN CG  OD1  doub N N 72  
ASN CG  ND2  sing N N 73  
ASN ND2 HD21 sing N N 74  
ASN ND2 HD22 sing N N 75  
ASN OXT HXT  sing N N 76  
ASP N   CA   sing N N 77  
ASP N   H    sing N N 78  
ASP N   H2   sing N N 79  
ASP CA  C    sing N N 80  
ASP CA  CB   sing N N 81  
ASP CA  HA   sing N N 82  
ASP C   O    doub N N 83  
ASP C   OXT  sing N N 84  
ASP CB  CG   sing N N 85  
ASP CB  HB2  sing N N 86  
ASP CB  HB3  sing N N 87  
ASP CG  OD1  doub N N 88  
ASP CG  OD2  sing N N 89  
ASP OD2 HD2  sing N N 90  
ASP OXT HXT  sing N N 91  
CYS N   CA   sing N N 92  
CYS N   H    sing N N 93  
CYS N   H2   sing N N 94  
CYS CA  C    sing N N 95  
CYS CA  CB   sing N N 96  
CYS CA  HA   sing N N 97  
CYS C   O    doub N N 98  
CYS C   OXT  sing N N 99  
CYS CB  SG   sing N N 100 
CYS CB  HB2  sing N N 101 
CYS CB  HB3  sing N N 102 
CYS SG  HG   sing N N 103 
CYS OXT HXT  sing N N 104 
GLN N   CA   sing N N 105 
GLN N   H    sing N N 106 
GLN N   H2   sing N N 107 
GLN CA  C    sing N N 108 
GLN CA  CB   sing N N 109 
GLN CA  HA   sing N N 110 
GLN C   O    doub N N 111 
GLN C   OXT  sing N N 112 
GLN CB  CG   sing N N 113 
GLN CB  HB2  sing N N 114 
GLN CB  HB3  sing N N 115 
GLN CG  CD   sing N N 116 
GLN CG  HG2  sing N N 117 
GLN CG  HG3  sing N N 118 
GLN CD  OE1  doub N N 119 
GLN CD  NE2  sing N N 120 
GLN NE2 HE21 sing N N 121 
GLN NE2 HE22 sing N N 122 
GLN OXT HXT  sing N N 123 
GLU N   CA   sing N N 124 
GLU N   H    sing N N 125 
GLU N   H2   sing N N 126 
GLU CA  C    sing N N 127 
GLU CA  CB   sing N N 128 
GLU CA  HA   sing N N 129 
GLU C   O    doub N N 130 
GLU C   OXT  sing N N 131 
GLU CB  CG   sing N N 132 
GLU CB  HB2  sing N N 133 
GLU CB  HB3  sing N N 134 
GLU CG  CD   sing N N 135 
GLU CG  HG2  sing N N 136 
GLU CG  HG3  sing N N 137 
GLU CD  OE1  doub N N 138 
GLU CD  OE2  sing N N 139 
GLU OE2 HE2  sing N N 140 
GLU OXT HXT  sing N N 141 
GLY N   CA   sing N N 142 
GLY N   H    sing N N 143 
GLY N   H2   sing N N 144 
GLY CA  C    sing N N 145 
GLY CA  HA2  sing N N 146 
GLY CA  HA3  sing N N 147 
GLY C   O    doub N N 148 
GLY C   OXT  sing N N 149 
GLY OXT HXT  sing N N 150 
HIS N   CA   sing N N 151 
HIS N   H    sing N N 152 
HIS N   H2   sing N N 153 
HIS CA  C    sing N N 154 
HIS CA  CB   sing N N 155 
HIS CA  HA   sing N N 156 
HIS C   O    doub N N 157 
HIS C   OXT  sing N N 158 
HIS CB  CG   sing N N 159 
HIS CB  HB2  sing N N 160 
HIS CB  HB3  sing N N 161 
HIS CG  ND1  sing Y N 162 
HIS CG  CD2  doub Y N 163 
HIS ND1 CE1  doub Y N 164 
HIS ND1 HD1  sing N N 165 
HIS CD2 NE2  sing Y N 166 
HIS CD2 HD2  sing N N 167 
HIS CE1 NE2  sing Y N 168 
HIS CE1 HE1  sing N N 169 
HIS NE2 HE2  sing N N 170 
HIS OXT HXT  sing N N 171 
HOH O   H1   sing N N 172 
HOH O   H2   sing N N 173 
ILE N   CA   sing N N 174 
ILE N   H    sing N N 175 
ILE N   H2   sing N N 176 
ILE CA  C    sing N N 177 
ILE CA  CB   sing N N 178 
ILE CA  HA   sing N N 179 
ILE C   O    doub N N 180 
ILE C   OXT  sing N N 181 
ILE CB  CG1  sing N N 182 
ILE CB  CG2  sing N N 183 
ILE CB  HB   sing N N 184 
ILE CG1 CD1  sing N N 185 
ILE CG1 HG12 sing N N 186 
ILE CG1 HG13 sing N N 187 
ILE CG2 HG21 sing N N 188 
ILE CG2 HG22 sing N N 189 
ILE CG2 HG23 sing N N 190 
ILE CD1 HD11 sing N N 191 
ILE CD1 HD12 sing N N 192 
ILE CD1 HD13 sing N N 193 
ILE OXT HXT  sing N N 194 
LEU N   CA   sing N N 195 
LEU N   H    sing N N 196 
LEU N   H2   sing N N 197 
LEU CA  C    sing N N 198 
LEU CA  CB   sing N N 199 
LEU CA  HA   sing N N 200 
LEU C   O    doub N N 201 
LEU C   OXT  sing N N 202 
LEU CB  CG   sing N N 203 
LEU CB  HB2  sing N N 204 
LEU CB  HB3  sing N N 205 
LEU CG  CD1  sing N N 206 
LEU CG  CD2  sing N N 207 
LEU CG  HG   sing N N 208 
LEU CD1 HD11 sing N N 209 
LEU CD1 HD12 sing N N 210 
LEU CD1 HD13 sing N N 211 
LEU CD2 HD21 sing N N 212 
LEU CD2 HD22 sing N N 213 
LEU CD2 HD23 sing N N 214 
LEU OXT HXT  sing N N 215 
LYS N   CA   sing N N 216 
LYS N   H    sing N N 217 
LYS N   H2   sing N N 218 
LYS CA  C    sing N N 219 
LYS CA  CB   sing N N 220 
LYS CA  HA   sing N N 221 
LYS C   O    doub N N 222 
LYS C   OXT  sing N N 223 
LYS CB  CG   sing N N 224 
LYS CB  HB2  sing N N 225 
LYS CB  HB3  sing N N 226 
LYS CG  CD   sing N N 227 
LYS CG  HG2  sing N N 228 
LYS CG  HG3  sing N N 229 
LYS CD  CE   sing N N 230 
LYS CD  HD2  sing N N 231 
LYS CD  HD3  sing N N 232 
LYS CE  NZ   sing N N 233 
LYS CE  HE2  sing N N 234 
LYS CE  HE3  sing N N 235 
LYS NZ  HZ1  sing N N 236 
LYS NZ  HZ2  sing N N 237 
LYS NZ  HZ3  sing N N 238 
LYS OXT HXT  sing N N 239 
MET N   CA   sing N N 240 
MET N   H    sing N N 241 
MET N   H2   sing N N 242 
MET CA  C    sing N N 243 
MET CA  CB   sing N N 244 
MET CA  HA   sing N N 245 
MET C   O    doub N N 246 
MET C   OXT  sing N N 247 
MET CB  CG   sing N N 248 
MET CB  HB2  sing N N 249 
MET CB  HB3  sing N N 250 
MET CG  SD   sing N N 251 
MET CG  HG2  sing N N 252 
MET CG  HG3  sing N N 253 
MET SD  CE   sing N N 254 
MET CE  HE1  sing N N 255 
MET CE  HE2  sing N N 256 
MET CE  HE3  sing N N 257 
MET OXT HXT  sing N N 258 
NO3 N   O1   doub N N 259 
NO3 N   O2   sing N N 260 
NO3 N   O3   sing N N 261 
PHE N   CA   sing N N 262 
PHE N   H    sing N N 263 
PHE N   H2   sing N N 264 
PHE CA  C    sing N N 265 
PHE CA  CB   sing N N 266 
PHE CA  HA   sing N N 267 
PHE C   O    doub N N 268 
PHE C   OXT  sing N N 269 
PHE CB  CG   sing N N 270 
PHE CB  HB2  sing N N 271 
PHE CB  HB3  sing N N 272 
PHE CG  CD1  doub Y N 273 
PHE CG  CD2  sing Y N 274 
PHE CD1 CE1  sing Y N 275 
PHE CD1 HD1  sing N N 276 
PHE CD2 CE2  doub Y N 277 
PHE CD2 HD2  sing N N 278 
PHE CE1 CZ   doub Y N 279 
PHE CE1 HE1  sing N N 280 
PHE CE2 CZ   sing Y N 281 
PHE CE2 HE2  sing N N 282 
PHE CZ  HZ   sing N N 283 
PHE OXT HXT  sing N N 284 
PRO N   CA   sing N N 285 
PRO N   CD   sing N N 286 
PRO N   H    sing N N 287 
PRO CA  C    sing N N 288 
PRO CA  CB   sing N N 289 
PRO CA  HA   sing N N 290 
PRO C   O    doub N N 291 
PRO C   OXT  sing N N 292 
PRO CB  CG   sing N N 293 
PRO CB  HB2  sing N N 294 
PRO CB  HB3  sing N N 295 
PRO CG  CD   sing N N 296 
PRO CG  HG2  sing N N 297 
PRO CG  HG3  sing N N 298 
PRO CD  HD2  sing N N 299 
PRO CD  HD3  sing N N 300 
PRO OXT HXT  sing N N 301 
SER N   CA   sing N N 302 
SER N   H    sing N N 303 
SER N   H2   sing N N 304 
SER CA  C    sing N N 305 
SER CA  CB   sing N N 306 
SER CA  HA   sing N N 307 
SER C   O    doub N N 308 
SER C   OXT  sing N N 309 
SER CB  OG   sing N N 310 
SER CB  HB2  sing N N 311 
SER CB  HB3  sing N N 312 
SER OG  HG   sing N N 313 
SER OXT HXT  sing N N 314 
THR N   CA   sing N N 315 
THR N   H    sing N N 316 
THR N   H2   sing N N 317 
THR CA  C    sing N N 318 
THR CA  CB   sing N N 319 
THR CA  HA   sing N N 320 
THR C   O    doub N N 321 
THR C   OXT  sing N N 322 
THR CB  OG1  sing N N 323 
THR CB  CG2  sing N N 324 
THR CB  HB   sing N N 325 
THR OG1 HG1  sing N N 326 
THR CG2 HG21 sing N N 327 
THR CG2 HG22 sing N N 328 
THR CG2 HG23 sing N N 329 
THR OXT HXT  sing N N 330 
TYR N   CA   sing N N 331 
TYR N   H    sing N N 332 
TYR N   H2   sing N N 333 
TYR CA  C    sing N N 334 
TYR CA  CB   sing N N 335 
TYR CA  HA   sing N N 336 
TYR C   O    doub N N 337 
TYR C   OXT  sing N N 338 
TYR CB  CG   sing N N 339 
TYR CB  HB2  sing N N 340 
TYR CB  HB3  sing N N 341 
TYR CG  CD1  doub Y N 342 
TYR CG  CD2  sing Y N 343 
TYR CD1 CE1  sing Y N 344 
TYR CD1 HD1  sing N N 345 
TYR CD2 CE2  doub Y N 346 
TYR CD2 HD2  sing N N 347 
TYR CE1 CZ   doub Y N 348 
TYR CE1 HE1  sing N N 349 
TYR CE2 CZ   sing Y N 350 
TYR CE2 HE2  sing N N 351 
TYR CZ  OH   sing N N 352 
TYR OH  HH   sing N N 353 
TYR OXT HXT  sing N N 354 
VAL N   CA   sing N N 355 
VAL N   H    sing N N 356 
VAL N   H2   sing N N 357 
VAL CA  C    sing N N 358 
VAL CA  CB   sing N N 359 
VAL CA  HA   sing N N 360 
VAL C   O    doub N N 361 
VAL C   OXT  sing N N 362 
VAL CB  CG1  sing N N 363 
VAL CB  CG2  sing N N 364 
VAL CB  HB   sing N N 365 
VAL CG1 HG11 sing N N 366 
VAL CG1 HG12 sing N N 367 
VAL CG1 HG13 sing N N 368 
VAL CG2 HG21 sing N N 369 
VAL CG2 HG22 sing N N 370 
VAL CG2 HG23 sing N N 371 
VAL OXT HXT  sing N N 372 
# 
_pdbx_initial_refinement_model.id               1 
_pdbx_initial_refinement_model.entity_id_list   ? 
_pdbx_initial_refinement_model.type             'experimental model' 
_pdbx_initial_refinement_model.source_name      PDB 
_pdbx_initial_refinement_model.accession_code   4LC2 
_pdbx_initial_refinement_model.details          ? 
# 
_atom_sites.entry_id                    5T4U 
_atom_sites.fract_transf_matrix[1][1]   -0.00031963 
_atom_sites.fract_transf_matrix[1][2]   0.00210152 
_atom_sites.fract_transf_matrix[1][3]   0.01902632 
_atom_sites.fract_transf_matrix[2][1]   0.01308868 
_atom_sites.fract_transf_matrix[2][2]   -0.00883135 
_atom_sites.fract_transf_matrix[2][3]   0.01082704 
_atom_sites.fract_transf_matrix[3][1]   0.00948184 
_atom_sites.fract_transf_matrix[3][2]   0.01254878 
_atom_sites.fract_transf_matrix[3][3]   -0.00122676 
_atom_sites.fract_transf_vector[1]      0.440946 
_atom_sites.fract_transf_vector[2]      0.464153 
_atom_sites.fract_transf_vector[3]      0.176624 
# 
loop_
_atom_type.symbol 
C 
N 
O 
S 
# 
loop_
_atom_site.group_PDB 
_atom_site.id 
_atom_site.type_symbol 
_atom_site.label_atom_id 
_atom_site.label_alt_id 
_atom_site.label_comp_id 
_atom_site.label_asym_id 
_atom_site.label_entity_id 
_atom_site.label_seq_id 
_atom_site.pdbx_PDB_ins_code 
_atom_site.Cartn_x 
_atom_site.Cartn_y 
_atom_site.Cartn_z 
_atom_site.occupancy 
_atom_site.B_iso_or_equiv 
_atom_site.pdbx_formal_charge 
_atom_site.auth_seq_id 
_atom_site.auth_comp_id 
_atom_site.auth_asym_id 
_atom_site.auth_atom_id 
_atom_site.pdbx_PDB_model_num 
ATOM   1    N N   . MET A 1 4   ? 5.889   -4.759  23.939  1.00 40.33 ? 628  MET A N   1 
ATOM   2    C CA  . MET A 1 4   ? 6.210   -4.594  22.483  1.00 37.86 ? 628  MET A CA  1 
ATOM   3    C C   . MET A 1 4   ? 6.782   -3.215  22.188  1.00 35.28 ? 628  MET A C   1 
ATOM   4    O O   . MET A 1 4   ? 6.174   -2.175  22.522  1.00 27.55 ? 628  MET A O   1 
ATOM   5    C CB  . MET A 1 4   ? 4.990   -4.812  21.605  1.00 42.72 ? 628  MET A CB  1 
ATOM   6    C CG  . MET A 1 4   ? 5.299   -4.638  20.117  1.00 43.44 ? 628  MET A CG  1 
ATOM   7    S SD  . MET A 1 4   ? 4.032   -5.323  19.031  1.00 53.50 ? 628  MET A SD  1 
ATOM   8    C CE  . MET A 1 4   ? 4.748   -4.924  17.448  1.00 45.85 ? 628  MET A CE  1 
ATOM   9    N N   . GLN A 1 5   ? 7.934   -3.216  21.542  1.00 30.42 ? 629  GLN A N   1 
ATOM   10   C CA  . GLN A 1 5   ? 8.671   -1.988  21.296  1.00 28.38 ? 629  GLN A CA  1 
ATOM   11   C C   . GLN A 1 5   ? 8.457   -1.377  19.940  1.00 24.69 ? 629  GLN A C   1 
ATOM   12   O O   . GLN A 1 5   ? 8.325   -2.061  18.905  1.00 23.56 ? 629  GLN A O   1 
ATOM   13   C CB  . GLN A 1 5   ? 10.155  -2.223  21.500  1.00 31.18 ? 629  GLN A CB  1 
ATOM   14   C CG  . GLN A 1 5   ? 10.520  -2.469  22.943  1.00 37.48 ? 629  GLN A CG  1 
ATOM   15   C CD  . GLN A 1 5   ? 11.987  -2.763  23.076  1.00 42.65 ? 629  GLN A CD  1 
ATOM   16   O OE1 . GLN A 1 5   ? 12.759  -2.599  22.114  1.00 45.19 ? 629  GLN A OE1 1 
ATOM   17   N NE2 . GLN A 1 5   ? 12.390  -3.216  24.261  1.00 45.68 ? 629  GLN A NE2 1 
ATOM   18   N N   . LEU A 1 6   ? 8.430   -0.061  19.933  1.00 21.53 ? 630  LEU A N   1 
ATOM   19   C CA  . LEU A 1 6   ? 8.186   0.701   18.750  1.00 21.33 ? 630  LEU A CA  1 
ATOM   20   C C   . LEU A 1 6   ? 9.283   0.497   17.715  1.00 21.07 ? 630  LEU A C   1 
ATOM   21   O O   . LEU A 1 6   ? 8.986   0.238   16.550  1.00 18.96 ? 630  LEU A O   1 
ATOM   22   C CB  . LEU A 1 6   ? 8.038   2.182   19.103  1.00 24.14 ? 630  LEU A CB  1 
ATOM   23   C CG  . LEU A 1 6   ? 7.794   3.112   17.906  1.00 26.58 ? 630  LEU A CG  1 
ATOM   24   C CD1 . LEU A 1 6   ? 6.484   2.750   17.223  1.00 28.35 ? 630  LEU A CD1 1 
ATOM   25   C CD2 . LEU A 1 6   ? 7.844   4.596   18.296  1.00 28.99 ? 630  LEU A CD2 1 
ATOM   26   N N   . THR A 1 7   ? 10.541  0.636   18.104  1.00 19.89 ? 631  THR A N   1 
ATOM   27   C CA  . THR A 1 7   ? 11.597  0.622   17.095  1.00 21.03 ? 631  THR A CA  1 
ATOM   28   C C   . THR A 1 7   ? 11.690  -0.641  16.207  1.00 19.79 ? 631  THR A C   1 
ATOM   29   O O   . THR A 1 7   ? 11.706  -0.483  14.959  1.00 21.33 ? 631  THR A O   1 
ATOM   30   C CB  . THR A 1 7   ? 12.969  0.989   17.695  1.00 21.59 ? 631  THR A CB  1 
ATOM   31   O OG1 . THR A 1 7   ? 12.838  2.277   18.291  1.00 23.72 ? 631  THR A OG1 1 
ATOM   32   C CG2 . THR A 1 7   ? 14.007  1.098   16.567  1.00 22.68 ? 631  THR A CG2 1 
ATOM   33   N N   . PRO A 1 8   ? 11.688  -1.851  16.806  1.00 20.47 ? 632  PRO A N   1 
ATOM   34   C CA  . PRO A 1 8   ? 11.676  -3.081  15.981  1.00 20.97 ? 632  PRO A CA  1 
ATOM   35   C C   . PRO A 1 8   ? 10.443  -3.164  15.097  1.00 19.29 ? 632  PRO A C   1 
ATOM   36   O O   . PRO A 1 8   ? 10.517  -3.624  13.956  1.00 18.67 ? 632  PRO A O   1 
ATOM   37   C CB  . PRO A 1 8   ? 11.665  -4.215  17.000  1.00 21.58 ? 632  PRO A CB  1 
ATOM   38   C CG  . PRO A 1 8   ? 12.165  -3.599  18.266  1.00 22.85 ? 632  PRO A CG  1 
ATOM   39   C CD  . PRO A 1 8   ? 11.775  -2.164  18.237  1.00 21.31 ? 632  PRO A CD  1 
ATOM   40   N N   . PHE A 1 9   ? 9.330   -2.658  15.587  1.00 17.77 ? 633  PHE A N   1 
ATOM   41   C CA  . PHE A 1 9   ? 8.114   -2.699  14.772  1.00 16.53 ? 633  PHE A CA  1 
ATOM   42   C C   . PHE A 1 9   ? 8.263   -1.777  13.584  1.00 17.94 ? 633  PHE A C   1 
ATOM   43   O O   . PHE A 1 9   ? 7.921   -2.153  12.457  1.00 18.56 ? 633  PHE A O   1 
ATOM   44   C CB  . PHE A 1 9   ? 6.877   -2.309  15.616  1.00 16.88 ? 633  PHE A CB  1 
ATOM   45   C CG  . PHE A 1 9   ? 5.578   -2.298  14.835  1.00 15.89 ? 633  PHE A CG  1 
ATOM   46   C CD1 . PHE A 1 9   ? 5.041   -3.470  14.374  1.00 17.13 ? 633  PHE A CD1 1 
ATOM   47   C CD2 . PHE A 1 9   ? 4.938   -1.120  14.568  1.00 15.69 ? 633  PHE A CD2 1 
ATOM   48   C CE1 . PHE A 1 9   ? 3.858   -3.447  13.641  1.00 16.85 ? 633  PHE A CE1 1 
ATOM   49   C CE2 . PHE A 1 9   ? 3.765   -1.090  13.839  1.00 16.02 ? 633  PHE A CE2 1 
ATOM   50   C CZ  . PHE A 1 9   ? 3.247   -2.255  13.365  1.00 16.60 ? 633  PHE A CZ  1 
ATOM   51   N N   . LEU A 1 10  ? 8.781   -0.556  13.763  1.00 17.45 ? 634  LEU A N   1 
ATOM   52   C CA  . LEU A 1 10  ? 8.956   0.336   12.650  1.00 17.50 ? 634  LEU A CA  1 
ATOM   53   C C   . LEU A 1 10  ? 10.011  -0.207  11.640  1.00 18.32 ? 634  LEU A C   1 
ATOM   54   O O   . LEU A 1 10  ? 9.849   0.002   10.444  1.00 20.25 ? 634  LEU A O   1 
ATOM   55   C CB  . LEU A 1 10  ? 9.327   1.747   13.114  1.00 22.23 ? 634  LEU A CB  1 
ATOM   56   C CG  . LEU A 1 10  ? 8.242   2.426   13.952  1.00 24.47 ? 634  LEU A CG  1 
ATOM   57   C CD1 . LEU A 1 10  ? 8.733   3.814   14.363  1.00 27.09 ? 634  LEU A CD1 1 
ATOM   58   C CD2 . LEU A 1 10  ? 6.892   2.542   13.236  1.00 26.62 ? 634  LEU A CD2 1 
ATOM   59   N N   . ILE A 1 11  ? 11.031  -0.890  12.144  1.00 18.12 ? 635  ILE A N   1 
ATOM   60   C CA  . ILE A 1 11  ? 12.037  -1.536  11.282  1.00 19.56 ? 635  ILE A CA  1 
ATOM   61   C C   . ILE A 1 11  ? 11.314  -2.567  10.429  1.00 17.81 ? 635  ILE A C   1 
ATOM   62   O O   . ILE A 1 11  ? 11.523  -2.593  9.182   1.00 18.94 ? 635  ILE A O   1 
ATOM   63   C CB  . ILE A 1 11  ? 13.151  -2.144  12.132  1.00 19.47 ? 635  ILE A CB  1 
ATOM   64   C CG1 . ILE A 1 11  ? 13.973  -0.947  12.665  1.00 21.44 ? 635  ILE A CG1 1 
ATOM   65   C CG2 . ILE A 1 11  ? 14.015  -3.110  11.313  1.00 20.46 ? 635  ILE A CG2 1 
ATOM   66   C CD1 . ILE A 1 11  ? 14.985  -1.261  13.706  1.00 21.58 ? 635  ILE A CD1 1 
ATOM   67   N N   . LEU A 1 12  ? 10.482  -3.375  11.080  1.00 16.71 ? 636  LEU A N   1 
ATOM   68   C CA  . LEU A 1 12  ? 9.728   -4.433  10.336  1.00 17.11 ? 636  LEU A CA  1 
ATOM   69   C C   . LEU A 1 12  ? 8.854   -3.773  9.262   1.00 18.21 ? 636  LEU A C   1 
ATOM   70   O O   . LEU A 1 12  ? 8.805   -4.188  8.051   1.00 17.56 ? 636  LEU A O   1 
ATOM   71   C CB  . LEU A 1 12  ? 8.893   -5.248  11.269  1.00 17.29 ? 636  LEU A CB  1 
ATOM   72   C CG  . LEU A 1 12  ? 7.826   -6.150  10.604  1.00 19.61 ? 636  LEU A CG  1 
ATOM   73   C CD1 . LEU A 1 12  ? 8.527   -7.144  9.690   1.00 20.47 ? 636  LEU A CD1 1 
ATOM   74   C CD2 . LEU A 1 12  ? 7.057   -6.848  11.691  1.00 20.48 ? 636  LEU A CD2 1 
ATOM   75   N N   . LEU A 1 13  ? 8.130   -2.734  9.624   1.00 17.43 ? 637  LEU A N   1 
ATOM   76   C CA  . LEU A 1 13  ? 7.285   -2.059  8.655   1.00 15.61 ? 637  LEU A CA  1 
ATOM   77   C C   . LEU A 1 13  ? 8.046   -1.490  7.477   1.00 16.19 ? 637  LEU A C   1 
ATOM   78   O O   . LEU A 1 13  ? 7.570   -1.534  6.346   1.00 15.68 ? 637  LEU A O   1 
ATOM   79   C CB  . LEU A 1 13  ? 6.359   -0.952  9.249   1.00 17.33 ? 637  LEU A CB  1 
ATOM   80   C CG  . LEU A 1 13  ? 5.269   -1.469  10.212  1.00 17.00 ? 637  LEU A CG  1 
ATOM   81   C CD1 . LEU A 1 13  ? 4.407   -0.263  10.532  1.00 17.21 ? 637  LEU A CD1 1 
ATOM   82   C CD2 . LEU A 1 13  ? 4.441   -2.627  9.647   1.00 17.92 ? 637  LEU A CD2 1 
ATOM   83   N N   . ARG A 1 14  ? 9.214   -0.895  7.735   1.00 16.76 ? 638  ARG A N   1 
ATOM   84   C CA  . ARG A 1 14  ? 10.043  -0.366  6.670   1.00 17.93 ? 638  ARG A CA  1 
ATOM   85   C C   . ARG A 1 14  ? 10.446  -1.433  5.673   1.00 15.79 ? 638  ARG A C   1 
ATOM   86   O O   . ARG A 1 14  ? 10.356  -1.179  4.466   1.00 17.91 ? 638  ARG A O   1 
ATOM   87   C CB  . ARG A 1 14  ? 11.323  0.258   7.247   1.00 19.98 ? 638  ARG A CB  1 
ATOM   88   C CG  . ARG A 1 14  ? 11.079  1.603   7.885   1.00 21.94 ? 638  ARG A CG  1 
ATOM   89   C CD  . ARG A 1 14  ? 12.416  2.215   8.374   1.00 24.25 ? 638  ARG A CD  1 
ATOM   90   N NE  . ARG A 1 14  ? 12.068  3.319   9.259   1.00 25.52 ? 638  ARG A NE  1 
ATOM   91   C CZ  . ARG A 1 14  ? 12.176  3.338   10.594  1.00 27.80 ? 638  ARG A CZ  1 
ATOM   92   N NH1 . ARG A 1 14  ? 12.742  2.357   11.269  1.00 28.14 ? 638  ARG A NH1 1 
ATOM   93   N NH2 . ARG A 1 14  ? 11.749  4.401   11.257  1.00 31.96 ? 638  ARG A NH2 1 
ATOM   94   N N   . LYS A 1 15  ? 10.843  -2.580  6.178   1.00 17.26 ? 639  LYS A N   1 
ATOM   95   C CA  . LYS A 1 15  ? 11.273  -3.740  5.348   1.00 19.28 ? 639  LYS A CA  1 
ATOM   96   C C   . LYS A 1 15  ? 10.105  -4.258  4.561   1.00 19.87 ? 639  LYS A C   1 
ATOM   97   O O   . LYS A 1 15  ? 10.200  -4.536  3.357   1.00 19.17 ? 639  LYS A O   1 
ATOM   98   C CB  . LYS A 1 15  ? 11.843  -4.810  6.218   1.00 22.53 ? 639  LYS A CB  1 
ATOM   99   C CG  . LYS A 1 15  ? 12.267  -6.053  5.441   1.00 25.52 ? 639  LYS A CG  1 
ATOM   100  C CD  . LYS A 1 15  ? 12.852  -7.105  6.372   1.00 33.41 ? 639  LYS A CD  1 
ATOM   101  C CE  . LYS A 1 15  ? 11.909  -7.605  7.461   1.00 36.65 ? 639  LYS A CE  1 
ATOM   102  N NZ  . LYS A 1 15  ? 10.923  -8.591  6.978   1.00 40.31 ? 639  LYS A NZ  1 
ATOM   103  N N   . THR A 1 16  ? 8.956   -4.301  5.226   1.00 16.70 ? 640  THR A N   1 
ATOM   104  C CA  . THR A 1 16  ? 7.736   -4.771  4.576   1.00 15.82 ? 640  THR A CA  1 
ATOM   105  C C   . THR A 1 16  ? 7.286   -3.852  3.484   1.00 15.92 ? 640  THR A C   1 
ATOM   106  O O   . THR A 1 16  ? 6.911   -4.294  2.351   1.00 14.44 ? 640  THR A O   1 
ATOM   107  C CB  . THR A 1 16  ? 6.644   -4.953  5.622   1.00 16.15 ? 640  THR A CB  1 
ATOM   108  O OG1 . THR A 1 16  ? 7.145   -5.774  6.656   1.00 15.93 ? 640  THR A OG1 1 
ATOM   109  C CG2 . THR A 1 16  ? 5.389   -5.654  5.006   1.00 16.23 ? 640  THR A CG2 1 
ATOM   110  N N   . LEU A 1 17  ? 7.333   -2.552  3.734   1.00 15.20 ? 641  LEU A N   1 
ATOM   111  C CA  . LEU A 1 17  ? 6.961   -1.598  2.747   1.00 14.88 ? 641  LEU A CA  1 
ATOM   112  C C   . LEU A 1 17  ? 7.877   -1.683  1.507   1.00 16.23 ? 641  LEU A C   1 
ATOM   113  O O   . LEU A 1 17  ? 7.411   -1.632  0.398   1.00 17.06 ? 641  LEU A O   1 
ATOM   114  C CB  . LEU A 1 17  ? 6.915   -0.157  3.361   1.00 17.30 ? 641  LEU A CB  1 
ATOM   115  C CG  . LEU A 1 17  ? 6.541   0.979   2.468   1.00 18.42 ? 641  LEU A CG  1 
ATOM   116  C CD1 . LEU A 1 17  ? 5.179   0.861   1.805   1.00 19.40 ? 641  LEU A CD1 1 
ATOM   117  C CD2 . LEU A 1 17  ? 6.619   2.279   3.289   1.00 20.03 ? 641  LEU A CD2 1 
ATOM   118  N N   . GLU A 1 18  ? 9.170   -1.821  1.753   1.00 18.79 ? 642  GLU A N   1 
ATOM   119  C CA  . GLU A 1 18  ? 10.108  -1.963  0.629   1.00 20.01 ? 642  GLU A CA  1 
ATOM   120  C C   . GLU A 1 18  ? 9.767   -3.208  -0.183  1.00 17.76 ? 642  GLU A C   1 
ATOM   121  O O   . GLU A 1 18  ? 9.793   -3.178  -1.440  1.00 18.83 ? 642  GLU A O   1 
ATOM   122  C CB  . GLU A 1 18  ? 11.520  -2.061  1.169   1.00 22.46 ? 642  GLU A CB  1 
ATOM   123  C CG  . GLU A 1 18  ? 12.069  -0.726  1.621   1.00 29.46 ? 642  GLU A CG  1 
ATOM   124  C CD  . GLU A 1 18  ? 13.288  -0.854  2.545   1.00 35.84 ? 642  GLU A CD  1 
ATOM   125  O OE1 . GLU A 1 18  ? 13.998  -1.883  2.489   1.00 41.37 ? 642  GLU A OE1 1 
ATOM   126  O OE2 . GLU A 1 18  ? 13.535  0.103   3.327   1.00 42.52 ? 642  GLU A OE2 1 
ATOM   127  N N   . GLN A 1 19  ? 9.494   -4.303  0.508   1.00 16.84 ? 643  GLN A N   1 
ATOM   128  C CA  . GLN A 1 19  ? 9.143   -5.570  -0.178  1.00 16.12 ? 643  GLN A CA  1 
ATOM   129  C C   . GLN A 1 19  ? 7.862   -5.442  -0.990  1.00 17.91 ? 643  GLN A C   1 
ATOM   130  O O   . GLN A 1 19  ? 7.736   -5.936  -2.114  1.00 18.08 ? 643  GLN A O   1 
ATOM   131  C CB  . GLN A 1 19  ? 8.996   -6.713  0.784   1.00 17.92 ? 643  GLN A CB  1 
ATOM   132  C CG  . GLN A 1 19  ? 10.301  -7.131  1.441   1.00 18.80 ? 643  GLN A CG  1 
ATOM   133  C CD  . GLN A 1 19  ? 10.183  -8.051  2.648   1.00 23.80 ? 643  GLN A CD  1 
ATOM   134  O OE1 . GLN A 1 19  ? 9.175   -8.075  3.370   1.00 25.18 ? 643  GLN A OE1 1 
ATOM   135  N NE2 . GLN A 1 19  ? 11.263  -8.781  2.922   1.00 27.67 ? 643  GLN A NE2 1 
ATOM   136  N N   . LEU A 1 20  ? 6.880   -4.747  -0.449  1.00 15.82 ? 644  LEU A N   1 
ATOM   137  C CA  . LEU A 1 20  ? 5.629   -4.540  -1.211  1.00 16.93 ? 644  LEU A CA  1 
ATOM   138  C C   . LEU A 1 20  ? 5.868   -3.654  -2.419  1.00 17.01 ? 644  LEU A C   1 
ATOM   139  O O   . LEU A 1 20  ? 5.362   -3.908  -3.529  1.00 17.30 ? 644  LEU A O   1 
ATOM   140  C CB  . LEU A 1 20  ? 4.527   -3.926  -0.313  1.00 17.80 ? 644  LEU A CB  1 
ATOM   141  C CG  . LEU A 1 20  ? 4.071   -4.842  0.811   1.00 18.74 ? 644  LEU A CG  1 
ATOM   142  C CD1 . LEU A 1 20  ? 3.244   -4.026  1.798   1.00 18.41 ? 644  LEU A CD1 1 
ATOM   143  C CD2 . LEU A 1 20  ? 3.293   -6.059  0.321   1.00 18.44 ? 644  LEU A CD2 1 
ATOM   144  N N   . GLN A 1 21  ? 6.621   -2.581  -2.225  1.00 18.07 ? 645  GLN A N   1 
ATOM   145  C CA  . GLN A 1 21  ? 6.935   -1.669  -3.289  1.00 18.18 ? 645  GLN A CA  1 
ATOM   146  C C   . GLN A 1 21  ? 7.710   -2.362  -4.424  1.00 17.73 ? 645  GLN A C   1 
ATOM   147  O O   . GLN A 1 21  ? 7.471   -2.054  -5.572  1.00 17.89 ? 645  GLN A O   1 
ATOM   148  C CB  . GLN A 1 21  ? 7.722   -0.480  -2.723  1.00 20.50 ? 645  GLN A CB  1 
ATOM   149  C CG  . GLN A 1 21  ? 7.798   0.674   -3.682  1.00 22.62 ? 645  GLN A CG  1 
ATOM   150  C CD  . GLN A 1 21  ? 7.645   2.055   -3.017  1.00 21.37 ? 645  GLN A CD  1 
ATOM   151  O OE1 . GLN A 1 21  ? 7.972   2.252   -1.806  1.00 25.06 ? 645  GLN A OE1 1 
ATOM   152  N NE2 . GLN A 1 21  ? 7.268   3.012   -3.809  1.00 22.30 ? 645  GLN A NE2 1 
ATOM   153  N N   . GLU A 1 22  ? 8.592   -3.297  -4.067  1.00 17.56 ? 646  GLU A N   1 
ATOM   154  C CA  . GLU A 1 22  ? 9.308   -4.082  -5.094  1.00 20.47 ? 646  GLU A CA  1 
ATOM   155  C C   . GLU A 1 22  ? 8.312   -4.779  -6.032  1.00 18.84 ? 646  GLU A C   1 
ATOM   156  O O   . GLU A 1 22  ? 8.632   -4.999  -7.213  1.00 21.09 ? 646  GLU A O   1 
ATOM   157  C CB  . GLU A 1 22  ? 10.212  -5.144  -4.478  1.00 24.49 ? 646  GLU A CB  1 
ATOM   158  C CG  . GLU A 1 22  ? 11.466  -4.680  -3.750  1.00 31.92 ? 646  GLU A CG  1 
ATOM   159  C CD  . GLU A 1 22  ? 12.312  -5.861  -3.289  1.00 37.83 ? 646  GLU A CD  1 
ATOM   160  O OE1 . GLU A 1 22  ? 12.022  -7.005  -3.736  1.00 41.68 ? 646  GLU A OE1 1 
ATOM   161  O OE2 . GLU A 1 22  ? 13.260  -5.643  -2.484  1.00 42.19 ? 646  GLU A OE2 1 
ATOM   162  N N   . LYS A 1 23  ? 7.139   -5.177  -5.545  1.00 17.08 ? 647  LYS A N   1 
ATOM   163  C CA  . LYS A 1 23  ? 6.139   -5.826  -6.413  1.00 15.43 ? 647  LYS A CA  1 
ATOM   164  C C   . LYS A 1 23  ? 5.462   -4.904  -7.412  1.00 15.57 ? 647  LYS A C   1 
ATOM   165  O O   . LYS A 1 23  ? 4.908   -5.336  -8.435  1.00 16.14 ? 647  LYS A O   1 
ATOM   166  C CB  . LYS A 1 23  ? 5.038   -6.519  -5.605  1.00 15.50 ? 647  LYS A CB  1 
ATOM   167  C CG  . LYS A 1 23  ? 5.501   -7.460  -4.513  1.00 16.94 ? 647  LYS A CG  1 
ATOM   168  C CD  . LYS A 1 23  ? 6.411   -8.574  -5.033  1.00 17.79 ? 647  LYS A CD  1 
ATOM   169  C CE  . LYS A 1 23  ? 6.822   -9.580  -4.001  1.00 20.23 ? 647  LYS A CE  1 
ATOM   170  N NZ  . LYS A 1 23  ? 7.721   -10.587 -4.629  1.00 21.83 ? 647  LYS A NZ  1 
ATOM   171  N N   . ASP A 1 24  ? 5.488   -3.603  -7.163  1.00 14.51 ? 648  ASP A N   1 
ATOM   172  C CA  . ASP A 1 24  ? 4.938   -2.628  -8.056  1.00 14.86 ? 648  ASP A CA  1 
ATOM   173  C C   . ASP A 1 24  ? 6.034   -2.268  -9.036  1.00 15.87 ? 648  ASP A C   1 
ATOM   174  O O   . ASP A 1 24  ? 6.667   -1.224  -8.944  1.00 16.01 ? 648  ASP A O   1 
ATOM   175  C CB  . ASP A 1 24  ? 4.491   -1.383  -7.255  1.00 15.52 ? 648  ASP A CB  1 
ATOM   176  C CG  . ASP A 1 24  ? 3.977   -0.251  -8.116  1.00 16.35 ? 648  ASP A CG  1 
ATOM   177  O OD1 . ASP A 1 24  ? 3.594   -0.436  -9.308  1.00 14.90 ? 648  ASP A OD1 1 
ATOM   178  O OD2 . ASP A 1 24  ? 4.005   0.895   -7.566  1.00 17.18 ? 648  ASP A OD2 1 
ATOM   179  N N   . THR A 1 25  ? 6.261   -3.171  -9.989  1.00 15.88 ? 649  THR A N   1 
ATOM   180  C CA  . THR A 1 25  ? 7.430   -2.997  -10.839 1.00 16.18 ? 649  THR A CA  1 
ATOM   181  C C   . THR A 1 25  ? 7.361   -1.810  -11.752 1.00 16.82 ? 649  THR A C   1 
ATOM   182  O O   . THR A 1 25  ? 8.432   -1.245  -12.070 1.00 18.47 ? 649  THR A O   1 
ATOM   183  C CB  . THR A 1 25  ? 7.694   -4.266  -11.660 1.00 15.12 ? 649  THR A CB  1 
ATOM   184  O OG1 . THR A 1 25  ? 6.594   -4.492  -12.540 1.00 16.32 ? 649  THR A OG1 1 
ATOM   185  C CG2 . THR A 1 25  ? 7.969   -5.456  -10.759 1.00 17.01 ? 649  THR A CG2 1 
ATOM   186  N N   . GLY A 1 26  ? 6.169   -1.406  -12.182 1.00 16.62 ? 650  GLY A N   1 
ATOM   187  C CA  . GLY A 1 26  ? 6.012   -0.202  -13.004 1.00 18.38 ? 650  GLY A CA  1 
ATOM   188  C C   . GLY A 1 26  ? 5.983   1.092   -12.209 1.00 18.86 ? 650  GLY A C   1 
ATOM   189  O O   . GLY A 1 26  ? 5.794   2.176   -12.761 1.00 19.09 ? 650  GLY A O   1 
ATOM   190  N N   . ASN A 1 27  ? 6.102   0.946   -10.900 1.00 17.74 ? 651  ASN A N   1 
ATOM   191  C CA  . ASN A 1 27  ? 6.015   2.087   -9.983  1.00 21.77 ? 651  ASN A CA  1 
ATOM   192  C C   . ASN A 1 27  ? 4.756   2.919   -10.157 1.00 20.45 ? 651  ASN A C   1 
ATOM   193  O O   . ASN A 1 27  ? 4.786   4.144   -9.936  1.00 21.20 ? 651  ASN A O   1 
ATOM   194  C CB  . ASN A 1 27  ? 7.286   2.968   -10.048 1.00 23.75 ? 651  ASN A CB  1 
ATOM   195  C CG  . ASN A 1 27  ? 8.421   2.406   -9.195  1.00 28.29 ? 651  ASN A CG  1 
ATOM   196  O OD1 . ASN A 1 27  ? 8.209   1.718   -8.186  1.00 28.52 ? 651  ASN A OD1 1 
ATOM   197  N ND2 . ASN A 1 27  ? 9.639   2.709   -9.588  1.00 34.94 ? 651  ASN A ND2 1 
ATOM   198  N N   . ILE A 1 28  ? 3.627   2.280   -10.488 1.00 18.88 ? 652  ILE A N   1 
ATOM   199  C CA  . ILE A 1 28  ? 2.428   3.068   -10.719 1.00 19.39 ? 652  ILE A CA  1 
ATOM   200  C C   . ILE A 1 28  ? 1.757   3.489   -9.398  1.00 17.45 ? 652  ILE A C   1 
ATOM   201  O O   . ILE A 1 28  ? 0.933   4.378   -9.423  1.00 18.23 ? 652  ILE A O   1 
ATOM   202  C CB  . ILE A 1 28  ? 1.418   2.450   -11.666 1.00 22.47 ? 652  ILE A CB  1 
ATOM   203  C CG1 . ILE A 1 28  ? 0.775   1.277   -11.001 1.00 20.34 ? 652  ILE A CG1 1 
ATOM   204  C CG2 . ILE A 1 28  ? 2.075   2.041   -12.990 1.00 23.51 ? 652  ILE A CG2 1 
ATOM   205  C CD1 . ILE A 1 28  ? -0.306  0.670   -11.862 1.00 21.87 ? 652  ILE A CD1 1 
ATOM   206  N N   . PHE A 1 29  ? 2.173   2.905   -8.280  1.00 16.49 ? 653  PHE A N   1 
ATOM   207  C CA  . PHE A 1 29  ? 1.595   3.285   -6.980  1.00 17.77 ? 653  PHE A CA  1 
ATOM   208  C C   . PHE A 1 29  ? 2.620   4.002   -6.119  1.00 18.95 ? 653  PHE A C   1 
ATOM   209  O O   . PHE A 1 29  ? 2.452   4.122   -4.902  1.00 18.87 ? 653  PHE A O   1 
ATOM   210  C CB  . PHE A 1 29  ? 1.101   2.044   -6.251  1.00 15.98 ? 653  PHE A CB  1 
ATOM   211  C CG  . PHE A 1 29  ? 0.111   1.221   -7.058  1.00 15.43 ? 653  PHE A CG  1 
ATOM   212  C CD1 . PHE A 1 29  ? -1.123  1.700   -7.408  1.00 15.79 ? 653  PHE A CD1 1 
ATOM   213  C CD2 . PHE A 1 29  ? 0.456   -0.056  -7.474  1.00 15.82 ? 653  PHE A CD2 1 
ATOM   214  C CE1 . PHE A 1 29  ? -2.002  0.924   -8.179  1.00 16.55 ? 653  PHE A CE1 1 
ATOM   215  C CE2 . PHE A 1 29  ? -0.394  -0.826  -8.221  1.00 15.91 ? 653  PHE A CE2 1 
ATOM   216  C CZ  . PHE A 1 29  ? -1.624  -0.343  -8.569  1.00 16.28 ? 653  PHE A CZ  1 
ATOM   217  N N   . SER A 1 30  ? 3.720   4.474   -6.720  1.00 19.06 ? 654  SER A N   1 
ATOM   218  C CA  . SER A 1 30  ? 4.779   5.085   -5.926  1.00 19.80 ? 654  SER A CA  1 
ATOM   219  C C   . SER A 1 30  ? 4.428   6.451   -5.339  1.00 19.45 ? 654  SER A C   1 
ATOM   220  O O   . SER A 1 30  ? 5.001   6.821   -4.308  1.00 20.36 ? 654  SER A O   1 
ATOM   221  C CB  . SER A 1 30  ? 6.080   5.164   -6.765  1.00 21.04 ? 654  SER A CB  1 
ATOM   222  O OG  . SER A 1 30  ? 5.833   5.964   -7.909  1.00 25.62 ? 654  SER A OG  1 
ATOM   223  N N   . GLU A 1 31  ? 3.569   7.165   -6.023  1.00 19.04 ? 655  GLU A N   1 
ATOM   224  C CA  . GLU A 1 31  ? 3.156   8.525   -5.664  1.00 21.88 ? 655  GLU A CA  1 
ATOM   225  C C   . GLU A 1 31  ? 1.678   8.679   -5.814  1.00 21.73 ? 655  GLU A C   1 
ATOM   226  O O   . GLU A 1 31  ? 1.009   7.870   -6.482  1.00 19.36 ? 655  GLU A O   1 
ATOM   227  C CB  . GLU A 1 31  ? 3.879   9.561   -6.536  1.00 24.44 ? 655  GLU A CB  1 
ATOM   228  C CG  . GLU A 1 31  ? 5.393   9.455   -6.554  1.00 28.53 ? 655  GLU A CG  1 
ATOM   229  C CD  . GLU A 1 31  ? 6.019   10.557  -7.441  1.00 33.78 ? 655  GLU A CD  1 
ATOM   230  O OE1 . GLU A 1 31  ? 5.620   11.734  -7.308  1.00 42.15 ? 655  GLU A OE1 1 
ATOM   231  O OE2 . GLU A 1 31  ? 6.881   10.263  -8.295  1.00 44.83 ? 655  GLU A OE2 1 
ATOM   232  N N   . PRO A 1 32  ? 1.103   9.735   -5.217  1.00 21.10 ? 656  PRO A N   1 
ATOM   233  C CA  . PRO A 1 32  ? -0.331  9.905   -5.350  1.00 21.10 ? 656  PRO A CA  1 
ATOM   234  C C   . PRO A 1 32  ? -0.789  9.946   -6.794  1.00 21.87 ? 656  PRO A C   1 
ATOM   235  O O   . PRO A 1 32  ? -0.079  10.478  -7.668  1.00 21.39 ? 656  PRO A O   1 
ATOM   236  C CB  . PRO A 1 32  ? -0.594  11.276  -4.670  1.00 21.53 ? 656  PRO A CB  1 
ATOM   237  C CG  . PRO A 1 32  ? 0.511   11.388  -3.699  1.00 22.38 ? 656  PRO A CG  1 
ATOM   238  C CD  . PRO A 1 32  ? 1.706   10.824  -4.423  1.00 21.96 ? 656  PRO A CD  1 
ATOM   239  N N   . VAL A 1 33  ? -1.971  9.406   -7.067  1.00 22.13 ? 657  VAL A N   1 
ATOM   240  C CA  . VAL A 1 33  ? -2.524  9.486   -8.404  1.00 22.36 ? 657  VAL A CA  1 
ATOM   241  C C   . VAL A 1 33  ? -2.565  10.965  -8.798  1.00 25.95 ? 657  VAL A C   1 
ATOM   242  O O   . VAL A 1 33  ? -3.066  11.772  -8.016  1.00 24.65 ? 657  VAL A O   1 
ATOM   243  C CB  . VAL A 1 33  ? -3.912  8.844   -8.450  1.00 23.29 ? 657  VAL A CB  1 
ATOM   244  C CG1 . VAL A 1 33  ? -4.620  9.145   -9.749  1.00 23.64 ? 657  VAL A CG1 1 
ATOM   245  C CG2 . VAL A 1 33  ? -3.790  7.336   -8.216  1.00 21.68 ? 657  VAL A CG2 1 
ATOM   246  N N   . PRO A 1 34  ? -2.008  11.326  -9.967  1.00 25.67 ? 658  PRO A N   1 
ATOM   247  C CA  . PRO A 1 34  ? -1.838  12.750  -10.292 1.00 29.43 ? 658  PRO A CA  1 
ATOM   248  C C   . PRO A 1 34  ? -3.183  13.361  -10.562 1.00 30.55 ? 658  PRO A C   1 
ATOM   249  O O   . PRO A 1 34  ? -3.756  13.144  -11.633 1.00 31.49 ? 658  PRO A O   1 
ATOM   250  C CB  . PRO A 1 34  ? -0.980  12.720  -11.562 1.00 28.02 ? 658  PRO A CB  1 
ATOM   251  C CG  . PRO A 1 34  ? -1.260  11.379  -12.174 1.00 28.52 ? 658  PRO A CG  1 
ATOM   252  C CD  . PRO A 1 34  ? -1.365  10.472  -10.978 1.00 26.34 ? 658  PRO A CD  1 
ATOM   253  N N   . LEU A 1 35  ? -3.712  14.085  -9.577  1.00 31.57 ? 659  LEU A N   1 
ATOM   254  C CA  . LEU A 1 35  ? -5.072  14.592  -9.689  1.00 35.14 ? 659  LEU A CA  1 
ATOM   255  C C   . LEU A 1 35  ? -5.192  15.627  -10.811 1.00 37.26 ? 659  LEU A C   1 
ATOM   256  O O   . LEU A 1 35  ? -6.296  15.877  -11.299 1.00 35.02 ? 659  LEU A O   1 
ATOM   257  C CB  . LEU A 1 35  ? -5.556  15.171  -8.359  1.00 36.53 ? 659  LEU A CB  1 
ATOM   258  C CG  . LEU A 1 35  ? -5.634  14.158  -7.212  1.00 37.95 ? 659  LEU A CG  1 
ATOM   259  C CD1 . LEU A 1 35  ? -5.986  14.880  -5.925  1.00 39.50 ? 659  LEU A CD1 1 
ATOM   260  C CD2 . LEU A 1 35  ? -6.632  13.032  -7.495  1.00 35.97 ? 659  LEU A CD2 1 
ATOM   261  N N   . SER A 1 36  ? -4.060  16.215  -11.206 1.00 36.78 ? 660  SER A N   1 
ATOM   262  C CA  . SER A 1 36  ? -3.997  17.049  -12.403 1.00 39.51 ? 660  SER A CA  1 
ATOM   263  C C   . SER A 1 36  ? -4.257  16.247  -13.675 1.00 41.26 ? 660  SER A C   1 
ATOM   264  O O   . SER A 1 36  ? -4.799  16.777  -14.638 1.00 40.33 ? 660  SER A O   1 
ATOM   265  C CB  . SER A 1 36  ? -2.628  17.733  -12.514 1.00 40.68 ? 660  SER A CB  1 
ATOM   266  O OG  . SER A 1 36  ? -1.582  16.783  -12.401 1.00 42.63 ? 660  SER A OG  1 
ATOM   267  N N   . GLU A 1 37  ? -3.842  14.983  -13.679 1.00 39.68 ? 661  GLU A N   1 
ATOM   268  C CA  . GLU A 1 37  ? -3.948  14.125  -14.866 1.00 39.77 ? 661  GLU A CA  1 
ATOM   269  C C   . GLU A 1 37  ? -5.231  13.337  -14.925 1.00 38.49 ? 661  GLU A C   1 
ATOM   270  O O   . GLU A 1 37  ? -5.609  12.845  -15.985 1.00 42.01 ? 661  GLU A O   1 
ATOM   271  C CB  . GLU A 1 37  ? -2.818  13.106  -14.894 1.00 43.29 ? 661  GLU A CB  1 
ATOM   272  C CG  . GLU A 1 37  ? -1.533  13.549  -15.551 1.00 50.06 ? 661  GLU A CG  1 
ATOM   273  C CD  . GLU A 1 37  ? -0.553  12.388  -15.668 1.00 54.38 ? 661  GLU A CD  1 
ATOM   274  O OE1 . GLU A 1 37  ? -0.984  11.255  -16.021 1.00 56.56 ? 661  GLU A OE1 1 
ATOM   275  O OE2 . GLU A 1 37  ? 0.646   12.609  -15.388 1.00 59.76 ? 661  GLU A OE2 1 
ATOM   276  N N   . VAL A 1 38  ? -5.889  13.178  -13.790 1.00 37.80 ? 662  VAL A N   1 
ATOM   277  C CA  . VAL A 1 38  ? -7.107  12.396  -13.736 1.00 38.04 ? 662  VAL A CA  1 
ATOM   278  C C   . VAL A 1 38  ? -8.113  13.185  -12.884 1.00 34.81 ? 662  VAL A C   1 
ATOM   279  O O   . VAL A 1 38  ? -8.423  12.825  -11.757 1.00 33.68 ? 662  VAL A O   1 
ATOM   280  C CB  . VAL A 1 38  ? -6.795  10.943  -13.249 1.00 38.51 ? 662  VAL A CB  1 
ATOM   281  C CG1 . VAL A 1 38  ? -6.196  10.929  -11.859 1.00 39.61 ? 662  VAL A CG1 1 
ATOM   282  C CG2 . VAL A 1 38  ? -8.019  10.072  -13.343 1.00 37.18 ? 662  VAL A CG2 1 
ATOM   283  N N   . PRO A 1 39  ? -8.593  14.325  -13.423 1.00 39.53 ? 663  PRO A N   1 
ATOM   284  C CA  . PRO A 1 39  ? -9.524  15.218  -12.709 1.00 37.34 ? 663  PRO A CA  1 
ATOM   285  C C   . PRO A 1 39  ? -10.781 14.589  -12.073 1.00 37.72 ? 663  PRO A C   1 
ATOM   286  O O   . PRO A 1 39  ? -11.315 15.134  -11.097 1.00 35.36 ? 663  PRO A O   1 
ATOM   287  C CB  . PRO A 1 39  ? -9.957  16.208  -13.803 1.00 37.44 ? 663  PRO A CB  1 
ATOM   288  C CG  . PRO A 1 39  ? -8.890  16.175  -14.848 1.00 39.49 ? 663  PRO A CG  1 
ATOM   289  C CD  . PRO A 1 39  ? -8.027  14.962  -14.625 1.00 38.83 ? 663  PRO A CD  1 
ATOM   290  N N   . ASP A 1 40  ? -11.275 13.469  -12.611 1.00 32.05 ? 664  ASP A N   1 
ATOM   291  C CA  . ASP A 1 40  ? -12.466 12.845  -12.037 1.00 32.36 ? 664  ASP A CA  1 
ATOM   292  C C   . ASP A 1 40  ? -12.146 11.803  -10.961 1.00 32.67 ? 664  ASP A C   1 
ATOM   293  O O   . ASP A 1 40  ? -13.038 11.111  -10.481 1.00 35.57 ? 664  ASP A O   1 
ATOM   294  C CB  . ASP A 1 40  ? -13.269 12.166  -13.141 1.00 34.60 ? 664  ASP A CB  1 
ATOM   295  C CG  . ASP A 1 40  ? -12.654 10.836  -13.584 1.00 34.53 ? 664  ASP A CG  1 
ATOM   296  O OD1 . ASP A 1 40  ? -11.419 10.669  -13.516 1.00 36.89 ? 664  ASP A OD1 1 
ATOM   297  O OD2 . ASP A 1 40  ? -13.421 9.986   -14.044 1.00 40.26 ? 664  ASP A OD2 1 
ATOM   298  N N   . TYR A 1 41  ? -10.884 11.687  -10.573 1.00 33.58 ? 665  TYR A N   1 
ATOM   299  C CA  . TYR A 1 41  ? -10.476 10.609  -9.689  1.00 32.03 ? 665  TYR A CA  1 
ATOM   300  C C   . TYR A 1 41  ? -11.189 10.669  -8.340  1.00 33.15 ? 665  TYR A C   1 
ATOM   301  O O   . TYR A 1 41  ? -11.625 9.644   -7.804  1.00 32.77 ? 665  TYR A O   1 
ATOM   302  C CB  . TYR A 1 41  ? -8.958  10.638  -9.510  1.00 29.98 ? 665  TYR A CB  1 
ATOM   303  C CG  . TYR A 1 41  ? -8.422  9.416   -8.790  1.00 26.87 ? 665  TYR A CG  1 
ATOM   304  C CD1 . TYR A 1 41  ? -8.332  8.175   -9.445  1.00 27.22 ? 665  TYR A CD1 1 
ATOM   305  C CD2 . TYR A 1 41  ? -8.040  9.478   -7.473  1.00 27.63 ? 665  TYR A CD2 1 
ATOM   306  C CE1 . TYR A 1 41  ? -7.853  7.051   -8.765  1.00 25.06 ? 665  TYR A CE1 1 
ATOM   307  C CE2 . TYR A 1 41  ? -7.549  8.381   -6.807  1.00 25.52 ? 665  TYR A CE2 1 
ATOM   308  C CZ  . TYR A 1 41  ? -7.461  7.167   -7.452  1.00 23.87 ? 665  TYR A CZ  1 
ATOM   309  O OH  . TYR A 1 41  ? -6.985  6.096   -6.721  1.00 21.32 ? 665  TYR A OH  1 
ATOM   310  N N   . LEU A 1 42  ? -11.356 11.886  -7.820  1.00 35.27 ? 666  LEU A N   1 
ATOM   311  C CA  . LEU A 1 42  ? -11.919 12.078  -6.497  1.00 36.54 ? 666  LEU A CA  1 
ATOM   312  C C   . LEU A 1 42  ? -13.447 11.977  -6.447  1.00 38.00 ? 666  LEU A C   1 
ATOM   313  O O   . LEU A 1 42  ? -14.007 11.954  -5.355  1.00 36.19 ? 666  LEU A O   1 
ATOM   314  C CB  . LEU A 1 42  ? -11.456 13.419  -5.913  1.00 37.28 ? 666  LEU A CB  1 
ATOM   315  C CG  . LEU A 1 42  ? -9.996  13.522  -5.450  1.00 38.72 ? 666  LEU A CG  1 
ATOM   316  C CD1 . LEU A 1 42  ? -9.727  14.885  -4.812  1.00 38.68 ? 666  LEU A CD1 1 
ATOM   317  C CD2 . LEU A 1 42  ? -9.647  12.414  -4.466  1.00 38.56 ? 666  LEU A CD2 1 
ATOM   318  N N   . ASP A 1 43  ? -14.105 11.869  -7.602  1.00 39.40 ? 667  ASP A N   1 
ATOM   319  C CA  . ASP A 1 43  ? -15.562 11.690  -7.646  1.00 39.47 ? 667  ASP A CA  1 
ATOM   320  C C   . ASP A 1 43  ? -16.001 10.485  -6.812  1.00 40.70 ? 667  ASP A C   1 
ATOM   321  O O   . ASP A 1 43  ? -16.922 10.594  -5.988  1.00 45.58 ? 667  ASP A O   1 
ATOM   322  C CB  . ASP A 1 43  ? -16.073 11.546  -9.097  1.00 39.60 ? 667  ASP A CB  1 
ATOM   323  C CG  . ASP A 1 43  ? -15.851 12.815  -9.951  1.00 40.98 ? 667  ASP A CG  1 
ATOM   324  O OD1 . ASP A 1 43  ? -15.239 13.783  -9.453  1.00 38.65 ? 667  ASP A OD1 1 
ATOM   325  O OD2 . ASP A 1 43  ? -16.269 12.839  -11.145 1.00 42.04 ? 667  ASP A OD2 1 
ATOM   326  N N   . HIS A 1 44  ? -15.331 9.346   -6.996  1.00 40.47 ? 668  HIS A N   1 
ATOM   327  C CA  . HIS A 1 44  ? -15.693 8.127   -6.258  1.00 40.73 ? 668  HIS A CA  1 
ATOM   328  C C   . HIS A 1 44  ? -14.591 7.470   -5.429  1.00 37.80 ? 668  HIS A C   1 
ATOM   329  O O   . HIS A 1 44  ? -14.847 6.455   -4.743  1.00 36.68 ? 668  HIS A O   1 
ATOM   330  C CB  . HIS A 1 44  ? -16.304 7.114   -7.225  1.00 43.41 ? 668  HIS A CB  1 
ATOM   331  C CG  . HIS A 1 44  ? -17.471 7.660   -7.977  1.00 45.18 ? 668  HIS A CG  1 
ATOM   332  N ND1 . HIS A 1 44  ? -18.719 7.801   -7.407  1.00 45.02 ? 668  HIS A ND1 1 
ATOM   333  C CD2 . HIS A 1 44  ? -17.570 8.154   -9.234  1.00 45.84 ? 668  HIS A CD2 1 
ATOM   334  C CE1 . HIS A 1 44  ? -19.544 8.335   -8.292  1.00 44.47 ? 668  HIS A CE1 1 
ATOM   335  N NE2 . HIS A 1 44  ? -18.872 8.558   -9.407  1.00 45.95 ? 668  HIS A NE2 1 
ATOM   336  N N   . ILE A 1 45  ? -13.383 8.038   -5.470  1.00 33.82 ? 669  ILE A N   1 
ATOM   337  C CA  . ILE A 1 45  ? -12.328 7.624   -4.548  1.00 29.96 ? 669  ILE A CA  1 
ATOM   338  C C   . ILE A 1 45  ? -12.223 8.567   -3.324  1.00 32.37 ? 669  ILE A C   1 
ATOM   339  O O   . ILE A 1 45  ? -11.745 9.703   -3.452  1.00 33.86 ? 669  ILE A O   1 
ATOM   340  C CB  . ILE A 1 45  ? -10.957 7.494   -5.250  1.00 28.76 ? 669  ILE A CB  1 
ATOM   341  C CG1 . ILE A 1 45  ? -11.030 6.563   -6.469  1.00 27.55 ? 669  ILE A CG1 1 
ATOM   342  C CG2 . ILE A 1 45  ? -9.940  6.915   -4.281  1.00 26.48 ? 669  ILE A CG2 1 
ATOM   343  C CD1 . ILE A 1 45  ? -11.458 5.140   -6.196  1.00 27.26 ? 669  ILE A CD1 1 
ATOM   344  N N   . LYS A 1 46  ? -12.613 8.047   -2.158  1.00 31.91 ? 670  LYS A N   1 
ATOM   345  C CA  . LYS A 1 46  ? -12.758 8.832   -0.915  1.00 36.52 ? 670  LYS A CA  1 
ATOM   346  C C   . LYS A 1 46  ? -11.442 9.077   -0.213  1.00 34.80 ? 670  LYS A C   1 
ATOM   347  O O   . LYS A 1 46  ? -11.235 10.137  0.373   1.00 34.53 ? 670  LYS A O   1 
ATOM   348  C CB  . LYS A 1 46  ? -13.667 8.119   0.100   1.00 41.66 ? 670  LYS A CB  1 
ATOM   349  C CG  . LYS A 1 46  ? -15.156 8.104   -0.222  1.00 49.36 ? 670  LYS A CG  1 
ATOM   350  C CD  . LYS A 1 46  ? -16.013 8.011   1.048   1.00 55.36 ? 670  LYS A CD  1 
ATOM   351  C CE  . LYS A 1 46  ? -17.186 7.039   0.927   1.00 57.27 ? 670  LYS A CE  1 
ATOM   352  N NZ  . LYS A 1 46  ? -17.914 7.112   -0.372  1.00 60.16 ? 670  LYS A NZ  1 
ATOM   353  N N   . LYS A 1 47  ? -10.560 8.076   -0.243  1.00 30.85 ? 671  LYS A N   1 
ATOM   354  C CA  . LYS A 1 47  ? -9.256  8.163   0.404   1.00 27.59 ? 671  LYS A CA  1 
ATOM   355  C C   . LYS A 1 47  ? -8.155  7.635   -0.543  1.00 25.78 ? 671  LYS A C   1 
ATOM   356  O O   . LYS A 1 47  ? -7.818  6.448   -0.479  1.00 24.10 ? 671  LYS A O   1 
ATOM   357  C CB  . LYS A 1 47  ? -9.233  7.375   1.710   1.00 28.56 ? 671  LYS A CB  1 
ATOM   358  C CG  . LYS A 1 47  ? -7.949  7.625   2.515   1.00 33.61 ? 671  LYS A CG  1 
ATOM   359  C CD  . LYS A 1 47  ? -7.945  6.976   3.900   1.00 37.58 ? 671  LYS A CD  1 
ATOM   360  C CE  . LYS A 1 47  ? -6.552  7.021   4.509   1.00 39.15 ? 671  LYS A CE  1 
ATOM   361  N NZ  . LYS A 1 47  ? -6.535  6.813   5.984   1.00 42.18 ? 671  LYS A NZ  1 
ATOM   362  N N   . PRO A 1 48  ? -7.609  8.528   -1.369  1.00 24.65 ? 672  PRO A N   1 
ATOM   363  C CA  . PRO A 1 48  ? -6.413  8.145   -2.123  1.00 24.50 ? 672  PRO A CA  1 
ATOM   364  C C   . PRO A 1 48  ? -5.313  7.604   -1.230  1.00 22.89 ? 672  PRO A C   1 
ATOM   365  O O   . PRO A 1 48  ? -5.165  8.020   -0.072  1.00 23.21 ? 672  PRO A O   1 
ATOM   366  C CB  . PRO A 1 48  ? -6.014  9.437   -2.846  1.00 24.80 ? 672  PRO A CB  1 
ATOM   367  C CG  . PRO A 1 48  ? -7.284  10.200  -2.961  1.00 26.87 ? 672  PRO A CG  1 
ATOM   368  C CD  . PRO A 1 48  ? -8.031  9.903   -1.702  1.00 26.51 ? 672  PRO A CD  1 
ATOM   369  N N   . MET A 1 49  ? -4.513  6.663   -1.779  1.00 18.94 ? 673  MET A N   1 
ATOM   370  C CA  . MET A 1 49  ? -3.370  6.174   -1.087  1.00 18.08 ? 673  MET A CA  1 
ATOM   371  C C   . MET A 1 49  ? -2.317  5.749   -2.103  1.00 17.31 ? 673  MET A C   1 
ATOM   372  O O   . MET A 1 49  ? -2.655  5.476   -3.271  1.00 19.00 ? 673  MET A O   1 
ATOM   373  C CB  . MET A 1 49  ? -3.733  5.040   -0.125  1.00 17.89 ? 673  MET A CB  1 
ATOM   374  C CG  . MET A 1 49  ? -2.642  4.581   0.797   1.00 17.04 ? 673  MET A CG  1 
ATOM   375  S SD  . MET A 1 49  ? -1.811  5.909   1.727   1.00 18.57 ? 673  MET A SD  1 
ATOM   376  C CE  . MET A 1 49  ? -3.137  6.830   2.571   1.00 18.71 ? 673  MET A CE  1 
ATOM   377  N N   . ASP A 1 50  ? -1.063  5.795   -1.647  1.00 16.84 ? 674  ASP A N   1 
ATOM   378  C CA  . ASP A 1 50  ? 0.114   5.457   -2.453  1.00 17.14 ? 674  ASP A CA  1 
ATOM   379  C C   . ASP A 1 50  ? 1.286   5.135   -1.550  1.00 17.03 ? 674  ASP A C   1 
ATOM   380  O O   . ASP A 1 50  ? 1.252   5.390   -0.334  1.00 16.49 ? 674  ASP A O   1 
ATOM   381  C CB  . ASP A 1 50  ? 0.448   6.630   -3.346  1.00 17.69 ? 674  ASP A CB  1 
ATOM   382  C CG  . ASP A 1 50  ? 0.958   7.792   -2.551  1.00 18.40 ? 674  ASP A CG  1 
ATOM   383  O OD1 . ASP A 1 50  ? 0.073   8.530   -2.069  1.00 20.99 ? 674  ASP A OD1 1 
ATOM   384  O OD2 . ASP A 1 50  ? 2.192   7.866   -2.368  1.00 18.82 ? 674  ASP A OD2 1 
ATOM   385  N N   . PHE A 1 51  ? 2.392   4.587   -2.070  1.00 15.64 ? 675  PHE A N   1 
ATOM   386  C CA  . PHE A 1 51  ? 3.459   4.155   -1.239  1.00 16.06 ? 675  PHE A CA  1 
ATOM   387  C C   . PHE A 1 51  ? 4.287   5.303   -0.587  1.00 16.41 ? 675  PHE A C   1 
ATOM   388  O O   . PHE A 1 51  ? 4.898   5.060   0.443   1.00 17.68 ? 675  PHE A O   1 
ATOM   389  C CB  . PHE A 1 51  ? 4.407   3.223   -2.011  1.00 16.13 ? 675  PHE A CB  1 
ATOM   390  C CG  . PHE A 1 51  ? 3.871   1.847   -2.248  1.00 16.30 ? 675  PHE A CG  1 
ATOM   391  C CD1 . PHE A 1 51  ? 3.541   1.026   -1.205  1.00 17.19 ? 675  PHE A CD1 1 
ATOM   392  C CD2 . PHE A 1 51  ? 3.835   1.338   -3.541  1.00 16.31 ? 675  PHE A CD2 1 
ATOM   393  C CE1 . PHE A 1 51  ? 3.111   -0.265  -1.427  1.00 17.37 ? 675  PHE A CE1 1 
ATOM   394  C CE2 . PHE A 1 51  ? 3.379   0.056   -3.768  1.00 16.71 ? 675  PHE A CE2 1 
ATOM   395  C CZ  . PHE A 1 51  ? 3.014   -0.729  -2.722  1.00 16.61 ? 675  PHE A CZ  1 
ATOM   396  N N   . PHE A 1 52  ? 4.378   6.418   -1.273  1.00 17.28 ? 676  PHE A N   1 
ATOM   397  C CA  . PHE A 1 52  ? 5.085   7.595   -0.690  1.00 18.60 ? 676  PHE A CA  1 
ATOM   398  C C   . PHE A 1 52  ? 4.344   8.087   0.554   1.00 17.73 ? 676  PHE A C   1 
ATOM   399  O O   . PHE A 1 52  ? 4.972   8.289   1.606   1.00 18.48 ? 676  PHE A O   1 
ATOM   400  C CB  . PHE A 1 52  ? 5.242   8.725   -1.701  1.00 20.42 ? 676  PHE A CB  1 
ATOM   401  C CG  . PHE A 1 52  ? 5.973   9.928   -1.133  1.00 25.47 ? 676  PHE A CG  1 
ATOM   402  C CD1 . PHE A 1 52  ? 7.298   9.814   -0.761  1.00 28.09 ? 676  PHE A CD1 1 
ATOM   403  C CD2 . PHE A 1 52  ? 5.303   11.107  -0.927  1.00 28.50 ? 676  PHE A CD2 1 
ATOM   404  C CE1 . PHE A 1 52  ? 7.967   10.910  -0.215  1.00 31.30 ? 676  PHE A CE1 1 
ATOM   405  C CE2 . PHE A 1 52  ? 5.965   12.210  -0.398  1.00 29.85 ? 676  PHE A CE2 1 
ATOM   406  C CZ  . PHE A 1 52  ? 7.283   12.091  -0.045  1.00 29.96 ? 676  PHE A CZ  1 
ATOM   407  N N   . THR A 1 53  ? 3.043   8.259   0.412   1.00 17.87 ? 677  THR A N   1 
ATOM   408  C CA  . THR A 1 53  ? 2.185   8.640   1.524   1.00 17.84 ? 677  THR A CA  1 
ATOM   409  C C   . THR A 1 53  ? 2.319   7.617   2.624   1.00 18.15 ? 677  THR A C   1 
ATOM   410  O O   . THR A 1 53  ? 2.427   7.936   3.823   1.00 18.11 ? 677  THR A O   1 
ATOM   411  C CB  . THR A 1 53  ? 0.735   8.776   1.075   1.00 18.24 ? 677  THR A CB  1 
ATOM   412  O OG1 . THR A 1 53  ? 0.642   9.809   0.103   1.00 20.00 ? 677  THR A OG1 1 
ATOM   413  C CG2 . THR A 1 53  ? -0.164  9.121   2.229   1.00 19.43 ? 677  THR A CG2 1 
ATOM   414  N N   . MET A 1 54  ? 2.322   6.322   2.305   1.00 16.38 ? 678  MET A N   1 
ATOM   415  C CA  . MET A 1 54  ? 2.550   5.329   3.336   1.00 16.06 ? 678  MET A CA  1 
ATOM   416  C C   . MET A 1 54  ? 3.879   5.502   4.058   1.00 16.53 ? 678  MET A C   1 
ATOM   417  O O   . MET A 1 54  ? 3.973   5.337   5.232   1.00 16.06 ? 678  MET A O   1 
ATOM   418  C CB  . MET A 1 54  ? 2.506   3.881   2.813   1.00 17.08 ? 678  MET A CB  1 
ATOM   419  C CG  . MET A 1 54  ? 1.120   3.489   2.397   1.00 15.96 ? 678  MET A CG  1 
ATOM   420  S SD  . MET A 1 54  ? 0.938   1.726   2.016   1.00 16.53 ? 678  MET A SD  1 
ATOM   421  C CE  . MET A 1 54  ? 1.148   1.001   3.613   1.00 17.60 ? 678  MET A CE  1 
ATOM   422  N N   . LYS A 1 55  ? 4.945   5.798   3.334   1.00 17.91 ? 679  LYS A N   1 
ATOM   423  C CA  . LYS A 1 55  ? 6.259   5.981   4.000   1.00 18.55 ? 679  LYS A CA  1 
ATOM   424  C C   . LYS A 1 55  ? 6.178   7.195   4.934   1.00 16.74 ? 679  LYS A C   1 
ATOM   425  O O   . LYS A 1 55  ? 6.717   7.143   6.033   1.00 18.00 ? 679  LYS A O   1 
ATOM   426  C CB  . LYS A 1 55  ? 7.318   6.223   2.917   1.00 20.23 ? 679  LYS A CB  1 
ATOM   427  C CG  . LYS A 1 55  ? 8.717   6.576   3.420   1.00 21.71 ? 679  LYS A CG  1 
ATOM   428  C CD  . LYS A 1 55  ? 9.346   5.537   4.292   1.00 23.14 ? 679  LYS A CD  1 
ATOM   429  C CE  . LYS A 1 55  ? 10.825  5.925   4.522   1.00 27.51 ? 679  LYS A CE  1 
ATOM   430  N NZ  . LYS A 1 55  ? 11.502  4.889   5.332   1.00 28.97 ? 679  LYS A NZ  1 
ATOM   431  N N   . GLN A 1 56  ? 5.541   8.234   4.476   1.00 17.39 ? 680  GLN A N   1 
ATOM   432  C CA  . GLN A 1 56  ? 5.421   9.447   5.362   1.00 18.94 ? 680  GLN A CA  1 
ATOM   433  C C   . GLN A 1 56  ? 4.652   9.084   6.624   1.00 20.48 ? 680  GLN A C   1 
ATOM   434  O O   . GLN A 1 56  ? 5.010   9.489   7.725   1.00 21.27 ? 680  GLN A O   1 
ATOM   435  C CB  . GLN A 1 56  ? 4.727   10.572  4.667   1.00 22.09 ? 680  GLN A CB  1 
ATOM   436  C CG  . GLN A 1 56  ? 5.440   11.083  3.420   1.00 27.33 ? 680  GLN A CG  1 
ATOM   437  C CD  . GLN A 1 56  ? 4.664   12.229  2.790   1.00 31.96 ? 680  GLN A CD  1 
ATOM   438  O OE1 . GLN A 1 56  ? 3.546   12.055  2.287   1.00 35.13 ? 680  GLN A OE1 1 
ATOM   439  N NE2 . GLN A 1 56  ? 5.250   13.434  2.839   1.00 37.64 ? 680  GLN A NE2 1 
ATOM   440  N N   . ASN A 1 57  ? 3.564   8.336   6.480   1.00 18.78 ? 681  ASN A N   1 
ATOM   441  C CA  . ASN A 1 57  ? 2.791   7.952   7.636   1.00 18.54 ? 681  ASN A CA  1 
ATOM   442  C C   . ASN A 1 57  ? 3.597   7.123   8.585   1.00 19.19 ? 681  ASN A C   1 
ATOM   443  O O   . ASN A 1 57  ? 3.531   7.226   9.841   1.00 18.50 ? 681  ASN A O   1 
ATOM   444  C CB  . ASN A 1 57  ? 1.506   7.193   7.205   1.00 17.68 ? 681  ASN A CB  1 
ATOM   445  C CG  . ASN A 1 57  ? 0.468   8.071   6.538   1.00 19.75 ? 681  ASN A CG  1 
ATOM   446  O OD1 . ASN A 1 57  ? 0.484   9.293   6.623   1.00 21.01 ? 681  ASN A OD1 1 
ATOM   447  N ND2 . ASN A 1 57  ? -0.448  7.452   5.802   1.00 19.49 ? 681  ASN A ND2 1 
ATOM   448  N N   . LEU A 1 58  ? 4.376   6.195   8.032   1.00 15.67 ? 682  LEU A N   1 
ATOM   449  C CA  . LEU A 1 58  ? 5.184   5.318   8.810   1.00 17.24 ? 682  LEU A CA  1 
ATOM   450  C C   . LEU A 1 58  ? 6.169   6.149   9.654   1.00 19.23 ? 682  LEU A C   1 
ATOM   451  O O   . LEU A 1 58  ? 6.307   5.932   10.851  1.00 19.63 ? 682  LEU A O   1 
ATOM   452  C CB  . LEU A 1 58  ? 5.953   4.317   7.879   1.00 17.68 ? 682  LEU A CB  1 
ATOM   453  C CG  . LEU A 1 58  ? 6.700   3.144   8.499   1.00 19.73 ? 682  LEU A CG  1 
ATOM   454  C CD1 . LEU A 1 58  ? 7.214   2.223   7.393   1.00 21.81 ? 682  LEU A CD1 1 
ATOM   455  C CD2 . LEU A 1 58  ? 7.923   3.593   9.276   1.00 20.46 ? 682  LEU A CD2 1 
ATOM   456  N N   . GLU A 1 59  ? 6.839   7.061   8.978   1.00 20.18 ? 683  GLU A N   1 
ATOM   457  C CA  . GLU A 1 59  ? 7.864   7.841   9.656   1.00 22.99 ? 683  GLU A CA  1 
ATOM   458  C C   . GLU A 1 59  ? 7.260   8.865   10.604  1.00 22.78 ? 683  GLU A C   1 
ATOM   459  O O   . GLU A 1 59  ? 7.959   9.279   11.533  1.00 25.06 ? 683  GLU A O   1 
ATOM   460  C CB  . GLU A 1 59  ? 8.777   8.517   8.649   1.00 25.35 ? 683  GLU A CB  1 
ATOM   461  C CG  . GLU A 1 59  ? 9.605   7.550   7.785   1.00 25.26 ? 683  GLU A CG  1 
ATOM   462  C CD  . GLU A 1 59  ? 10.431  6.490   8.523   1.00 26.97 ? 683  GLU A CD  1 
ATOM   463  O OE1 . GLU A 1 59  ? 10.769  6.632   9.728   1.00 26.46 ? 683  GLU A OE1 1 
ATOM   464  O OE2 . GLU A 1 59  ? 10.799  5.477   7.871   1.00 24.91 ? 683  GLU A OE2 1 
ATOM   465  N N   . ALA A 1 60  ? 6.012   9.275   10.372  1.00 21.57 ? 684  ALA A N   1 
ATOM   466  C CA  . ALA A 1 60  ? 5.246   10.137  11.311  1.00 20.91 ? 684  ALA A CA  1 
ATOM   467  C C   . ALA A 1 60  ? 4.672   9.369   12.524  1.00 21.06 ? 684  ALA A C   1 
ATOM   468  O O   . ALA A 1 60  ? 3.996   9.967   13.355  1.00 20.98 ? 684  ALA A O   1 
ATOM   469  C CB  . ALA A 1 60  ? 4.138   10.887  10.574  1.00 21.44 ? 684  ALA A CB  1 
ATOM   470  N N   . TYR A 1 61  ? 4.953   8.069   12.641  1.00 19.87 ? 685  TYR A N   1 
ATOM   471  C CA  . TYR A 1 61  ? 4.476   7.180   13.722  1.00 21.84 ? 685  TYR A CA  1 
ATOM   472  C C   . TYR A 1 61  ? 2.955   7.031   13.692  1.00 21.81 ? 685  TYR A C   1 
ATOM   473  O O   . TYR A 1 61  ? 2.336   6.833   14.747  1.00 22.14 ? 685  TYR A O   1 
ATOM   474  C CB  . TYR A 1 61  ? 4.950   7.646   15.132  1.00 24.23 ? 685  TYR A CB  1 
ATOM   475  C CG  . TYR A 1 61  ? 6.450   7.660   15.351  1.00 26.92 ? 685  TYR A CG  1 
ATOM   476  C CD1 . TYR A 1 61  ? 7.351   7.130   14.419  1.00 30.39 ? 685  TYR A CD1 1 
ATOM   477  C CD2 . TYR A 1 61  ? 6.981   8.205   16.530  1.00 29.97 ? 685  TYR A CD2 1 
ATOM   478  C CE1 . TYR A 1 61  ? 8.719   7.168   14.644  1.00 33.18 ? 685  TYR A CE1 1 
ATOM   479  C CE2 . TYR A 1 61  ? 8.344   8.236   16.746  1.00 34.24 ? 685  TYR A CE2 1 
ATOM   480  C CZ  . TYR A 1 61  ? 9.199   7.720   15.807  1.00 33.77 ? 685  TYR A CZ  1 
ATOM   481  O OH  . TYR A 1 61  ? 10.559  7.770   16.044  1.00 35.54 ? 685  TYR A OH  1 
ATOM   482  N N   . ARG A 1 62  ? 2.366   7.030   12.486  1.00 19.45 ? 686  ARG A N   1 
ATOM   483  C CA  . ARG A 1 62  ? 0.906   6.930   12.354  1.00 19.33 ? 686  ARG A CA  1 
ATOM   484  C C   . ARG A 1 62  ? 0.505   5.449   12.339  1.00 18.21 ? 686  ARG A C   1 
ATOM   485  O O   . ARG A 1 62  ? -0.667  5.113   12.568  1.00 19.50 ? 686  ARG A O   1 
ATOM   486  C CB  . ARG A 1 62  ? 0.428   7.662   11.134  1.00 21.91 ? 686  ARG A CB  1 
ATOM   487  C CG  . ARG A 1 62  ? 0.608   9.171   11.246  1.00 25.74 ? 686  ARG A CG  1 
ATOM   488  C CD  . ARG A 1 62  ? -0.132  9.905   10.151  1.00 31.19 ? 686  ARG A CD  1 
ATOM   489  N NE  . ARG A 1 62  ? 0.197   11.333  10.196  1.00 37.51 ? 686  ARG A NE  1 
ATOM   490  C CZ  . ARG A 1 62  ? 0.965   11.999  9.326   1.00 37.94 ? 686  ARG A CZ  1 
ATOM   491  N NH1 . ARG A 1 62  ? 1.508   11.412  8.260   1.00 36.88 ? 686  ARG A NH1 1 
ATOM   492  N NH2 . ARG A 1 62  ? 1.170   13.303  9.510   1.00 39.69 ? 686  ARG A NH2 1 
ATOM   493  N N   . TYR A 1 63  ? 1.466   4.574   12.050  1.00 16.17 ? 687  TYR A N   1 
ATOM   494  C CA  . TYR A 1 63  ? 1.198   3.127   12.023  1.00 15.11 ? 687  TYR A CA  1 
ATOM   495  C C   . TYR A 1 63  ? 1.741   2.484   13.282  1.00 15.71 ? 687  TYR A C   1 
ATOM   496  O O   . TYR A 1 63  ? 2.944   2.325   13.466  1.00 17.43 ? 687  TYR A O   1 
ATOM   497  C CB  . TYR A 1 63  ? 1.870   2.466   10.804  1.00 14.62 ? 687  TYR A CB  1 
ATOM   498  C CG  . TYR A 1 63  ? 1.393   2.952   9.461   1.00 14.55 ? 687  TYR A CG  1 
ATOM   499  C CD1 . TYR A 1 63  ? 0.107   3.411   9.224   1.00 15.50 ? 687  TYR A CD1 1 
ATOM   500  C CD2 . TYR A 1 63  ? 2.256   2.981   8.386   1.00 14.68 ? 687  TYR A CD2 1 
ATOM   501  C CE1 . TYR A 1 63  ? -0.318  3.860   7.999   1.00 15.54 ? 687  TYR A CE1 1 
ATOM   502  C CE2 . TYR A 1 63  ? 1.856   3.384   7.166   1.00 14.83 ? 687  TYR A CE2 1 
ATOM   503  C CZ  . TYR A 1 63  ? 0.589   3.805   6.898   1.00 14.18 ? 687  TYR A CZ  1 
ATOM   504  O OH  . TYR A 1 63  ? 0.154   4.294   5.696   1.00 15.78 ? 687  TYR A OH  1 
ATOM   505  N N   . LEU A 1 64  ? 0.859   2.137   14.195  1.00 14.55 ? 688  LEU A N   1 
ATOM   506  C CA  . LEU A 1 64  ? 1.258   1.516   15.454  1.00 15.61 ? 688  LEU A CA  1 
ATOM   507  C C   . LEU A 1 64  ? 0.813   0.094   15.651  1.00 16.02 ? 688  LEU A C   1 
ATOM   508  O O   . LEU A 1 64  ? 1.108   -0.543  16.659  1.00 18.37 ? 688  LEU A O   1 
ATOM   509  C CB  . LEU A 1 64  ? 0.845   2.416   16.644  1.00 15.48 ? 688  LEU A CB  1 
ATOM   510  C CG  . LEU A 1 64  ? 1.416   3.828   16.579  1.00 15.93 ? 688  LEU A CG  1 
ATOM   511  C CD1 . LEU A 1 64  ? 0.788   4.634   17.731  1.00 15.82 ? 688  LEU A CD1 1 
ATOM   512  C CD2 . LEU A 1 64  ? 2.915   3.788   16.713  1.00 17.05 ? 688  LEU A CD2 1 
ATOM   513  N N   . ASN A 1 65  ? 0.126   -0.457  14.635  1.00 15.27 ? 689  ASN A N   1 
ATOM   514  C CA  . ASN A 1 65  ? -0.178  -1.861  14.616  1.00 14.00 ? 689  ASN A CA  1 
ATOM   515  C C   . ASN A 1 65  ? -0.196  -2.265  13.128  1.00 13.17 ? 689  ASN A C   1 
ATOM   516  O O   . ASN A 1 65  ? -0.248  -1.422  12.260  1.00 14.49 ? 689  ASN A O   1 
ATOM   517  C CB  . ASN A 1 65  ? -1.522  -2.206  15.336  1.00 15.24 ? 689  ASN A CB  1 
ATOM   518  C CG  . ASN A 1 65  ? -2.662  -1.375  14.888  1.00 15.54 ? 689  ASN A CG  1 
ATOM   519  O OD1 . ASN A 1 65  ? -3.042  -1.388  13.712  1.00 16.41 ? 689  ASN A OD1 1 
ATOM   520  N ND2 . ASN A 1 65  ? -3.254  -0.591  15.810  1.00 15.88 ? 689  ASN A ND2 1 
ATOM   521  N N   . PHE A 1 66  ? -0.197  -3.559  12.929  1.00 14.94 ? 690  PHE A N   1 
ATOM   522  C CA  . PHE A 1 66  ? -0.056  -4.053  11.556  1.00 14.89 ? 690  PHE A CA  1 
ATOM   523  C C   . PHE A 1 66  ? -1.276  -3.710  10.708  1.00 13.96 ? 690  PHE A C   1 
ATOM   524  O O   . PHE A 1 66  ? -1.186  -3.330  9.534   1.00 14.39 ? 690  PHE A O   1 
ATOM   525  C CB  . PHE A 1 66  ? 0.250   -5.562  11.544  1.00 16.47 ? 690  PHE A CB  1 
ATOM   526  C CG  . PHE A 1 66  ? 0.876   -5.988  10.289  1.00 17.87 ? 690  PHE A CG  1 
ATOM   527  C CD1 . PHE A 1 66  ? 2.231   -5.833  10.104  1.00 20.15 ? 690  PHE A CD1 1 
ATOM   528  C CD2 . PHE A 1 66  ? 0.102   -6.452  9.258   1.00 20.12 ? 690  PHE A CD2 1 
ATOM   529  C CE1 . PHE A 1 66  ? 2.836   -6.143  8.901   1.00 21.25 ? 690  PHE A CE1 1 
ATOM   530  C CE2 . PHE A 1 66  ? 0.698   -6.762  8.049   1.00 19.24 ? 690  PHE A CE2 1 
ATOM   531  C CZ  . PHE A 1 66  ? 2.057   -6.656  7.877   1.00 21.44 ? 690  PHE A CZ  1 
ATOM   532  N N   . ASP A 1 67  ? -2.468  -3.745  11.335  1.00 14.57 ? 691  ASP A N   1 
ATOM   533  C CA  . ASP A 1 67  ? -3.682  -3.305  10.600  1.00 14.35 ? 691  ASP A CA  1 
ATOM   534  C C   . ASP A 1 67  ? -3.635  -1.869  10.058  1.00 14.69 ? 691  ASP A C   1 
ATOM   535  O O   . ASP A 1 67  ? -4.093  -1.609  8.950   1.00 15.40 ? 691  ASP A O   1 
ATOM   536  C CB  . ASP A 1 67  ? -5.002  -3.427  11.416  1.00 16.90 ? 691  ASP A CB  1 
ATOM   537  C CG  . ASP A 1 67  ? -5.422  -4.836  11.681  1.00 20.32 ? 691  ASP A CG  1 
ATOM   538  O OD1 . ASP A 1 67  ? -5.046  -5.810  10.952  1.00 21.00 ? 691  ASP A OD1 1 
ATOM   539  O OD2 . ASP A 1 67  ? -6.243  -4.988  12.637  1.00 22.12 ? 691  ASP A OD2 1 
ATOM   540  N N   . ASP A 1 68  ? -3.065  -0.921  10.798  1.00 14.95 ? 692  ASP A N   1 
ATOM   541  C CA  . ASP A 1 68  ? -2.977  0.467   10.392  1.00 16.13 ? 692  ASP A CA  1 
ATOM   542  C C   . ASP A 1 68  ? -2.254  0.484   9.030   1.00 14.14 ? 692  ASP A C   1 
ATOM   543  O O   . ASP A 1 68  ? -2.668  1.157   8.106   1.00 15.18 ? 692  ASP A O   1 
ATOM   544  C CB  . ASP A 1 68  ? -2.100  1.296   11.373  1.00 16.13 ? 692  ASP A CB  1 
ATOM   545  C CG  . ASP A 1 68  ? -2.741  1.590   12.758  1.00 16.74 ? 692  ASP A CG  1 
ATOM   546  O OD1 . ASP A 1 68  ? -3.993  1.649   12.826  1.00 15.77 ? 692  ASP A OD1 1 
ATOM   547  O OD2 . ASP A 1 68  ? -1.982  1.886   13.733  1.00 17.15 ? 692  ASP A OD2 1 
ATOM   548  N N   . PHE A 1 69  ? -1.186  -0.303  8.972   1.00 14.88 ? 693  PHE A N   1 
ATOM   549  C CA  . PHE A 1 69  ? -0.348  -0.376  7.761   1.00 15.03 ? 693  PHE A CA  1 
ATOM   550  C C   . PHE A 1 69  ? -1.029  -1.116  6.598   1.00 13.87 ? 693  PHE A C   1 
ATOM   551  O O   . PHE A 1 69  ? -1.122  -0.572  5.493   1.00 13.79 ? 693  PHE A O   1 
ATOM   552  C CB  . PHE A 1 69  ? 0.961   -1.021  8.193   1.00 14.49 ? 693  PHE A CB  1 
ATOM   553  C CG  . PHE A 1 69  ? 1.930   -1.315  7.074   1.00 15.01 ? 693  PHE A CG  1 
ATOM   554  C CD1 . PHE A 1 69  ? 2.867   -0.358  6.728   1.00 15.38 ? 693  PHE A CD1 1 
ATOM   555  C CD2 . PHE A 1 69  ? 1.950   -2.554  6.441   1.00 15.23 ? 693  PHE A CD2 1 
ATOM   556  C CE1 . PHE A 1 69  ? 3.797   -0.599  5.716   1.00 15.96 ? 693  PHE A CE1 1 
ATOM   557  C CE2 . PHE A 1 69  ? 2.871   -2.791  5.446   1.00 15.31 ? 693  PHE A CE2 1 
ATOM   558  C CZ  . PHE A 1 69  ? 3.808   -1.841  5.098   1.00 16.83 ? 693  PHE A CZ  1 
ATOM   559  N N   . GLU A 1 70  ? -1.527  -2.305  6.921   1.00 13.56 ? 694  GLU A N   1 
ATOM   560  C CA  . GLU A 1 70  ? -2.178  -3.132  5.907   1.00 15.14 ? 694  GLU A CA  1 
ATOM   561  C C   . GLU A 1 70  ? -3.383  -2.458  5.330   1.00 15.07 ? 694  GLU A C   1 
ATOM   562  O O   . GLU A 1 70  ? -3.687  -2.586  4.128   1.00 15.86 ? 694  GLU A O   1 
ATOM   563  C CB  . GLU A 1 70  ? -2.519  -4.475  6.477   1.00 15.50 ? 694  GLU A CB  1 
ATOM   564  C CG  . GLU A 1 70  ? -3.124  -5.465  5.474   1.00 17.24 ? 694  GLU A CG  1 
ATOM   565  C CD  . GLU A 1 70  ? -3.110  -6.857  6.128   1.00 22.96 ? 694  GLU A CD  1 
ATOM   566  O OE1 . GLU A 1 70  ? -3.989  -7.112  6.973   1.00 32.57 ? 694  GLU A OE1 1 
ATOM   567  O OE2 . GLU A 1 70  ? -2.179  -7.653  5.927   1.00 29.45 ? 694  GLU A OE2 1 
ATOM   568  N N   . GLU A 1 71  ? -4.148  -1.732  6.148   1.00 15.17 ? 695  GLU A N   1 
ATOM   569  C CA  . GLU A 1 71  ? -5.283  -1.018  5.619   1.00 16.16 ? 695  GLU A CA  1 
ATOM   570  C C   . GLU A 1 71  ? -4.933  -0.039  4.494   1.00 14.82 ? 695  GLU A C   1 
ATOM   571  O O   . GLU A 1 71  ? -5.655  0.118   3.521   1.00 15.90 ? 695  GLU A O   1 
ATOM   572  C CB  . GLU A 1 71  ? -6.051  -0.303  6.723   1.00 17.71 ? 695  GLU A CB  1 
ATOM   573  C CG  . GLU A 1 71  ? -6.809  -1.232  7.612   1.00 20.07 ? 695  GLU A CG  1 
ATOM   574  C CD  . GLU A 1 71  ? -7.191  -0.571  8.946   1.00 23.34 ? 695  GLU A CD  1 
ATOM   575  O OE1 . GLU A 1 71  ? -7.194  0.699   9.025   1.00 30.71 ? 695  GLU A OE1 1 
ATOM   576  O OE2 . GLU A 1 71  ? -7.380  -1.310  9.941   1.00 26.18 ? 695  GLU A OE2 1 
ATOM   577  N N   . ASP A 1 72  ? -3.840  0.694   4.655   1.00 14.55 ? 696  ASP A N   1 
ATOM   578  C CA  . ASP A 1 72  ? -3.455  1.679   3.643   1.00 14.41 ? 696  ASP A CA  1 
ATOM   579  C C   . ASP A 1 72  ? -2.967  0.941   2.361   1.00 13.81 ? 696  ASP A C   1 
ATOM   580  O O   . ASP A 1 72  ? -3.250  1.381   1.274   1.00 14.63 ? 696  ASP A O   1 
ATOM   581  C CB  . ASP A 1 72  ? -2.410  2.658   4.230   1.00 15.40 ? 696  ASP A CB  1 
ATOM   582  C CG  . ASP A 1 72  ? -3.070  3.864   4.918   1.00 17.93 ? 696  ASP A CG  1 
ATOM   583  O OD1 . ASP A 1 72  ? -4.286  4.024   4.728   1.00 20.44 ? 696  ASP A OD1 1 
ATOM   584  O OD2 . ASP A 1 72  ? -2.329  4.643   5.582   1.00 18.62 ? 696  ASP A OD2 1 
ATOM   585  N N   . PHE A 1 73  ? -2.251  -0.156  2.557   1.00 13.50 ? 697  PHE A N   1 
ATOM   586  C CA  . PHE A 1 73  ? -1.810  -0.986  1.425   1.00 14.43 ? 697  PHE A CA  1 
ATOM   587  C C   . PHE A 1 73  ? -3.063  -1.454  0.675   1.00 14.00 ? 697  PHE A C   1 
ATOM   588  O O   . PHE A 1 73  ? -3.180  -1.366  -0.540  1.00 14.10 ? 697  PHE A O   1 
ATOM   589  C CB  . PHE A 1 73  ? -1.010  -2.195  1.846   1.00 14.74 ? 697  PHE A CB  1 
ATOM   590  C CG  . PHE A 1 73  ? -0.797  -3.191  0.721   1.00 14.97 ? 697  PHE A CG  1 
ATOM   591  C CD1 . PHE A 1 73  ? 0.179   -2.934  -0.256  1.00 15.77 ? 697  PHE A CD1 1 
ATOM   592  C CD2 . PHE A 1 73  ? -1.536  -4.346  0.636   1.00 15.88 ? 697  PHE A CD2 1 
ATOM   593  C CE1 . PHE A 1 73  ? 0.379   -3.852  -1.295  1.00 15.72 ? 697  PHE A CE1 1 
ATOM   594  C CE2 . PHE A 1 73  ? -1.351  -5.223  -0.430  1.00 16.57 ? 697  PHE A CE2 1 
ATOM   595  C CZ  . PHE A 1 73  ? -0.390  -4.967  -1.371  1.00 16.04 ? 697  PHE A CZ  1 
ATOM   596  N N   . ASN A 1 74  ? -4.034  -1.953  1.435   1.00 13.97 ? 698  ASN A N   1 
ATOM   597  C CA  . ASN A 1 74  ? -5.260  -2.411  0.810   1.00 14.15 ? 698  ASN A CA  1 
ATOM   598  C C   . ASN A 1 74  ? -6.011  -1.325  0.069   1.00 14.28 ? 698  ASN A C   1 
ATOM   599  O O   . ASN A 1 74  ? -6.667  -1.585  -0.939  1.00 15.64 ? 698  ASN A O   1 
ATOM   600  C CB  . ASN A 1 74  ? -6.175  -3.054  1.869   1.00 14.25 ? 698  ASN A CB  1 
ATOM   601  C CG  . ASN A 1 74  ? -5.703  -4.405  2.298   1.00 15.12 ? 698  ASN A CG  1 
ATOM   602  O OD1 . ASN A 1 74  ? -4.872  -5.047  1.672   1.00 18.42 ? 698  ASN A OD1 1 
ATOM   603  N ND2 . ASN A 1 74  ? -6.307  -4.889  3.410   1.00 18.52 ? 698  ASN A ND2 1 
ATOM   604  N N   . LEU A 1 75  ? -5.924  -0.071  0.517   1.00 13.87 ? 699  LEU A N   1 
ATOM   605  C CA  . LEU A 1 75  ? -6.509  1.062   -0.168  1.00 16.66 ? 699  LEU A CA  1 
ATOM   606  C C   . LEU A 1 75  ? -5.847  1.281   -1.525  1.00 14.81 ? 699  LEU A C   1 
ATOM   607  O O   . LEU A 1 75  ? -6.521  1.636   -2.470  1.00 16.81 ? 699  LEU A O   1 
ATOM   608  C CB  . LEU A 1 75  ? -6.428  2.357   0.618   1.00 18.95 ? 699  LEU A CB  1 
ATOM   609  C CG  . LEU A 1 75  ? -7.445  2.533   1.705   1.00 22.75 ? 699  LEU A CG  1 
ATOM   610  C CD1 . LEU A 1 75  ? -7.093  3.777   2.512   1.00 23.82 ? 699  LEU A CD1 1 
ATOM   611  C CD2 . LEU A 1 75  ? -8.851  2.614   1.121   1.00 24.17 ? 699  LEU A CD2 1 
ATOM   612  N N   . ILE A 1 76  ? -4.528  1.183   -1.575  1.00 15.50 ? 700  ILE A N   1 
ATOM   613  C CA  . ILE A 1 76  ? -3.818  1.292   -2.872  1.00 15.04 ? 700  ILE A CA  1 
ATOM   614  C C   . ILE A 1 76  ? -4.480  0.388   -3.892  1.00 14.04 ? 700  ILE A C   1 
ATOM   615  O O   . ILE A 1 76  ? -4.815  0.788   -4.994  1.00 15.16 ? 700  ILE A O   1 
ATOM   616  C CB  . ILE A 1 76  ? -2.327  0.969   -2.714  1.00 14.62 ? 700  ILE A CB  1 
ATOM   617  C CG1 . ILE A 1 76  ? -1.650  2.064   -1.840  1.00 14.49 ? 700  ILE A CG1 1 
ATOM   618  C CG2 . ILE A 1 76  ? -1.632  0.936   -4.093  1.00 15.50 ? 700  ILE A CG2 1 
ATOM   619  C CD1 . ILE A 1 76  ? -0.220  1.831   -1.468  1.00 16.34 ? 700  ILE A CD1 1 
ATOM   620  N N   . VAL A 1 77  ? -4.642  -0.851  -3.464  1.00 13.23 ? 701  VAL A N   1 
ATOM   621  C CA  . VAL A 1 77  ? -5.196  -1.884  -4.336  1.00 13.23 ? 701  VAL A CA  1 
ATOM   622  C C   . VAL A 1 77  ? -6.649  -1.597  -4.672  1.00 13.01 ? 701  VAL A C   1 
ATOM   623  O O   . VAL A 1 77  ? -7.020  -1.540  -5.841  1.00 14.03 ? 701  VAL A O   1 
ATOM   624  C CB  . VAL A 1 77  ? -5.026  -3.258  -3.660  1.00 12.66 ? 701  VAL A CB  1 
ATOM   625  C CG1 . VAL A 1 77  ? -5.796  -4.341  -4.395  1.00 13.53 ? 701  VAL A CG1 1 
ATOM   626  C CG2 . VAL A 1 77  ? -3.555  -3.642  -3.489  1.00 13.82 ? 701  VAL A CG2 1 
ATOM   627  N N   . SER A 1 78  ? -7.470  -1.462  -3.631  1.00 13.88 ? 702  SER A N   1 
ATOM   628  C CA  . SER A 1 78  ? -8.908  -1.308  -3.888  1.00 13.68 ? 702  SER A CA  1 
ATOM   629  C C   . SER A 1 78  ? -9.309  -0.061  -4.665  1.00 13.90 ? 702  SER A C   1 
ATOM   630  O O   . SER A 1 78  ? -10.250 -0.093  -5.464  1.00 14.39 ? 702  SER A O   1 
ATOM   631  C CB  . SER A 1 78  ? -9.716  -1.416  -2.600  1.00 15.48 ? 702  SER A CB  1 
ATOM   632  O OG  . SER A 1 78  ? -9.414  -0.401  -1.690  1.00 18.99 ? 702  SER A OG  1 
ATOM   633  N N   . ASN A 1 79  ? -8.648  1.058   -4.394  1.00 15.02 ? 703  ASN A N   1 
ATOM   634  C CA  . ASN A 1 79  ? -8.931  2.268   -5.120  1.00 15.39 ? 703  ASN A CA  1 
ATOM   635  C C   . ASN A 1 79  ? -8.691  2.027   -6.629  1.00 14.57 ? 703  ASN A C   1 
ATOM   636  O O   . ASN A 1 79  ? -9.440  2.503   -7.477  1.00 15.54 ? 703  ASN A O   1 
ATOM   637  C CB  . ASN A 1 79  ? -8.041  3.400   -4.678  1.00 15.78 ? 703  ASN A CB  1 
ATOM   638  C CG  . ASN A 1 79  ? -8.364  3.960   -3.304  1.00 16.82 ? 703  ASN A CG  1 
ATOM   639  O OD1 . ASN A 1 79  ? -9.442  3.731   -2.704  1.00 19.30 ? 703  ASN A OD1 1 
ATOM   640  N ND2 . ASN A 1 79  ? -7.442  4.700   -2.824  1.00 18.40 ? 703  ASN A ND2 1 
ATOM   641  N N   . CYS A 1 80  ? -7.578  1.332   -6.949  1.00 14.81 ? 704  CYS A N   1 
ATOM   642  C CA  . CYS A 1 80  ? -7.198  1.067   -8.340  1.00 14.86 ? 704  CYS A CA  1 
ATOM   643  C C   . CYS A 1 80  ? -8.149  0.121   -9.049  1.00 13.22 ? 704  CYS A C   1 
ATOM   644  O O   . CYS A 1 80  ? -8.503  0.302   -10.195 1.00 13.59 ? 704  CYS A O   1 
ATOM   645  C CB  . CYS A 1 80  ? -5.794  0.515   -8.330  1.00 14.14 ? 704  CYS A CB  1 
ATOM   646  S SG  . CYS A 1 80  ? -5.074  0.355   -10.000 1.00 15.58 ? 704  CYS A SG  1 
ATOM   647  N N   . LEU A 1 81  ? -8.587  -0.912  -8.333  1.00 13.47 ? 705  LEU A N   1 
ATOM   648  C CA  . LEU A 1 81  ? -9.626  -1.815  -8.825  1.00 13.81 ? 705  LEU A CA  1 
ATOM   649  C C   . LEU A 1 81  ? -10.932 -1.036  -9.088  1.00 14.46 ? 705  LEU A C   1 
ATOM   650  O O   . LEU A 1 81  ? -11.589 -1.259  -10.122 1.00 14.98 ? 705  LEU A O   1 
ATOM   651  C CB  . LEU A 1 81  ? -9.889  -2.989  -7.887  1.00 13.51 ? 705  LEU A CB  1 
ATOM   652  C CG  . LEU A 1 81  ? -8.725  -3.933  -7.577  1.00 13.29 ? 705  LEU A CG  1 
ATOM   653  C CD1 . LEU A 1 81  ? -9.095  -4.951  -6.491  1.00 14.06 ? 705  LEU A CD1 1 
ATOM   654  C CD2 . LEU A 1 81  ? -8.315  -4.682  -8.824  1.00 14.30 ? 705  LEU A CD2 1 
ATOM   655  N N   . LYS A 1 82  ? -11.270 -0.126  -8.159  1.00 15.11 ? 706  LYS A N   1 
ATOM   656  C CA  . LYS A 1 82  ? -12.520 0.644   -8.253  1.00 17.96 ? 706  LYS A CA  1 
ATOM   657  C C   . LYS A 1 82  ? -12.477 1.585   -9.436  1.00 17.53 ? 706  LYS A C   1 
ATOM   658  O O   . LYS A 1 82  ? -13.421 1.626   -10.236 1.00 17.75 ? 706  LYS A O   1 
ATOM   659  C CB  . LYS A 1 82  ? -12.722 1.449   -6.987  1.00 19.44 ? 706  LYS A CB  1 
ATOM   660  C CG  . LYS A 1 82  ? -14.096 2.092   -6.902  1.00 25.20 ? 706  LYS A CG  1 
ATOM   661  C CD  . LYS A 1 82  ? -14.380 2.713   -5.532  1.00 28.25 ? 706  LYS A CD  1 
ATOM   662  C CE  . LYS A 1 82  ? -14.180 1.759   -4.359  1.00 34.08 ? 706  LYS A CE  1 
ATOM   663  N NZ  . LYS A 1 82  ? -14.972 0.483   -4.429  1.00 38.22 ? 706  LYS A NZ  1 
ATOM   664  N N   . TYR A 1 83  ? -11.363 2.332   -9.563  1.00 16.58 ? 707  TYR A N   1 
ATOM   665  C CA  . TYR A 1 83  ? -11.286 3.396   -10.560 1.00 18.03 ? 707  TYR A CA  1 
ATOM   666  C C   . TYR A 1 83  ? -11.158 2.928   -12.005 1.00 17.81 ? 707  TYR A C   1 
ATOM   667  O O   . TYR A 1 83  ? -11.716 3.552   -12.942 1.00 19.81 ? 707  TYR A O   1 
ATOM   668  C CB  . TYR A 1 83  ? -10.145 4.366   -10.259 1.00 18.18 ? 707  TYR A CB  1 
ATOM   669  C CG  . TYR A 1 83  ? -10.156 5.529   -11.222 1.00 20.47 ? 707  TYR A CG  1 
ATOM   670  C CD1 . TYR A 1 83  ? -11.130 6.501   -11.133 1.00 21.58 ? 707  TYR A CD1 1 
ATOM   671  C CD2 . TYR A 1 83  ? -9.266  5.589   -12.276 1.00 22.39 ? 707  TYR A CD2 1 
ATOM   672  C CE1 . TYR A 1 83  ? -11.187 7.544   -12.048 1.00 23.85 ? 707  TYR A CE1 1 
ATOM   673  C CE2 . TYR A 1 83  ? -9.321  6.618   -13.196 1.00 24.06 ? 707  TYR A CE2 1 
ATOM   674  C CZ  . TYR A 1 83  ? -10.282 7.593   -13.064 1.00 24.07 ? 707  TYR A CZ  1 
ATOM   675  O OH  . TYR A 1 83  ? -10.306 8.599   -14.023 1.00 26.74 ? 707  TYR A OH  1 
ATOM   676  N N   . ASN A 1 84  ? -10.435 1.822   -12.200 1.00 16.49 ? 708  ASN A N   1 
ATOM   677  C CA  . ASN A 1 84  ? -10.007 1.450   -13.553 1.00 16.64 ? 708  ASN A CA  1 
ATOM   678  C C   . ASN A 1 84  ? -10.813 0.294   -14.075 1.00 15.91 ? 708  ASN A C   1 
ATOM   679  O O   . ASN A 1 84  ? -11.198 -0.625  -13.324 1.00 16.74 ? 708  ASN A O   1 
ATOM   680  C CB  . ASN A 1 84  ? -8.521  1.077   -13.530 1.00 16.37 ? 708  ASN A CB  1 
ATOM   681  C CG  . ASN A 1 84  ? -7.624  2.255   -13.111 1.00 17.07 ? 708  ASN A CG  1 
ATOM   682  O OD1 . ASN A 1 84  ? -7.354  3.167   -13.931 1.00 18.06 ? 708  ASN A OD1 1 
ATOM   683  N ND2 . ASN A 1 84  ? -7.144  2.253   -11.882 1.00 17.41 ? 708  ASN A ND2 1 
ATOM   684  N N   . ALA A 1 85  ? -11.045 0.272   -15.383 1.00 17.19 ? 709  ALA A N   1 
ATOM   685  C CA  . ALA A 1 85  ? -11.746 -0.814  -16.027 1.00 17.16 ? 709  ALA A CA  1 
ATOM   686  C C   . ALA A 1 85  ? -10.930 -2.066  -15.969 1.00 16.45 ? 709  ALA A C   1 
ATOM   687  O O   . ALA A 1 85  ? -9.700  -1.993  -15.915 1.00 14.65 ? 709  ALA A O   1 
ATOM   688  C CB  . ALA A 1 85  ? -12.067 -0.466  -17.505 1.00 17.76 ? 709  ALA A CB  1 
ATOM   689  N N   . LYS A 1 86  ? -11.596 -3.209  -15.963 1.00 17.90 ? 710  LYS A N   1 
ATOM   690  C CA  . LYS A 1 86  ? -10.954 -4.484  -15.827 1.00 18.66 ? 710  LYS A CA  1 
ATOM   691  C C   . LYS A 1 86  ? -9.987  -4.755  -16.923 1.00 20.47 ? 710  LYS A C   1 
ATOM   692  O O   . LYS A 1 86  ? -8.998  -5.448  -16.687 1.00 22.71 ? 710  LYS A O   1 
ATOM   693  C CB  . LYS A 1 86  ? -11.954 -5.646  -15.734 1.00 19.24 ? 710  LYS A CB  1 
ATOM   694  C CG  . LYS A 1 86  ? -12.826 -5.602  -14.513 1.00 20.34 ? 710  LYS A CG  1 
ATOM   695  C CD  . LYS A 1 86  ? -13.746 -6.822  -14.315 1.00 20.33 ? 710  LYS A CD  1 
ATOM   696  C CE  . LYS A 1 86  ? -13.019 -8.046  -13.823 1.00 19.72 ? 710  LYS A CE  1 
ATOM   697  N NZ  . LYS A 1 86  ? -13.758 -9.319  -13.892 1.00 18.01 ? 710  LYS A NZ  1 
ATOM   698  N N   . ASP A 1 87  ? -10.219 -4.188  -18.102 1.00 20.06 ? 711  ASP A N   1 
ATOM   699  C CA  . ASP A 1 87  ? -9.368  -4.508  -19.253 1.00 23.89 ? 711  ASP A CA  1 
ATOM   700  C C   . ASP A 1 87  ? -8.087  -3.678  -19.333 1.00 24.17 ? 711  ASP A C   1 
ATOM   701  O O   . ASP A 1 87  ? -7.422  -3.703  -20.353 1.00 24.80 ? 711  ASP A O   1 
ATOM   702  C CB  . ASP A 1 87  ? -10.153 -4.366  -20.561 1.00 26.21 ? 711  ASP A CB  1 
ATOM   703  C CG  . ASP A 1 87  ? -10.664 -2.937  -20.842 1.00 28.46 ? 711  ASP A CG  1 
ATOM   704  O OD1 . ASP A 1 87  ? -10.389 -1.955  -20.116 1.00 30.86 ? 711  ASP A OD1 1 
ATOM   705  O OD2 . ASP A 1 87  ? -11.377 -2.786  -21.874 1.00 37.60 ? 711  ASP A OD2 1 
ATOM   706  N N   . THR A 1 88  ? -7.777  -2.918  -18.286 1.00 20.02 ? 712  THR A N   1 
ATOM   707  C CA  . THR A 1 88  ? -6.589  -2.067  -18.236 1.00 20.40 ? 712  THR A CA  1 
ATOM   708  C C   . THR A 1 88  ? -5.412  -2.721  -17.510 1.00 18.97 ? 712  THR A C   1 
ATOM   709  O O   . THR A 1 88  ? -5.570  -3.556  -16.580 1.00 19.20 ? 712  THR A O   1 
ATOM   710  C CB  . THR A 1 88  ? -6.869  -0.719  -17.573 1.00 18.70 ? 712  THR A CB  1 
ATOM   711  O OG1 . THR A 1 88  ? -7.208  -0.933  -16.167 1.00 18.68 ? 712  THR A OG1 1 
ATOM   712  C CG2 . THR A 1 88  ? -8.018  0.021   -18.278 1.00 19.53 ? 712  THR A CG2 1 
ATOM   713  N N   . ILE A 1 89  ? -4.190  -2.341  -17.917 1.00 18.75 ? 713  ILE A N   1 
ATOM   714  C CA  . ILE A 1 89  ? -3.011  -2.672  -17.156 1.00 18.50 ? 713  ILE A CA  1 
ATOM   715  C C   . ILE A 1 89  ? -3.108  -2.220  -15.690 1.00 15.70 ? 713  ILE A C   1 
ATOM   716  O O   . ILE A 1 89  ? -2.717  -2.949  -14.800 1.00 18.00 ? 713  ILE A O   1 
ATOM   717  C CB  . ILE A 1 89  ? -1.745  -2.107  -17.840 1.00 20.58 ? 713  ILE A CB  1 
ATOM   718  C CG1 . ILE A 1 89  ? -1.532  -2.940  -19.131 1.00 24.20 ? 713  ILE A CG1 1 
ATOM   719  C CG2 . ILE A 1 89  ? -0.524  -2.116  -16.924 1.00 21.92 ? 713  ILE A CG2 1 
ATOM   720  C CD1 . ILE A 1 89  ? -0.285  -2.645  -19.915 1.00 28.65 ? 713  ILE A CD1 1 
ATOM   721  N N   . PHE A 1 90  ? -3.598  -0.999  -15.455 1.00 15.81 ? 714  PHE A N   1 
ATOM   722  C CA  . PHE A 1 90  ? -3.716  -0.505  -14.077 1.00 16.15 ? 714  PHE A CA  1 
ATOM   723  C C   . PHE A 1 90  ? -4.533  -1.459  -13.157 1.00 14.65 ? 714  PHE A C   1 
ATOM   724  O O   . PHE A 1 90  ? -4.093  -1.828  -12.080 1.00 14.49 ? 714  PHE A O   1 
ATOM   725  C CB  . PHE A 1 90  ? -4.355  0.869   -14.048 1.00 18.15 ? 714  PHE A CB  1 
ATOM   726  C CG  . PHE A 1 90  ? -3.422  1.976   -14.466 1.00 20.74 ? 714  PHE A CG  1 
ATOM   727  C CD1 . PHE A 1 90  ? -2.073  1.724   -14.753 1.00 23.27 ? 714  PHE A CD1 1 
ATOM   728  C CD2 . PHE A 1 90  ? -3.905  3.247   -14.557 1.00 24.42 ? 714  PHE A CD2 1 
ATOM   729  C CE1 . PHE A 1 90  ? -1.241  2.766   -15.121 1.00 27.39 ? 714  PHE A CE1 1 
ATOM   730  C CE2 . PHE A 1 90  ? -3.073  4.298   -14.963 1.00 27.62 ? 714  PHE A CE2 1 
ATOM   731  C CZ  . PHE A 1 90  ? -1.743  4.051   -15.191 1.00 26.38 ? 714  PHE A CZ  1 
ATOM   732  N N   . TYR A 1 91  ? -5.685  -1.858  -13.643 1.00 15.50 ? 715  TYR A N   1 
ATOM   733  C CA  . TYR A 1 91  ? -6.521  -2.815  -12.920 1.00 14.16 ? 715  TYR A CA  1 
ATOM   734  C C   . TYR A 1 91  ? -5.744  -4.070  -12.669 1.00 13.79 ? 715  TYR A C   1 
ATOM   735  O O   . TYR A 1 91  ? -5.693  -4.581  -11.560 1.00 14.29 ? 715  TYR A O   1 
ATOM   736  C CB  . TYR A 1 91  ? -7.826  -3.094  -13.667 1.00 13.91 ? 715  TYR A CB  1 
ATOM   737  C CG  . TYR A 1 91  ? -8.807  -3.962  -12.890 1.00 14.06 ? 715  TYR A CG  1 
ATOM   738  C CD1 . TYR A 1 91  ? -8.674  -5.339  -12.837 1.00 13.00 ? 715  TYR A CD1 1 
ATOM   739  C CD2 . TYR A 1 91  ? -9.830  -3.393  -12.176 1.00 13.67 ? 715  TYR A CD2 1 
ATOM   740  C CE1 . TYR A 1 91  ? -9.537  -6.155  -12.124 1.00 12.82 ? 715  TYR A CE1 1 
ATOM   741  C CE2 . TYR A 1 91  ? -10.697 -4.187  -11.444 1.00 13.51 ? 715  TYR A CE2 1 
ATOM   742  C CZ  . TYR A 1 91  ? -10.584 -5.555  -11.436 1.00 13.25 ? 715  TYR A CZ  1 
ATOM   743  O OH  . TYR A 1 91  ? -11.470 -6.353  -10.707 1.00 13.01 ? 715  TYR A OH  1 
ATOM   744  N N   . ARG A 1 92  ? -5.134  -4.634  -13.705 1.00 13.57 ? 716  ARG A N   1 
ATOM   745  C CA  . ARG A 1 92  ? -4.442  -5.871  -13.542 1.00 13.97 ? 716  ARG A CA  1 
ATOM   746  C C   . ARG A 1 92  ? -3.187  -5.767  -12.637 1.00 12.39 ? 716  ARG A C   1 
ATOM   747  O O   . ARG A 1 92  ? -2.838  -6.697  -11.937 1.00 13.20 ? 716  ARG A O   1 
ATOM   748  C CB  . ARG A 1 92  ? -4.064  -6.445  -14.923 1.00 17.14 ? 716  ARG A CB  1 
ATOM   749  C CG  . ARG A 1 92  ? -5.293  -6.561  -15.823 1.00 21.72 ? 716  ARG A CG  1 
ATOM   750  C CD  . ARG A 1 92  ? -6.176  -7.694  -15.313 1.00 24.59 ? 716  ARG A CD  1 
ATOM   751  N NE  . ARG A 1 92  ? -7.501  -7.688  -15.935 1.00 27.54 ? 716  ARG A NE  1 
ATOM   752  C CZ  . ARG A 1 92  ? -8.205  -8.793  -16.179 1.00 32.35 ? 716  ARG A CZ  1 
ATOM   753  N NH1 . ARG A 1 92  ? -7.725  -9.984  -15.866 1.00 32.93 ? 716  ARG A NH1 1 
ATOM   754  N NH2 . ARG A 1 92  ? -9.409  -8.709  -16.733 1.00 39.68 ? 716  ARG A NH2 1 
ATOM   755  N N   . ALA A 1 93  ? -2.543  -4.588  -12.638 1.00 12.89 ? 717  ALA A N   1 
ATOM   756  C CA  . ALA A 1 93  ? -1.451  -4.317  -11.742 1.00 13.55 ? 717  ALA A CA  1 
ATOM   757  C C   . ALA A 1 93  ? -1.887  -4.356  -10.279 1.00 12.57 ? 717  ALA A C   1 
ATOM   758  O O   . ALA A 1 93  ? -1.149  -4.802  -9.422  1.00 13.22 ? 717  ALA A O   1 
ATOM   759  C CB  . ALA A 1 93  ? -0.867  -2.961  -12.042 1.00 14.24 ? 717  ALA A CB  1 
ATOM   760  N N   . ALA A 1 94  ? -3.089  -3.852  -10.004 1.00 12.03 ? 718  ALA A N   1 
ATOM   761  C CA  . ALA A 1 94  ? -3.604  -3.929  -8.622  1.00 12.38 ? 718  ALA A CA  1 
ATOM   762  C C   . ALA A 1 94  ? -3.887  -5.387  -8.206  1.00 11.82 ? 718  ALA A C   1 
ATOM   763  O O   . ALA A 1 94  ? -3.634  -5.806  -7.080  1.00 12.62 ? 718  ALA A O   1 
ATOM   764  C CB  . ALA A 1 94  ? -4.872  -3.084  -8.457  1.00 13.12 ? 718  ALA A CB  1 
ATOM   765  N N   . VAL A 1 95  ? -4.459  -6.168  -9.138  1.00 11.67 ? 719  VAL A N   1 
ATOM   766  C CA  . VAL A 1 95  ? -4.649  -7.597  -8.904  1.00 11.57 ? 719  VAL A CA  1 
ATOM   767  C C   . VAL A 1 95  ? -3.318  -8.292  -8.553  1.00 11.92 ? 719  VAL A C   1 
ATOM   768  O O   . VAL A 1 95  ? -3.190  -9.026  -7.584  1.00 12.51 ? 719  VAL A O   1 
ATOM   769  C CB  . VAL A 1 95  ? -5.348  -8.357  -10.054 1.00 12.47 ? 719  VAL A CB  1 
ATOM   770  C CG1 . VAL A 1 95  ? -5.360  -9.861  -9.784  1.00 13.46 ? 719  VAL A CG1 1 
ATOM   771  C CG2 . VAL A 1 95  ? -6.786  -7.805  -10.261 1.00 12.81 ? 719  VAL A CG2 1 
ATOM   772  N N   . ARG A 1 96  ? -2.322  -8.062  -9.421  1.00 12.01 ? 720  ARG A N   1 
ATOM   773  C CA  . ARG A 1 96  ? -1.019  -8.643  -9.191  1.00 13.76 ? 720  ARG A CA  1 
ATOM   774  C C   . ARG A 1 96  ? -0.406  -8.193  -7.840  1.00 12.89 ? 720  ARG A C   1 
ATOM   775  O O   . ARG A 1 96  ? 0.201   -8.986  -7.152  1.00 13.07 ? 720  ARG A O   1 
ATOM   776  C CB  . ARG A 1 96  ? -0.118  -8.245  -10.359 1.00 15.49 ? 720  ARG A CB  1 
ATOM   777  C CG  . ARG A 1 96  ? 1.134   -9.074  -10.393 1.00 16.50 ? 720  ARG A CG  1 
ATOM   778  C CD  . ARG A 1 96  ? 2.165   -8.697  -11.470 1.00 17.35 ? 720  ARG A CD  1 
ATOM   779  N NE  . ARG A 1 96  ? 2.665   -7.359  -11.236 1.00 16.22 ? 720  ARG A NE  1 
ATOM   780  C CZ  . ARG A 1 96  ? 3.553   -6.723  -11.975 1.00 17.64 ? 720  ARG A CZ  1 
ATOM   781  N NH1 . ARG A 1 96  ? 4.077   -7.308  -13.051 1.00 18.40 ? 720  ARG A NH1 1 
ATOM   782  N NH2 . ARG A 1 96  ? 3.891   -5.485  -11.722 1.00 17.26 ? 720  ARG A NH2 1 
ATOM   783  N N   . LEU A 1 97  ? -0.541  -6.916  -7.500  1.00 12.50 ? 721  LEU A N   1 
ATOM   784  C CA  . LEU A 1 97  ? -0.045  -6.420  -6.239  1.00 12.19 ? 721  LEU A CA  1 
ATOM   785  C C   . LEU A 1 97  ? -0.752  -7.054  -5.055  1.00 12.63 ? 721  LEU A C   1 
ATOM   786  O O   . LEU A 1 97  ? -0.118  -7.471  -4.082  1.00 13.92 ? 721  LEU A O   1 
ATOM   787  C CB  . LEU A 1 97  ? -0.120  -4.903  -6.206  1.00 12.97 ? 721  LEU A CB  1 
ATOM   788  C CG  . LEU A 1 97  ? 0.397   -4.226  -4.937  1.00 14.86 ? 721  LEU A CG  1 
ATOM   789  C CD1 . LEU A 1 97  ? 1.849   -4.583  -4.701  1.00 17.29 ? 721  LEU A CD1 1 
ATOM   790  C CD2 . LEU A 1 97  ? 0.141   -2.736  -4.993  1.00 14.49 ? 721  LEU A CD2 1 
ATOM   791  N N   . ARG A 1 98  ? -2.078  -7.209  -5.193  1.00 13.12 ? 722  ARG A N   1 
ATOM   792  C CA  . ARG A 1 98  ? -2.820  -7.922  -4.146  1.00 13.75 ? 722  ARG A CA  1 
ATOM   793  C C   . ARG A 1 98  ? -2.293  -9.319  -3.946  1.00 14.08 ? 722  ARG A C   1 
ATOM   794  O O   . ARG A 1 98  ? -2.068  -9.787  -2.807  1.00 15.29 ? 722  ARG A O   1 
ATOM   795  C CB  . ARG A 1 98  ? -4.279  -8.013  -4.503  1.00 13.25 ? 722  ARG A CB  1 
ATOM   796  C CG  . ARG A 1 98  ? -5.195  -8.613  -3.426  1.00 13.38 ? 722  ARG A CG  1 
ATOM   797  C CD  . ARG A 1 98  ? -6.630  -8.586  -3.894  1.00 15.91 ? 722  ARG A CD  1 
ATOM   798  N NE  . ARG A 1 98  ? -6.799  -9.543  -4.957  1.00 15.91 ? 722  ARG A NE  1 
ATOM   799  C CZ  . ARG A 1 98  ? -7.702  -9.510  -5.935  1.00 15.91 ? 722  ARG A CZ  1 
ATOM   800  N NH1 . ARG A 1 98  ? -8.561  -8.521  -6.038  1.00 17.09 ? 722  ARG A NH1 1 
ATOM   801  N NH2 . ARG A 1 98  ? -7.689  -10.467 -6.869  1.00 16.74 ? 722  ARG A NH2 1 
ATOM   802  N N   . GLU A 1 99  ? -2.153  -10.031 -5.060  1.00 13.37 ? 723  GLU A N   1 
ATOM   803  C CA  . GLU A 1 99  ? -1.769  -11.437 -5.024  1.00 16.62 ? 723  GLU A CA  1 
ATOM   804  C C   . GLU A 1 99  ? -0.364  -11.642 -4.495  1.00 16.64 ? 723  GLU A C   1 
ATOM   805  O O   . GLU A 1 99  ? -0.122  -12.439 -3.580  1.00 18.96 ? 723  GLU A O   1 
ATOM   806  C CB  . GLU A 1 99  ? -1.900  -12.052 -6.418  1.00 19.35 ? 723  GLU A CB  1 
ATOM   807  C CG  . GLU A 1 99  ? -3.356  -12.227 -6.837  1.00 24.20 ? 723  GLU A CG  1 
ATOM   808  C CD  . GLU A 1 99  ? -3.507  -12.911 -8.191  1.00 33.72 ? 723  GLU A CD  1 
ATOM   809  O OE1 . GLU A 1 99  ? -2.510  -12.974 -8.947  1.00 42.92 ? 723  GLU A OE1 1 
ATOM   810  O OE2 . GLU A 1 99  ? -4.632  -13.358 -8.498  1.00 39.91 ? 723  GLU A OE2 1 
ATOM   811  N N   . GLN A 1 100 ? 0.585   -10.880 -5.026  1.00 15.85 ? 724  GLN A N   1 
ATOM   812  C CA  . GLN A 1 100 ? 2.009   -11.030 -4.621  1.00 16.35 ? 724  GLN A CA  1 
ATOM   813  C C   . GLN A 1 100 ? 2.276   -10.411 -3.263  1.00 17.69 ? 724  GLN A C   1 
ATOM   814  O O   . GLN A 1 100 ? 3.132   -10.841 -2.532  1.00 20.76 ? 724  GLN A O   1 
ATOM   815  C CB  . GLN A 1 100 ? 2.881   -10.416 -5.724  1.00 16.08 ? 724  GLN A CB  1 
ATOM   816  C CG  . GLN A 1 100 ? 2.769   -11.169 -7.033  1.00 17.54 ? 724  GLN A CG  1 
ATOM   817  C CD  . GLN A 1 100 ? 3.669   -10.643 -8.130  1.00 19.79 ? 724  GLN A CD  1 
ATOM   818  O OE1 . GLN A 1 100 ? 4.104   -9.499  -8.105  1.00 19.03 ? 724  GLN A OE1 1 
ATOM   819  N NE2 . GLN A 1 100 ? 3.906   -11.483 -9.167  1.00 19.79 ? 724  GLN A NE2 1 
ATOM   820  N N   . GLY A 1 101 ? 1.473   -9.421  -2.893  1.00 17.80 ? 725  GLY A N   1 
ATOM   821  C CA  . GLY A 1 101 ? 1.560   -8.802  -1.579  1.00 20.33 ? 725  GLY A CA  1 
ATOM   822  C C   . GLY A 1 101 ? 1.101   -9.707  -0.464  1.00 20.50 ? 725  GLY A C   1 
ATOM   823  O O   . GLY A 1 101 ? 1.577   -9.597  0.695   1.00 19.53 ? 725  GLY A O   1 
ATOM   824  N N   . GLY A 1 102 ? 0.187   -10.636 -0.786  1.00 21.65 ? 726  GLY A N   1 
ATOM   825  C CA  . GLY A 1 102 ? -0.413  -11.522 0.210   1.00 22.98 ? 726  GLY A CA  1 
ATOM   826  C C   . GLY A 1 102 ? 0.619   -12.191 1.101   1.00 20.96 ? 726  GLY A C   1 
ATOM   827  O O   . GLY A 1 102 ? 0.550   -12.078 2.325   1.00 20.47 ? 726  GLY A O   1 
ATOM   828  N N   . ALA A 1 103 ? 1.600   -12.881 0.519   1.00 20.53 ? 727  ALA A N   1 
ATOM   829  C CA  . ALA A 1 103 ? 2.559   -13.631 1.316   1.00 22.12 ? 727  ALA A CA  1 
ATOM   830  C C   . ALA A 1 103 ? 3.495   -12.688 2.047   1.00 17.53 ? 727  ALA A C   1 
ATOM   831  O O   . ALA A 1 103 ? 3.911   -13.060 3.129   1.00 20.00 ? 727  ALA A O   1 
ATOM   832  C CB  . ALA A 1 103 ? 3.373   -14.594 0.433   1.00 24.55 ? 727  ALA A CB  1 
ATOM   833  N N   . VAL A 1 104 ? 3.788   -11.542 1.424   1.00 19.37 ? 728  VAL A N   1 
ATOM   834  C CA  . VAL A 1 104 ? 4.683   -10.522 2.042   1.00 17.66 ? 728  VAL A CA  1 
ATOM   835  C C   . VAL A 1 104 ? 4.021   -10.070 3.338   1.00 17.75 ? 728  VAL A C   1 
ATOM   836  O O   . VAL A 1 104 ? 4.615   -10.052 4.408   1.00 17.45 ? 728  VAL A O   1 
ATOM   837  C CB  . VAL A 1 104 ? 4.975   -9.346  1.136   1.00 17.15 ? 728  VAL A CB  1 
ATOM   838  C CG1 . VAL A 1 104 ? 5.761   -8.275  1.890   1.00 17.55 ? 728  VAL A CG1 1 
ATOM   839  C CG2 . VAL A 1 104 ? 5.813   -9.821  -0.070  1.00 19.38 ? 728  VAL A CG2 1 
ATOM   840  N N   . LEU A 1 105 ? 2.740   -9.800  3.270   1.00 18.23 ? 729  LEU A N   1 
ATOM   841  C CA  . LEU A 1 105 ? 2.032   -9.291  4.475   1.00 17.77 ? 729  LEU A CA  1 
ATOM   842  C C   . LEU A 1 105 ? 1.868   -10.355 5.515   1.00 18.26 ? 729  LEU A C   1 
ATOM   843  O O   . LEU A 1 105 ? 2.015   -10.094 6.696   1.00 17.85 ? 729  LEU A O   1 
ATOM   844  C CB  . LEU A 1 105 ? 0.654   -8.778  4.086   1.00 17.94 ? 729  LEU A CB  1 
ATOM   845  C CG  . LEU A 1 105 ? 0.625   -7.530  3.242   1.00 19.39 ? 729  LEU A CG  1 
ATOM   846  C CD1 . LEU A 1 105 ? -0.700  -7.345  2.532   1.00 21.79 ? 729  LEU A CD1 1 
ATOM   847  C CD2 . LEU A 1 105 ? 0.962   -6.314  4.086   1.00 20.47 ? 729  LEU A CD2 1 
ATOM   848  N N   . ARG A 1 106 ? 1.531   -11.585 5.112   1.00 16.53 ? 730  ARG A N   1 
ATOM   849  C CA  . ARG A 1 106 ? 1.377   -12.680 6.049   1.00 18.60 ? 730  ARG A CA  1 
ATOM   850  C C   . ARG A 1 106 ? 2.635   -12.982 6.852   1.00 17.04 ? 730  ARG A C   1 
ATOM   851  O O   . ARG A 1 106 ? 2.574   -13.147 8.078   1.00 19.29 ? 730  ARG A O   1 
ATOM   852  C CB  . ARG A 1 106 ? 0.872   -13.974 5.387   1.00 20.32 ? 730  ARG A CB  1 
ATOM   853  C CG  . ARG A 1 106 ? -0.635  -13.976 5.180   1.00 22.35 ? 730  ARG A CG  1 
ATOM   854  C CD  . ARG A 1 106 ? -1.157  -15.321 4.696   1.00 24.02 ? 730  ARG A CD  1 
ATOM   855  N NE  . ARG A 1 106 ? -0.390  -15.916 3.591   1.00 25.44 ? 730  ARG A NE  1 
ATOM   856  C CZ  . ARG A 1 106 ? -0.608  -15.700 2.289   1.00 28.14 ? 730  ARG A CZ  1 
ATOM   857  N NH1 . ARG A 1 106 ? -1.550  -14.863 1.870   1.00 28.07 ? 730  ARG A NH1 1 
ATOM   858  N NH2 . ARG A 1 106 ? 0.146   -16.333 1.374   1.00 32.74 ? 730  ARG A NH2 1 
ATOM   859  N N   . GLN A 1 107 ? 3.765   -13.026 6.152   1.00 20.85 ? 731  GLN A N   1 
ATOM   860  C CA  . GLN A 1 107 ? 5.033   -13.271 6.829   1.00 21.65 ? 731  GLN A CA  1 
ATOM   861  C C   . GLN A 1 107 ? 5.407   -12.107 7.760   1.00 20.94 ? 731  GLN A C   1 
ATOM   862  O O   . GLN A 1 107 ? 5.852   -12.319 8.909   1.00 19.99 ? 731  GLN A O   1 
ATOM   863  C CB  . GLN A 1 107 ? 6.107   -13.515 5.794   1.00 24.36 ? 731  GLN A CB  1 
ATOM   864  C CG  . GLN A 1 107 ? 7.396   -14.108 6.362   1.00 30.41 ? 731  GLN A CG  1 
ATOM   865  C CD  . GLN A 1 107 ? 8.417   -13.085 6.863   1.00 39.26 ? 731  GLN A CD  1 
ATOM   866  O OE1 . GLN A 1 107 ? 8.344   -11.869 6.573   1.00 41.87 ? 731  GLN A OE1 1 
ATOM   867  N NE2 . GLN A 1 107 ? 9.425   -13.593 7.587   1.00 43.45 ? 731  GLN A NE2 1 
ATOM   868  N N   . ALA A 1 108 ? 5.131   -10.892 7.318   1.00 18.83 ? 732  ALA A N   1 
ATOM   869  C CA  . ALA A 1 108 ? 5.465   -9.705  8.130   1.00 19.55 ? 732  ALA A CA  1 
ATOM   870  C C   . ALA A 1 108 ? 4.609   -9.655  9.381   1.00 22.02 ? 732  ALA A C   1 
ATOM   871  O O   . ALA A 1 108 ? 5.092   -9.342  10.446  1.00 23.08 ? 732  ALA A O   1 
ATOM   872  C CB  . ALA A 1 108 ? 5.330   -8.437  7.318   1.00 19.12 ? 732  ALA A CB  1 
ATOM   873  N N   . ARG A 1 109 ? 3.333   -9.971  9.256   1.00 20.74 ? 733  ARG A N   1 
ATOM   874  C CA  . ARG A 1 109 ? 2.461   -10.021 10.426  1.00 22.86 ? 733  ARG A CA  1 
ATOM   875  C C   . ARG A 1 109 ? 2.880   -11.106 11.405  1.00 24.68 ? 733  ARG A C   1 
ATOM   876  O O   . ARG A 1 109 ? 2.846   -10.856 12.623  1.00 25.59 ? 733  ARG A O   1 
ATOM   877  C CB  . ARG A 1 109 ? 0.992   -10.188 10.010  1.00 21.88 ? 733  ARG A CB  1 
ATOM   878  C CG  . ARG A 1 109 ? -0.002  -9.984  11.164  1.00 22.84 ? 733  ARG A CG  1 
ATOM   879  C CD  . ARG A 1 109 ? -1.414  -10.370 10.742  1.00 22.53 ? 733  ARG A CD  1 
ATOM   880  N NE  . ARG A 1 109 ? -2.059  -9.335  9.942   1.00 23.13 ? 733  ARG A NE  1 
ATOM   881  C CZ  . ARG A 1 109 ? -2.716  -8.302  10.461  1.00 22.99 ? 733  ARG A CZ  1 
ATOM   882  N NH1 . ARG A 1 109 ? -2.755  -8.162  11.785  1.00 23.35 ? 733  ARG A NH1 1 
ATOM   883  N NH2 . ARG A 1 109 ? -3.273  -7.389  9.662   1.00 25.15 ? 733  ARG A NH2 1 
ATOM   884  N N   . ARG A 1 110 ? 3.286   -12.298 10.932  1.00 24.78 ? 734  ARG A N   1 
ATOM   885  C CA  . ARG A 1 110 ? 3.772   -13.356 11.839  1.00 26.51 ? 734  ARG A CA  1 
ATOM   886  C C   . ARG A 1 110 ? 4.970   -12.804 12.668  1.00 27.55 ? 734  ARG A C   1 
ATOM   887  O O   . ARG A 1 110 ? 5.039   -13.015 13.886  1.00 28.33 ? 734  ARG A O   1 
ATOM   888  C CB  . ARG A 1 110 ? 4.145   -14.644 11.066  1.00 28.53 ? 734  ARG A CB  1 
ATOM   889  C CG  . ARG A 1 110 ? 2.933   -15.496 10.602  1.00 29.91 ? 734  ARG A CG  1 
ATOM   890  C CD  . ARG A 1 110 ? 3.338   -16.916 10.141  1.00 34.30 ? 734  ARG A CD  1 
ATOM   891  N NE  . ARG A 1 110 ? 4.208   -16.923 8.956   1.00 37.09 ? 734  ARG A NE  1 
ATOM   892  C CZ  . ARG A 1 110 ? 3.792   -17.019 7.692   1.00 37.29 ? 734  ARG A CZ  1 
ATOM   893  N NH1 . ARG A 1 110 ? 2.491   -17.161 7.412   1.00 39.24 ? 734  ARG A NH1 1 
ATOM   894  N NH2 . ARG A 1 110 ? 4.680   -16.989 6.691   1.00 38.16 ? 734  ARG A NH2 1 
ATOM   895  N N   . GLN A 1 111 ? 5.874   -12.069 12.011  1.00 27.16 ? 735  GLN A N   1 
ATOM   896  C CA  . GLN A 1 111 ? 7.001   -11.427 12.713  1.00 27.18 ? 735  GLN A CA  1 
ATOM   897  C C   . GLN A 1 111 ? 6.573   -10.445 13.774  1.00 27.94 ? 735  GLN A C   1 
ATOM   898  O O   . GLN A 1 111 ? 7.134   -10.415 14.865  1.00 29.91 ? 735  GLN A O   1 
ATOM   899  C CB  . GLN A 1 111 ? 7.883   -10.664 11.735  1.00 28.11 ? 735  GLN A CB  1 
ATOM   900  C CG  . GLN A 1 111 ? 8.733   -11.490 10.785  1.00 31.64 ? 735  GLN A CG  1 
ATOM   901  C CD  . GLN A 1 111 ? 9.682   -10.587 9.989   1.00 38.31 ? 735  GLN A CD  1 
ATOM   902  O OE1 . GLN A 1 111 ? 10.490  -9.841  10.572  1.00 44.34 ? 735  GLN A OE1 1 
ATOM   903  N NE2 . GLN A 1 111 ? 9.576   -10.624 8.669   1.00 40.88 ? 735  GLN A NE2 1 
ATOM   904  N N   . ALA A 1 112 ? 5.634   -9.581  13.425  1.00 27.14 ? 736  ALA A N   1 
ATOM   905  C CA  . ALA A 1 112 ? 5.086   -8.642  14.383  1.00 26.85 ? 736  ALA A CA  1 
ATOM   906  C C   . ALA A 1 112 ? 4.441   -9.333  15.589  1.00 28.70 ? 736  ALA A C   1 
ATOM   907  O O   . ALA A 1 112 ? 4.560   -8.830  16.716  1.00 29.07 ? 736  ALA A O   1 
ATOM   908  C CB  . ALA A 1 112 ? 4.098   -7.723  13.689  1.00 24.70 ? 736  ALA A CB  1 
ATOM   909  N N   . GLU A 1 113 ? 3.763   -10.466 15.367  1.00 30.17 ? 737  GLU A N   1 
ATOM   910  C CA  . GLU A 1 113 ? 3.117   -11.217 16.468  1.00 34.86 ? 737  GLU A CA  1 
ATOM   911  C C   . GLU A 1 113 ? 4.136   -11.852 17.427  1.00 37.95 ? 737  GLU A C   1 
ATOM   912  O O   . GLU A 1 113 ? 3.840   -12.034 18.615  1.00 41.50 ? 737  GLU A O   1 
ATOM   913  C CB  . GLU A 1 113 ? 2.133   -12.272 15.920  1.00 35.29 ? 737  GLU A CB  1 
ATOM   914  C CG  . GLU A 1 113 ? 0.913   -11.655 15.249  1.00 34.90 ? 737  GLU A CG  1 
ATOM   915  C CD  . GLU A 1 113 ? 0.129   -12.625 14.372  1.00 39.34 ? 737  GLU A CD  1 
ATOM   916  O OE1 . GLU A 1 113 ? 0.596   -13.754 14.131  1.00 38.78 ? 737  GLU A OE1 1 
ATOM   917  O OE2 . GLU A 1 113 ? -0.968  -12.238 13.927  1.00 40.29 ? 737  GLU A OE2 1 
ATOM   918  N N   . LYS A 1 114 ? 5.335   -12.152 16.934  1.00 39.63 ? 738  LYS A N   1 
ATOM   919  C CA  . LYS A 1 114 ? 6.402   -12.668 17.804  1.00 43.56 ? 738  LYS A CA  1 
ATOM   920  C C   . LYS A 1 114 ? 7.077   -11.570 18.635  1.00 43.57 ? 738  LYS A C   1 
ATOM   921  O O   . LYS A 1 114 ? 7.825   -11.886 19.564  1.00 41.23 ? 738  LYS A O   1 
ATOM   922  C CB  . LYS A 1 114 ? 7.432   -13.467 16.998  1.00 48.33 ? 738  LYS A CB  1 
ATOM   923  C CG  . LYS A 1 114 ? 6.881   -14.805 16.512  1.00 51.08 ? 738  LYS A CG  1 
ATOM   924  C CD  . LYS A 1 114 ? 7.962   -15.757 16.015  1.00 56.34 ? 738  LYS A CD  1 
ATOM   925  C CE  . LYS A 1 114 ? 8.579   -15.316 14.691  1.00 59.08 ? 738  LYS A CE  1 
ATOM   926  N NZ  . LYS A 1 114 ? 9.666   -14.292 14.817  1.00 60.22 ? 738  LYS A NZ  1 
ATOM   927  N N   . MET A 1 115 ? 6.811   -10.297 18.312  1.00 39.49 ? 739  MET A N   1 
ATOM   928  C CA  . MET A 1 115 ? 7.281   -9.173  19.134  1.00 40.49 ? 739  MET A CA  1 
ATOM   929  C C   . MET A 1 115 ? 6.403   -9.067  20.375  1.00 43.89 ? 739  MET A C   1 
ATOM   930  O O   . MET A 1 115 ? 6.606   -8.174  21.193  1.00 52.50 ? 739  MET A O   1 
ATOM   931  C CB  . MET A 1 115 ? 7.270   -7.843  18.344  1.00 36.31 ? 739  MET A CB  1 
ATOM   932  C CG  . MET A 1 115 ? 8.179   -7.824  17.112  1.00 33.28 ? 739  MET A CG  1 
ATOM   933  S SD  . MET A 1 115 ? 7.948   -6.379  16.018  1.00 29.60 ? 739  MET A SD  1 
ATOM   934  C CE  . MET A 1 115 ? 9.191   -6.671  14.788  1.00 28.85 ? 739  MET A CE  1 
HETATM 935  N N   . NO3 B 2 .   ? -13.253 -3.025  -6.721  1.00 23.37 ? 801  NO3 A N   1 
HETATM 936  O O1  . NO3 B 2 .   ? -13.667 -2.744  -7.799  1.00 21.04 ? 801  NO3 A O1  1 
HETATM 937  O O2  . NO3 B 2 .   ? -12.748 -4.272  -6.543  1.00 20.52 ? 801  NO3 A O2  1 
HETATM 938  O O3  . NO3 B 2 .   ? -13.113 -2.116  -5.662  1.00 27.83 ? 801  NO3 A O3  1 
HETATM 939  C CAH . 12Q C 3 .   ? -2.705  4.184   -10.229 1.00 25.05 ? 802  12Q A CAH 1 
HETATM 940  N NAC . 12Q C 3 .   ? -3.401  5.094   -11.129 1.00 26.70 ? 802  12Q A NAC 1 
HETATM 941  C CAA . 12Q C 3 .   ? -2.677  6.043   -11.811 1.00 26.13 ? 802  12Q A CAA 1 
HETATM 942  C CAD . 12Q C 3 .   ? -1.302  6.130   -11.661 1.00 25.08 ? 802  12Q A CAD 1 
HETATM 943  C CAI . 12Q C 3 .   ? -0.587  7.093   -12.373 1.00 29.36 ? 802  12Q A CAI 1 
HETATM 944  C CAK . 12Q C 3 .   ? -1.244  7.954   -13.231 1.00 29.14 ? 802  12Q A CAK 1 
HETATM 945  C CAF . 12Q C 3 .   ? -2.618  7.894   -13.398 1.00 30.65 ? 802  12Q A CAF 1 
HETATM 946  C CAB . 12Q C 3 .   ? -3.338  6.932   -12.681 1.00 26.48 ? 802  12Q A CAB 1 
HETATM 947  C CAE . 12Q C 3 .   ? -4.710  6.859   -12.843 1.00 29.82 ? 802  12Q A CAE 1 
HETATM 948  C CAJ . 12Q C 3 .   ? -5.398  5.902   -12.128 1.00 26.23 ? 802  12Q A CAJ 1 
HETATM 949  C CAG . 12Q C 3 .   ? -4.723  5.031   -11.268 1.00 22.65 ? 802  12Q A CAG 1 
HETATM 950  O OAL . 12Q C 3 .   ? -5.420  4.201   -10.644 1.00 20.27 ? 802  12Q A OAL 1 
HETATM 951  O O   . HOH D 4 .   ? 13.053  -5.300  -0.222  1.00 42.98 ? 901  HOH A O   1 
HETATM 952  O O   . HOH D 4 .   ? 8.877   -7.949  6.034   1.00 22.46 ? 902  HOH A O   1 
HETATM 953  O O   . HOH D 4 .   ? 7.439   -10.377 4.806   1.00 28.13 ? 903  HOH A O   1 
HETATM 954  O O   . HOH D 4 .   ? 4.984   -12.481 -3.008  1.00 29.85 ? 904  HOH A O   1 
HETATM 955  O O   . HOH D 4 .   ? -7.840  0.163   11.939  1.00 32.16 ? 905  HOH A O   1 
HETATM 956  O O   . HOH D 4 .   ? -6.120  4.068   -8.006  1.00 17.61 ? 906  HOH A O   1 
HETATM 957  O O   . HOH D 4 .   ? -7.647  3.566   -16.458 1.00 24.77 ? 907  HOH A O   1 
HETATM 958  O O   . HOH D 4 .   ? 7.703   3.979   0.103   1.00 32.21 ? 908  HOH A O   1 
HETATM 959  O O   . HOH D 4 .   ? -6.780  -7.422  13.367  1.00 25.81 ? 909  HOH A O   1 
HETATM 960  O O   . HOH D 4 .   ? 5.940   -8.123  -9.329  1.00 30.60 ? 910  HOH A O   1 
HETATM 961  O O   . HOH D 4 .   ? 11.752  -10.291 5.190   1.00 41.07 ? 911  HOH A O   1 
HETATM 962  O O   . HOH D 4 .   ? -7.658  -5.829  -21.835 1.00 24.80 ? 912  HOH A O   1 
HETATM 963  O O   . HOH D 4 .   ? 2.882   -6.956  -8.200  1.00 21.87 ? 913  HOH A O   1 
HETATM 964  O O   . HOH D 4 .   ? 9.020   -0.550  -7.181  1.00 30.69 ? 914  HOH A O   1 
HETATM 965  O O   . HOH D 4 .   ? -1.946  4.613   -5.666  1.00 18.25 ? 915  HOH A O   1 
HETATM 966  O O   . HOH D 4 .   ? 9.732   -10.897 15.005  1.00 40.37 ? 916  HOH A O   1 
HETATM 967  O O   . HOH D 4 .   ? -4.363  3.153   8.585   1.00 27.71 ? 917  HOH A O   1 
HETATM 968  O O   . HOH D 4 .   ? -2.523  8.952   -2.508  1.00 22.85 ? 918  HOH A O   1 
HETATM 969  O O   . HOH D 4 .   ? -9.551  -0.970  0.918   1.00 26.12 ? 919  HOH A O   1 
HETATM 970  O O   . HOH D 4 .   ? 6.166   1.864   -6.321  1.00 21.18 ? 920  HOH A O   1 
HETATM 971  O O   . HOH D 4 .   ? 1.526   12.626  -7.764  1.00 30.31 ? 921  HOH A O   1 
HETATM 972  O O   . HOH D 4 .   ? 10.592  -3.902  -8.696  1.00 34.94 ? 922  HOH A O   1 
HETATM 973  O O   . HOH D 4 .   ? -11.122 1.625   -2.192  1.00 24.26 ? 923  HOH A O   1 
HETATM 974  O O   . HOH D 4 .   ? 14.208  -1.424  5.448   1.00 35.13 ? 924  HOH A O   1 
HETATM 975  O O   . HOH D 4 .   ? -0.611  6.048   -7.663  1.00 18.10 ? 925  HOH A O   1 
HETATM 976  O O   . HOH D 4 .   ? -6.589  3.130   5.856   1.00 35.82 ? 926  HOH A O   1 
HETATM 977  O O   . HOH D 4 .   ? -4.672  -6.364  -0.698  1.00 27.38 ? 927  HOH A O   1 
HETATM 978  O O   . HOH D 4 .   ? -11.555 4.673   -15.415 1.00 39.26 ? 928  HOH A O   1 
HETATM 979  O O   . HOH D 4 .   ? 1.532   -14.019 -2.102  1.00 23.48 ? 929  HOH A O   1 
HETATM 980  O O   . HOH D 4 .   ? -5.224  5.855   -4.652  1.00 19.92 ? 930  HOH A O   1 
HETATM 981  O O   . HOH D 4 .   ? -5.450  -11.915 -4.766  1.00 33.90 ? 931  HOH A O   1 
HETATM 982  O O   . HOH D 4 .   ? -5.745  -0.992  13.546  1.00 23.49 ? 932  HOH A O   1 
HETATM 983  O O   . HOH D 4 .   ? -5.894  2.554   11.070  1.00 27.93 ? 933  HOH A O   1 
HETATM 984  O O   . HOH D 4 .   ? -3.085  -8.775  -0.470  1.00 34.91 ? 934  HOH A O   1 
HETATM 985  O O   . HOH D 4 .   ? 12.286  -5.611  13.280  1.00 28.88 ? 935  HOH A O   1 
HETATM 986  O O   . HOH D 4 .   ? 11.314  -1.350  -2.818  1.00 28.67 ? 936  HOH A O   1 
HETATM 987  O O   . HOH D 4 .   ? -13.862 8.192   -9.023  1.00 30.33 ? 937  HOH A O   1 
HETATM 988  O O   . HOH D 4 .   ? 7.367   5.811   -3.317  1.00 24.47 ? 938  HOH A O   1 
HETATM 989  O O   . HOH D 4 .   ? 9.698   -9.234  -6.016  1.00 34.53 ? 939  HOH A O   1 
HETATM 990  O O   . HOH D 4 .   ? -4.337  3.328   -5.986  1.00 16.54 ? 940  HOH A O   1 
HETATM 991  O O   . HOH D 4 .   ? -8.317  -0.656  3.423   1.00 21.91 ? 941  HOH A O   1 
HETATM 992  O O   . HOH D 4 .   ? 1.627   -4.852  -9.501  1.00 14.21 ? 942  HOH A O   1 
HETATM 993  O O   . HOH D 4 .   ? -3.417  6.070   7.706   1.00 35.37 ? 943  HOH A O   1 
HETATM 994  O O   . HOH D 4 .   ? -0.215  -14.861 11.708  1.00 40.36 ? 944  HOH A O   1 
HETATM 995  O O   . HOH D 4 .   ? 4.264   4.405   11.978  1.00 19.81 ? 945  HOH A O   1 
HETATM 996  O O   . HOH D 4 .   ? 13.981  -2.116  7.919   1.00 26.18 ? 946  HOH A O   1 
HETATM 997  O O   . HOH D 4 .   ? 6.744   11.709  7.820   1.00 25.15 ? 947  HOH A O   1 
HETATM 998  O O   . HOH D 4 .   ? -16.103 -1.326  -7.656  1.00 33.53 ? 948  HOH A O   1 
HETATM 999  O O   . HOH D 4 .   ? -10.923 -7.589  -18.849 1.00 35.34 ? 949  HOH A O   1 
HETATM 1000 O O   . HOH D 4 .   ? 3.750   12.783  13.598  1.00 39.01 ? 950  HOH A O   1 
HETATM 1001 O O   . HOH D 4 .   ? -11.208 5.481   -1.337  1.00 26.45 ? 951  HOH A O   1 
HETATM 1002 O O   . HOH D 4 .   ? -3.711  -13.571 3.181   1.00 31.49 ? 952  HOH A O   1 
HETATM 1003 O O   . HOH D 4 .   ? 1.836   -17.479 4.653   1.00 38.44 ? 953  HOH A O   1 
HETATM 1004 O O   . HOH D 4 .   ? 9.445   -8.165  -2.627  1.00 22.85 ? 954  HOH A O   1 
HETATM 1005 O O   . HOH D 4 .   ? -3.427  8.269   -4.875  1.00 20.36 ? 955  HOH A O   1 
HETATM 1006 O O   . HOH D 4 .   ? -3.637  -9.168  -13.153 1.00 26.90 ? 956  HOH A O   1 
HETATM 1007 O O   . HOH D 4 .   ? -8.467  -3.297  4.466   1.00 22.51 ? 957  HOH A O   1 
HETATM 1008 O O   . HOH D 4 .   ? -4.394  11.036  -5.556  1.00 29.71 ? 958  HOH A O   1 
HETATM 1009 O O   . HOH D 4 .   ? 8.604   -12.119 -2.336  1.00 32.05 ? 959  HOH A O   1 
HETATM 1010 O O   . HOH D 4 .   ? 2.079   8.911   16.758  1.00 24.21 ? 960  HOH A O   1 
HETATM 1011 O O   . HOH D 4 .   ? 8.845   -7.711  -8.249  1.00 32.68 ? 961  HOH A O   1 
HETATM 1012 O O   . HOH D 4 .   ? -6.139  -10.269 -13.432 1.00 27.63 ? 962  HOH A O   1 
HETATM 1013 O O   . HOH D 4 .   ? 0.153   -5.430  15.146  1.00 37.39 ? 963  HOH A O   1 
HETATM 1014 O O   . HOH D 4 .   ? 1.414   8.890   -9.614  1.00 33.54 ? 964  HOH A O   1 
HETATM 1015 O O   . HOH D 4 .   ? 5.984   -12.135 -6.412  1.00 31.85 ? 965  HOH A O   1 
HETATM 1016 O O   . HOH D 4 .   ? -0.500  11.575  5.066   1.00 34.02 ? 966  HOH A O   1 
HETATM 1017 O O   . HOH D 4 .   ? -2.919  8.948   5.280   1.00 25.68 ? 967  HOH A O   1 
HETATM 1018 O O   . HOH D 4 .   ? 3.919   -15.871 3.984   1.00 29.31 ? 968  HOH A O   1 
HETATM 1019 O O   . HOH D 4 .   ? -10.280 2.592   -17.039 1.00 25.60 ? 969  HOH A O   1 
HETATM 1020 O O   . HOH D 4 .   ? -10.141 12.006  -15.817 1.00 38.62 ? 970  HOH A O   1 
HETATM 1021 O O   . HOH D 4 .   ? -15.078 -9.689  -16.510 1.00 24.69 ? 971  HOH A O   1 
HETATM 1022 O O   . HOH D 4 .   ? -5.746  -4.983  8.070   1.00 26.48 ? 972  HOH A O   1 
HETATM 1023 O O   . HOH D 4 .   ? 5.597   1.987   -15.720 1.00 33.59 ? 973  HOH A O   1 
HETATM 1024 O O   . HOH D 4 .   ? -14.469 -3.142  -16.726 1.00 19.71 ? 974  HOH A O   1 
HETATM 1025 O O   . HOH D 4 .   ? -5.886  -3.400  15.154  1.00 26.99 ? 975  HOH A O   1 
HETATM 1026 O O   . HOH D 4 .   ? -9.754  -7.067  -3.698  0.50 17.63 ? 976  HOH A O   1 
HETATM 1027 O O   . HOH D 4 .   ? 3.581   -1.751  24.000  1.00 20.51 ? 977  HOH A O   1 
HETATM 1028 O O   . HOH D 4 .   ? 15.208  1.183   9.983   1.00 41.21 ? 978  HOH A O   1 
HETATM 1029 O O   . HOH D 4 .   ? -13.061 -3.587  -18.998 1.00 26.26 ? 979  HOH A O   1 
HETATM 1030 O O   . HOH D 4 .   ? -14.184 -2.017  -20.993 1.00 45.24 ? 980  HOH A O   1 
HETATM 1031 O O   . HOH D 4 .   ? 10.369  1.765   3.699   1.00 32.28 ? 981  HOH A O   1 
HETATM 1032 O O   . HOH D 4 .   ? 2.858   6.710   -9.078  1.00 23.21 ? 982  HOH A O   1 
HETATM 1033 O O   . HOH D 4 .   ? 4.877   7.042   -10.954 1.00 38.91 ? 983  HOH A O   1 
HETATM 1034 O O   . HOH D 4 .   ? -3.024  -5.237  13.965  1.00 24.77 ? 984  HOH A O   1 
HETATM 1035 O O   . HOH D 4 .   ? 3.116   -14.444 -8.684  1.00 47.98 ? 985  HOH A O   1 
HETATM 1036 O O   . HOH D 4 .   ? 5.670   -10.394 -11.508 1.00 27.03 ? 986  HOH A O   1 
HETATM 1037 O O   . HOH D 4 .   ? 7.043   -16.942 10.276  1.00 44.42 ? 987  HOH A O   1 
HETATM 1038 O O   . HOH D 4 .   ? -2.231  -13.801 -1.712  1.00 43.14 ? 988  HOH A O   1 
HETATM 1039 O O   . HOH D 4 .   ? -2.385  -11.417 3.359   1.00 35.72 ? 989  HOH A O   1 
HETATM 1040 O O   . HOH D 4 .   ? -2.235  14.736  -6.813  1.00 36.72 ? 990  HOH A O   1 
HETATM 1041 O O   . HOH D 4 .   ? -13.875 4.922   -2.042  1.00 39.58 ? 991  HOH A O   1 
HETATM 1042 O O   . HOH D 4 .   ? -21.348 7.285   -11.128 1.00 40.43 ? 992  HOH A O   1 
HETATM 1043 O O   . HOH D 4 .   ? -6.803  -12.015 -2.648  1.00 38.26 ? 993  HOH A O   1 
HETATM 1044 O O   . HOH D 4 .   ? -16.222 10.368  -2.608  1.00 51.82 ? 994  HOH A O   1 
HETATM 1045 O O   . HOH D 4 .   ? 4.290   -2.987  26.459  1.00 34.07 ? 995  HOH A O   1 
HETATM 1046 O O   . HOH D 4 .   ? 9.748   4.466   -6.403  1.00 42.21 ? 996  HOH A O   1 
HETATM 1047 O O   . HOH D 4 .   ? 11.049  -0.963  -5.390  1.00 29.85 ? 997  HOH A O   1 
HETATM 1048 O O   . HOH D 4 .   ? -9.968  -5.182  2.944   1.00 30.40 ? 998  HOH A O   1 
HETATM 1049 O O   . HOH D 4 .   ? -0.209  20.244  -12.565 1.00 39.67 ? 999  HOH A O   1 
HETATM 1050 O O   . HOH D 4 .   ? 12.485  -6.476  10.394  1.00 40.37 ? 1000 HOH A O   1 
HETATM 1051 O O   . HOH D 4 .   ? 8.201   6.285   -0.915  1.00 36.33 ? 1001 HOH A O   1 
HETATM 1052 O O   . HOH D 4 .   ? -9.995  -9.701  -2.700  1.00 30.03 ? 1002 HOH A O   1 
HETATM 1053 O O   . HOH D 4 .   ? 6.546   -15.776 2.418   1.00 45.52 ? 1003 HOH A O   1 
HETATM 1054 O O   . HOH D 4 .   ? -13.184 -6.295  -19.410 1.00 29.89 ? 1004 HOH A O   1 
HETATM 1055 O O   . HOH D 4 .   ? -19.303 4.770   -5.063  1.00 43.50 ? 1005 HOH A O   1 
HETATM 1056 O O   . HOH D 4 .   ? -3.105  11.548  -1.270  1.00 31.55 ? 1006 HOH A O   1 
HETATM 1057 O O   . HOH D 4 .   ? 9.686   -10.122 -0.833  1.00 27.38 ? 1007 HOH A O   1 
HETATM 1058 O O   . HOH D 4 .   ? 3.579   -15.047 -3.372  1.00 39.11 ? 1008 HOH A O   1 
HETATM 1059 O O   . HOH D 4 .   ? 6.779   -13.339 -1.138  1.00 35.20 ? 1009 HOH A O   1 
HETATM 1060 O O   . HOH D 4 .   ? -3.731  10.708  3.242   1.00 34.90 ? 1010 HOH A O   1 
HETATM 1061 O O   . HOH D 4 .   ? -15.648 -0.733  -16.479 1.00 26.42 ? 1011 HOH A O   1 
HETATM 1062 O O   . HOH D 4 .   ? -4.475  12.751  -3.552  1.00 37.95 ? 1012 HOH A O   1 
HETATM 1063 O O   . HOH D 4 .   ? 15.006  -5.971  8.978   1.00 35.90 ? 1013 HOH A O   1 
HETATM 1064 O O   . HOH D 4 .   ? -15.480 0.748   -18.630 1.00 36.58 ? 1014 HOH A O   1 
HETATM 1065 O O   . HOH D 4 .   ? -6.529  13.937  -2.283  1.00 32.64 ? 1015 HOH A O   1 
# 
